data_4EM2
# 
_entry.id   4EM2 
# 
_audit_conform.dict_name       mmcif_pdbx.dic 
_audit_conform.dict_version    5.388 
_audit_conform.dict_location   http://mmcif.pdb.org/dictionaries/ascii/mmcif_pdbx.dic 
# 
loop_
_database_2.database_id 
_database_2.database_code 
_database_2.pdbx_database_accession 
_database_2.pdbx_DOI 
PDB   4EM2         pdb_00004em2 10.2210/pdb4em2/pdb 
RCSB  RCSB071788   ?            ?                   
WWPDB D_1000071788 ?            ?                   
# 
loop_
_pdbx_audit_revision_history.ordinal 
_pdbx_audit_revision_history.data_content_type 
_pdbx_audit_revision_history.major_revision 
_pdbx_audit_revision_history.minor_revision 
_pdbx_audit_revision_history.revision_date 
1 'Structure model' 1 0 2013-04-17 
2 'Structure model' 1 1 2024-03-20 
# 
_pdbx_audit_revision_details.ordinal             1 
_pdbx_audit_revision_details.revision_ordinal    1 
_pdbx_audit_revision_details.data_content_type   'Structure model' 
_pdbx_audit_revision_details.provider            repository 
_pdbx_audit_revision_details.type                'Initial release' 
_pdbx_audit_revision_details.description         ? 
_pdbx_audit_revision_details.details             ? 
# 
loop_
_pdbx_audit_revision_group.ordinal 
_pdbx_audit_revision_group.revision_ordinal 
_pdbx_audit_revision_group.data_content_type 
_pdbx_audit_revision_group.group 
1 2 'Structure model' 'Data collection'      
2 2 'Structure model' 'Database references'  
3 2 'Structure model' 'Derived calculations' 
# 
loop_
_pdbx_audit_revision_category.ordinal 
_pdbx_audit_revision_category.revision_ordinal 
_pdbx_audit_revision_category.data_content_type 
_pdbx_audit_revision_category.category 
1 2 'Structure model' chem_comp_atom     
2 2 'Structure model' chem_comp_bond     
3 2 'Structure model' database_2         
4 2 'Structure model' struct_ref_seq_dif 
5 2 'Structure model' struct_site        
# 
loop_
_pdbx_audit_revision_item.ordinal 
_pdbx_audit_revision_item.revision_ordinal 
_pdbx_audit_revision_item.data_content_type 
_pdbx_audit_revision_item.item 
1 2 'Structure model' '_database_2.pdbx_DOI'                
2 2 'Structure model' '_database_2.pdbx_database_accession' 
3 2 'Structure model' '_struct_ref_seq_dif.details'         
4 2 'Structure model' '_struct_site.pdbx_auth_asym_id'      
5 2 'Structure model' '_struct_site.pdbx_auth_comp_id'      
6 2 'Structure model' '_struct_site.pdbx_auth_seq_id'       
# 
_pdbx_database_status.status_code                     REL 
_pdbx_database_status.entry_id                        4EM2 
_pdbx_database_status.recvd_initial_deposition_date   2012-04-11 
_pdbx_database_status.deposit_site                    RCSB 
_pdbx_database_status.process_site                    PDBJ 
_pdbx_database_status.methods_development_category    ? 
_pdbx_database_status.status_code_sf                  REL 
_pdbx_database_status.status_code_mr                  ? 
_pdbx_database_status.SG_entry                        ? 
_pdbx_database_status.status_code_cs                  ? 
_pdbx_database_status.pdb_format_compatible           Y 
_pdbx_database_status.status_code_nmr_data            ? 
# 
loop_
_pdbx_database_related.db_name 
_pdbx_database_related.db_id 
_pdbx_database_related.details 
_pdbx_database_related.content_type 
PDB 4EM0 . unspecified 
PDB 4EM1 . unspecified 
# 
loop_
_audit_author.name 
_audit_author.pdbx_ordinal 
'Chang, Y.M.'   1 
'Ko, T.-P.'     2 
'Chen, C.K.-M.' 3 
'Wang, A.H.-J.' 4 
# 
_citation.id                        primary 
_citation.title                     'Staphylococcus aureus MarR complexes' 
_citation.journal_abbrev            'To be Published' 
_citation.journal_volume            ? 
_citation.page_first                ? 
_citation.page_last                 ? 
_citation.year                      ? 
_citation.journal_id_ASTM           ? 
_citation.country                   ? 
_citation.journal_id_ISSN           ? 
_citation.journal_id_CSD            0353 
_citation.book_publisher            ? 
_citation.pdbx_database_id_PubMed   ? 
_citation.pdbx_database_id_DOI      ? 
# 
loop_
_citation_author.citation_id 
_citation_author.name 
_citation_author.ordinal 
_citation_author.identifier_ORCID 
primary 'Chang, Y.M.'   1 ? 
primary 'Ko, T.-P.'     2 ? 
primary 'Chen, C.K.-M.' 3 ? 
primary 'Wang, A.H.-J.' 4 ? 
# 
loop_
_entity.id 
_entity.type 
_entity.src_method 
_entity.pdbx_description 
_entity.formula_weight 
_entity.pdbx_number_of_molecules 
_entity.pdbx_ec 
_entity.pdbx_mutation 
_entity.pdbx_fragment 
_entity.details 
1 polymer     man 'Uncharacterized HTH-type transcriptional regulator SAR2349' 20663.557 1   ? ? ? ? 
2 non-polymer syn '2-HYDROXYBENZOIC ACID'                                      138.121   4   ? ? ? ? 
3 non-polymer syn 'SULFATE ION'                                                96.063    2   ? ? ? ? 
4 water       nat water                                                        18.015    207 ? ? ? ? 
# 
_entity_name_com.entity_id   1 
_entity_name_com.name        'Transcriptional regulator MarR' 
# 
_entity_poly.entity_id                      1 
_entity_poly.type                           'polypeptide(L)' 
_entity_poly.nstd_linkage                   no 
_entity_poly.nstd_monomer                   no 
_entity_poly.pdbx_seq_one_letter_code       
;TAAAKFERQHMDSPDLGTDDDDKAMADIGSDFMLSQEFFNSFITIYRPYLKLTEPILEKHNIYYGQWLILRDIAKHQPTT
LIEISHRRAIEKPTARKTLKALIENDLITVENSLEDKRQKFLTLTPKGHELYEIVCLDVQKLQQAVVAKTNISQDQMQET
INVMNQIHEILLKEAHND
;
_entity_poly.pdbx_seq_one_letter_code_can   
;TAAAKFERQHMDSPDLGTDDDDKAMADIGSDFMLSQEFFNSFITIYRPYLKLTEPILEKHNIYYGQWLILRDIAKHQPTT
LIEISHRRAIEKPTARKTLKALIENDLITVENSLEDKRQKFLTLTPKGHELYEIVCLDVQKLQQAVVAKTNISQDQMQET
INVMNQIHEILLKEAHND
;
_entity_poly.pdbx_strand_id                 A 
_entity_poly.pdbx_target_identifier         ? 
# 
loop_
_pdbx_entity_nonpoly.entity_id 
_pdbx_entity_nonpoly.name 
_pdbx_entity_nonpoly.comp_id 
2 '2-HYDROXYBENZOIC ACID' SAL 
3 'SULFATE ION'           SO4 
4 water                   HOH 
# 
loop_
_entity_poly_seq.entity_id 
_entity_poly_seq.num 
_entity_poly_seq.mon_id 
_entity_poly_seq.hetero 
1 1   THR n 
1 2   ALA n 
1 3   ALA n 
1 4   ALA n 
1 5   LYS n 
1 6   PHE n 
1 7   GLU n 
1 8   ARG n 
1 9   GLN n 
1 10  HIS n 
1 11  MET n 
1 12  ASP n 
1 13  SER n 
1 14  PRO n 
1 15  ASP n 
1 16  LEU n 
1 17  GLY n 
1 18  THR n 
1 19  ASP n 
1 20  ASP n 
1 21  ASP n 
1 22  ASP n 
1 23  LYS n 
1 24  ALA n 
1 25  MET n 
1 26  ALA n 
1 27  ASP n 
1 28  ILE n 
1 29  GLY n 
1 30  SER n 
1 31  ASP n 
1 32  PHE n 
1 33  MET n 
1 34  LEU n 
1 35  SER n 
1 36  GLN n 
1 37  GLU n 
1 38  PHE n 
1 39  PHE n 
1 40  ASN n 
1 41  SER n 
1 42  PHE n 
1 43  ILE n 
1 44  THR n 
1 45  ILE n 
1 46  TYR n 
1 47  ARG n 
1 48  PRO n 
1 49  TYR n 
1 50  LEU n 
1 51  LYS n 
1 52  LEU n 
1 53  THR n 
1 54  GLU n 
1 55  PRO n 
1 56  ILE n 
1 57  LEU n 
1 58  GLU n 
1 59  LYS n 
1 60  HIS n 
1 61  ASN n 
1 62  ILE n 
1 63  TYR n 
1 64  TYR n 
1 65  GLY n 
1 66  GLN n 
1 67  TRP n 
1 68  LEU n 
1 69  ILE n 
1 70  LEU n 
1 71  ARG n 
1 72  ASP n 
1 73  ILE n 
1 74  ALA n 
1 75  LYS n 
1 76  HIS n 
1 77  GLN n 
1 78  PRO n 
1 79  THR n 
1 80  THR n 
1 81  LEU n 
1 82  ILE n 
1 83  GLU n 
1 84  ILE n 
1 85  SER n 
1 86  HIS n 
1 87  ARG n 
1 88  ARG n 
1 89  ALA n 
1 90  ILE n 
1 91  GLU n 
1 92  LYS n 
1 93  PRO n 
1 94  THR n 
1 95  ALA n 
1 96  ARG n 
1 97  LYS n 
1 98  THR n 
1 99  LEU n 
1 100 LYS n 
1 101 ALA n 
1 102 LEU n 
1 103 ILE n 
1 104 GLU n 
1 105 ASN n 
1 106 ASP n 
1 107 LEU n 
1 108 ILE n 
1 109 THR n 
1 110 VAL n 
1 111 GLU n 
1 112 ASN n 
1 113 SER n 
1 114 LEU n 
1 115 GLU n 
1 116 ASP n 
1 117 LYS n 
1 118 ARG n 
1 119 GLN n 
1 120 LYS n 
1 121 PHE n 
1 122 LEU n 
1 123 THR n 
1 124 LEU n 
1 125 THR n 
1 126 PRO n 
1 127 LYS n 
1 128 GLY n 
1 129 HIS n 
1 130 GLU n 
1 131 LEU n 
1 132 TYR n 
1 133 GLU n 
1 134 ILE n 
1 135 VAL n 
1 136 CYS n 
1 137 LEU n 
1 138 ASP n 
1 139 VAL n 
1 140 GLN n 
1 141 LYS n 
1 142 LEU n 
1 143 GLN n 
1 144 GLN n 
1 145 ALA n 
1 146 VAL n 
1 147 VAL n 
1 148 ALA n 
1 149 LYS n 
1 150 THR n 
1 151 ASN n 
1 152 ILE n 
1 153 SER n 
1 154 GLN n 
1 155 ASP n 
1 156 GLN n 
1 157 MET n 
1 158 GLN n 
1 159 GLU n 
1 160 THR n 
1 161 ILE n 
1 162 ASN n 
1 163 VAL n 
1 164 MET n 
1 165 ASN n 
1 166 GLN n 
1 167 ILE n 
1 168 HIS n 
1 169 GLU n 
1 170 ILE n 
1 171 LEU n 
1 172 LEU n 
1 173 LYS n 
1 174 GLU n 
1 175 ALA n 
1 176 HIS n 
1 177 ASN n 
1 178 ASP n 
# 
_entity_src_gen.entity_id                          1 
_entity_src_gen.pdbx_src_id                        1 
_entity_src_gen.pdbx_alt_source_flag               sample 
_entity_src_gen.pdbx_seq_type                      ? 
_entity_src_gen.pdbx_beg_seq_num                   ? 
_entity_src_gen.pdbx_end_seq_num                   ? 
_entity_src_gen.gene_src_common_name               ? 
_entity_src_gen.gene_src_genus                     ? 
_entity_src_gen.pdbx_gene_src_gene                 SAR2349 
_entity_src_gen.gene_src_species                   ? 
_entity_src_gen.gene_src_strain                    MRSA252 
_entity_src_gen.gene_src_tissue                    ? 
_entity_src_gen.gene_src_tissue_fraction           ? 
_entity_src_gen.gene_src_details                   ? 
_entity_src_gen.pdbx_gene_src_fragment             ? 
_entity_src_gen.pdbx_gene_src_scientific_name      'Staphylococcus aureus' 
_entity_src_gen.pdbx_gene_src_ncbi_taxonomy_id     282458 
_entity_src_gen.pdbx_gene_src_variant              ? 
_entity_src_gen.pdbx_gene_src_cell_line            ? 
_entity_src_gen.pdbx_gene_src_atcc                 ? 
_entity_src_gen.pdbx_gene_src_organ                ? 
_entity_src_gen.pdbx_gene_src_organelle            ? 
_entity_src_gen.pdbx_gene_src_cell                 ? 
_entity_src_gen.pdbx_gene_src_cellular_location    ? 
_entity_src_gen.host_org_common_name               ? 
_entity_src_gen.pdbx_host_org_scientific_name      'Escherichia coli' 
_entity_src_gen.pdbx_host_org_ncbi_taxonomy_id     562 
_entity_src_gen.host_org_genus                     ? 
_entity_src_gen.pdbx_host_org_gene                 ? 
_entity_src_gen.pdbx_host_org_organ                ? 
_entity_src_gen.host_org_species                   ? 
_entity_src_gen.pdbx_host_org_tissue               ? 
_entity_src_gen.pdbx_host_org_tissue_fraction      ? 
_entity_src_gen.pdbx_host_org_strain               'BL21(DE3)' 
_entity_src_gen.pdbx_host_org_variant              ? 
_entity_src_gen.pdbx_host_org_cell_line            ? 
_entity_src_gen.pdbx_host_org_atcc                 ? 
_entity_src_gen.pdbx_host_org_culture_collection   ? 
_entity_src_gen.pdbx_host_org_cell                 ? 
_entity_src_gen.pdbx_host_org_organelle            ? 
_entity_src_gen.pdbx_host_org_cellular_location    ? 
_entity_src_gen.pdbx_host_org_vector_type          Plasmid 
_entity_src_gen.pdbx_host_org_vector               ? 
_entity_src_gen.host_org_details                   ? 
_entity_src_gen.expression_system_id               ? 
_entity_src_gen.plasmid_name                       pET32 
_entity_src_gen.plasmid_details                    ? 
_entity_src_gen.pdbx_description                   ? 
# 
loop_
_chem_comp.id 
_chem_comp.type 
_chem_comp.mon_nstd_flag 
_chem_comp.name 
_chem_comp.pdbx_synonyms 
_chem_comp.formula 
_chem_comp.formula_weight 
ALA 'L-peptide linking' y ALANINE                 ?                'C3 H7 N O2'     89.093  
ARG 'L-peptide linking' y ARGININE                ?                'C6 H15 N4 O2 1' 175.209 
ASN 'L-peptide linking' y ASPARAGINE              ?                'C4 H8 N2 O3'    132.118 
ASP 'L-peptide linking' y 'ASPARTIC ACID'         ?                'C4 H7 N O4'     133.103 
CYS 'L-peptide linking' y CYSTEINE                ?                'C3 H7 N O2 S'   121.158 
GLN 'L-peptide linking' y GLUTAMINE               ?                'C5 H10 N2 O3'   146.144 
GLU 'L-peptide linking' y 'GLUTAMIC ACID'         ?                'C5 H9 N O4'     147.129 
GLY 'peptide linking'   y GLYCINE                 ?                'C2 H5 N O2'     75.067  
HIS 'L-peptide linking' y HISTIDINE               ?                'C6 H10 N3 O2 1' 156.162 
HOH non-polymer         . WATER                   ?                'H2 O'           18.015  
ILE 'L-peptide linking' y ISOLEUCINE              ?                'C6 H13 N O2'    131.173 
LEU 'L-peptide linking' y LEUCINE                 ?                'C6 H13 N O2'    131.173 
LYS 'L-peptide linking' y LYSINE                  ?                'C6 H15 N2 O2 1' 147.195 
MET 'L-peptide linking' y METHIONINE              ?                'C5 H11 N O2 S'  149.211 
PHE 'L-peptide linking' y PHENYLALANINE           ?                'C9 H11 N O2'    165.189 
PRO 'L-peptide linking' y PROLINE                 ?                'C5 H9 N O2'     115.130 
SAL non-polymer         . '2-HYDROXYBENZOIC ACID' 'SALICYLIC ACID' 'C7 H6 O3'       138.121 
SER 'L-peptide linking' y SERINE                  ?                'C3 H7 N O3'     105.093 
SO4 non-polymer         . 'SULFATE ION'           ?                'O4 S -2'        96.063  
THR 'L-peptide linking' y THREONINE               ?                'C4 H9 N O3'     119.119 
TRP 'L-peptide linking' y TRYPTOPHAN              ?                'C11 H12 N2 O2'  204.225 
TYR 'L-peptide linking' y TYROSINE                ?                'C9 H11 N O3'    181.189 
VAL 'L-peptide linking' y VALINE                  ?                'C5 H11 N O2'    117.146 
# 
loop_
_pdbx_poly_seq_scheme.asym_id 
_pdbx_poly_seq_scheme.entity_id 
_pdbx_poly_seq_scheme.seq_id 
_pdbx_poly_seq_scheme.mon_id 
_pdbx_poly_seq_scheme.ndb_seq_num 
_pdbx_poly_seq_scheme.pdb_seq_num 
_pdbx_poly_seq_scheme.auth_seq_num 
_pdbx_poly_seq_scheme.pdb_mon_id 
_pdbx_poly_seq_scheme.auth_mon_id 
_pdbx_poly_seq_scheme.pdb_strand_id 
_pdbx_poly_seq_scheme.pdb_ins_code 
_pdbx_poly_seq_scheme.hetero 
A 1 1   THR 1   7   7   THR THR A . n 
A 1 2   ALA 2   8   8   ALA ALA A . n 
A 1 3   ALA 3   9   9   ALA ALA A . n 
A 1 4   ALA 4   10  10  ALA ALA A . n 
A 1 5   LYS 5   11  11  LYS LYS A . n 
A 1 6   PHE 6   12  12  PHE PHE A . n 
A 1 7   GLU 7   13  13  GLU GLU A . n 
A 1 8   ARG 8   14  ?   ?   ?   A . n 
A 1 9   GLN 9   15  ?   ?   ?   A . n 
A 1 10  HIS 10  16  ?   ?   ?   A . n 
A 1 11  MET 11  17  ?   ?   ?   A . n 
A 1 12  ASP 12  18  ?   ?   ?   A . n 
A 1 13  SER 13  19  ?   ?   ?   A . n 
A 1 14  PRO 14  20  ?   ?   ?   A . n 
A 1 15  ASP 15  21  ?   ?   ?   A . n 
A 1 16  LEU 16  22  ?   ?   ?   A . n 
A 1 17  GLY 17  23  ?   ?   ?   A . n 
A 1 18  THR 18  24  ?   ?   ?   A . n 
A 1 19  ASP 19  25  ?   ?   ?   A . n 
A 1 20  ASP 20  26  ?   ?   ?   A . n 
A 1 21  ASP 21  27  ?   ?   ?   A . n 
A 1 22  ASP 22  28  ?   ?   ?   A . n 
A 1 23  LYS 23  29  ?   ?   ?   A . n 
A 1 24  ALA 24  30  ?   ?   ?   A . n 
A 1 25  MET 25  31  ?   ?   ?   A . n 
A 1 26  ALA 26  32  ?   ?   ?   A . n 
A 1 27  ASP 27  33  ?   ?   ?   A . n 
A 1 28  ILE 28  34  ?   ?   ?   A . n 
A 1 29  GLY 29  35  ?   ?   ?   A . n 
A 1 30  SER 30  36  ?   ?   ?   A . n 
A 1 31  ASP 31  37  ?   ?   ?   A . n 
A 1 32  PHE 32  38  ?   ?   ?   A . n 
A 1 33  MET 33  39  39  MET MET A . n 
A 1 34  LEU 34  40  40  LEU LEU A . n 
A 1 35  SER 35  41  41  SER SER A . n 
A 1 36  GLN 36  42  42  GLN GLN A . n 
A 1 37  GLU 37  43  43  GLU GLU A . n 
A 1 38  PHE 38  44  44  PHE PHE A . n 
A 1 39  PHE 39  45  45  PHE PHE A . n 
A 1 40  ASN 40  46  46  ASN ASN A . n 
A 1 41  SER 41  47  47  SER SER A . n 
A 1 42  PHE 42  48  48  PHE PHE A . n 
A 1 43  ILE 43  49  49  ILE ILE A . n 
A 1 44  THR 44  50  50  THR THR A . n 
A 1 45  ILE 45  51  51  ILE ILE A . n 
A 1 46  TYR 46  52  52  TYR TYR A . n 
A 1 47  ARG 47  53  53  ARG ARG A . n 
A 1 48  PRO 48  54  54  PRO PRO A . n 
A 1 49  TYR 49  55  55  TYR TYR A . n 
A 1 50  LEU 50  56  56  LEU LEU A . n 
A 1 51  LYS 51  57  57  LYS LYS A . n 
A 1 52  LEU 52  58  58  LEU LEU A . n 
A 1 53  THR 53  59  59  THR THR A . n 
A 1 54  GLU 54  60  60  GLU GLU A . n 
A 1 55  PRO 55  61  61  PRO PRO A . n 
A 1 56  ILE 56  62  62  ILE ILE A . n 
A 1 57  LEU 57  63  63  LEU LEU A . n 
A 1 58  GLU 58  64  64  GLU GLU A . n 
A 1 59  LYS 59  65  65  LYS LYS A . n 
A 1 60  HIS 60  66  66  HIS HIS A . n 
A 1 61  ASN 61  67  67  ASN ASN A . n 
A 1 62  ILE 62  68  68  ILE ILE A . n 
A 1 63  TYR 63  69  69  TYR TYR A . n 
A 1 64  TYR 64  70  70  TYR TYR A . n 
A 1 65  GLY 65  71  71  GLY GLY A . n 
A 1 66  GLN 66  72  72  GLN GLN A . n 
A 1 67  TRP 67  73  73  TRP TRP A . n 
A 1 68  LEU 68  74  74  LEU LEU A . n 
A 1 69  ILE 69  75  75  ILE ILE A . n 
A 1 70  LEU 70  76  76  LEU LEU A . n 
A 1 71  ARG 71  77  77  ARG ARG A . n 
A 1 72  ASP 72  78  78  ASP ASP A . n 
A 1 73  ILE 73  79  79  ILE ILE A . n 
A 1 74  ALA 74  80  80  ALA ALA A . n 
A 1 75  LYS 75  81  81  LYS LYS A . n 
A 1 76  HIS 76  82  82  HIS HIS A . n 
A 1 77  GLN 77  83  83  GLN GLN A . n 
A 1 78  PRO 78  84  84  PRO PRO A . n 
A 1 79  THR 79  85  85  THR THR A . n 
A 1 80  THR 80  86  86  THR THR A . n 
A 1 81  LEU 81  87  87  LEU LEU A . n 
A 1 82  ILE 82  88  88  ILE ILE A . n 
A 1 83  GLU 83  89  89  GLU GLU A . n 
A 1 84  ILE 84  90  90  ILE ILE A . n 
A 1 85  SER 85  91  91  SER SER A . n 
A 1 86  HIS 86  92  92  HIS HIS A . n 
A 1 87  ARG 87  93  93  ARG ARG A . n 
A 1 88  ARG 88  94  94  ARG ARG A . n 
A 1 89  ALA 89  95  95  ALA ALA A . n 
A 1 90  ILE 90  96  96  ILE ILE A . n 
A 1 91  GLU 91  97  97  GLU GLU A . n 
A 1 92  LYS 92  98  98  LYS LYS A . n 
A 1 93  PRO 93  99  99  PRO PRO A . n 
A 1 94  THR 94  100 100 THR THR A . n 
A 1 95  ALA 95  101 101 ALA ALA A . n 
A 1 96  ARG 96  102 102 ARG ARG A . n 
A 1 97  LYS 97  103 103 LYS LYS A . n 
A 1 98  THR 98  104 104 THR THR A . n 
A 1 99  LEU 99  105 105 LEU LEU A . n 
A 1 100 LYS 100 106 106 LYS LYS A . n 
A 1 101 ALA 101 107 107 ALA ALA A . n 
A 1 102 LEU 102 108 108 LEU LEU A . n 
A 1 103 ILE 103 109 109 ILE ILE A . n 
A 1 104 GLU 104 110 110 GLU GLU A . n 
A 1 105 ASN 105 111 111 ASN ASN A . n 
A 1 106 ASP 106 112 112 ASP ASP A . n 
A 1 107 LEU 107 113 113 LEU LEU A . n 
A 1 108 ILE 108 114 114 ILE ILE A . n 
A 1 109 THR 109 115 115 THR THR A . n 
A 1 110 VAL 110 116 116 VAL VAL A . n 
A 1 111 GLU 111 117 117 GLU GLU A . n 
A 1 112 ASN 112 118 118 ASN ASN A . n 
A 1 113 SER 113 119 119 SER SER A . n 
A 1 114 LEU 114 120 120 LEU LEU A . n 
A 1 115 GLU 115 121 121 GLU GLU A . n 
A 1 116 ASP 116 122 122 ASP ASP A . n 
A 1 117 LYS 117 123 123 LYS LYS A . n 
A 1 118 ARG 118 124 124 ARG ARG A . n 
A 1 119 GLN 119 125 125 GLN GLN A . n 
A 1 120 LYS 120 126 126 LYS LYS A . n 
A 1 121 PHE 121 127 127 PHE PHE A . n 
A 1 122 LEU 122 128 128 LEU LEU A . n 
A 1 123 THR 123 129 129 THR THR A . n 
A 1 124 LEU 124 130 130 LEU LEU A . n 
A 1 125 THR 125 131 131 THR THR A . n 
A 1 126 PRO 126 132 132 PRO PRO A . n 
A 1 127 LYS 127 133 133 LYS LYS A . n 
A 1 128 GLY 128 134 134 GLY GLY A . n 
A 1 129 HIS 129 135 135 HIS HIS A . n 
A 1 130 GLU 130 136 136 GLU GLU A . n 
A 1 131 LEU 131 137 137 LEU LEU A . n 
A 1 132 TYR 132 138 138 TYR TYR A . n 
A 1 133 GLU 133 139 139 GLU GLU A . n 
A 1 134 ILE 134 140 140 ILE ILE A . n 
A 1 135 VAL 135 141 141 VAL VAL A . n 
A 1 136 CYS 136 142 142 CYS CYS A . n 
A 1 137 LEU 137 143 143 LEU LEU A . n 
A 1 138 ASP 138 144 144 ASP ASP A . n 
A 1 139 VAL 139 145 145 VAL VAL A . n 
A 1 140 GLN 140 146 146 GLN GLN A . n 
A 1 141 LYS 141 147 147 LYS LYS A . n 
A 1 142 LEU 142 148 148 LEU LEU A . n 
A 1 143 GLN 143 149 149 GLN GLN A . n 
A 1 144 GLN 144 150 150 GLN GLN A . n 
A 1 145 ALA 145 151 151 ALA ALA A . n 
A 1 146 VAL 146 152 152 VAL VAL A . n 
A 1 147 VAL 147 153 153 VAL VAL A . n 
A 1 148 ALA 148 154 154 ALA ALA A . n 
A 1 149 LYS 149 155 155 LYS LYS A . n 
A 1 150 THR 150 156 156 THR THR A . n 
A 1 151 ASN 151 157 157 ASN ASN A . n 
A 1 152 ILE 152 158 158 ILE ILE A . n 
A 1 153 SER 153 159 159 SER SER A . n 
A 1 154 GLN 154 160 160 GLN GLN A . n 
A 1 155 ASP 155 161 161 ASP ASP A . n 
A 1 156 GLN 156 162 162 GLN GLN A . n 
A 1 157 MET 157 163 163 MET MET A . n 
A 1 158 GLN 158 164 164 GLN GLN A . n 
A 1 159 GLU 159 165 165 GLU GLU A . n 
A 1 160 THR 160 166 166 THR THR A . n 
A 1 161 ILE 161 167 167 ILE ILE A . n 
A 1 162 ASN 162 168 168 ASN ASN A . n 
A 1 163 VAL 163 169 169 VAL VAL A . n 
A 1 164 MET 164 170 170 MET MET A . n 
A 1 165 ASN 165 171 171 ASN ASN A . n 
A 1 166 GLN 166 172 172 GLN GLN A . n 
A 1 167 ILE 167 173 173 ILE ILE A . n 
A 1 168 HIS 168 174 174 HIS HIS A . n 
A 1 169 GLU 169 175 175 GLU GLU A . n 
A 1 170 ILE 170 176 176 ILE ILE A . n 
A 1 171 LEU 171 177 177 LEU LEU A . n 
A 1 172 LEU 172 178 178 LEU LEU A . n 
A 1 173 LYS 173 179 179 LYS LYS A . n 
A 1 174 GLU 174 180 180 GLU GLU A . n 
A 1 175 ALA 175 181 181 ALA ALA A . n 
A 1 176 HIS 176 182 ?   ?   ?   A . n 
A 1 177 ASN 177 183 ?   ?   ?   A . n 
A 1 178 ASP 178 184 ?   ?   ?   A . n 
# 
loop_
_pdbx_nonpoly_scheme.asym_id 
_pdbx_nonpoly_scheme.entity_id 
_pdbx_nonpoly_scheme.mon_id 
_pdbx_nonpoly_scheme.ndb_seq_num 
_pdbx_nonpoly_scheme.pdb_seq_num 
_pdbx_nonpoly_scheme.auth_seq_num 
_pdbx_nonpoly_scheme.pdb_mon_id 
_pdbx_nonpoly_scheme.auth_mon_id 
_pdbx_nonpoly_scheme.pdb_strand_id 
_pdbx_nonpoly_scheme.pdb_ins_code 
B 2 SAL 1   501 501 SAL SAL A . 
C 2 SAL 1   502 502 SAL SAL A . 
D 2 SAL 1   503 503 SAL SAL A . 
E 2 SAL 1   504 504 SAL SAL A . 
F 3 SO4 1   505 601 SO4 SO4 A . 
G 3 SO4 1   506 602 SO4 SO4 A . 
H 4 HOH 1   601 1   HOH HOH A . 
H 4 HOH 2   602 2   HOH HOH A . 
H 4 HOH 3   603 3   HOH HOH A . 
H 4 HOH 4   604 4   HOH HOH A . 
H 4 HOH 5   605 5   HOH HOH A . 
H 4 HOH 6   606 6   HOH HOH A . 
H 4 HOH 7   607 7   HOH HOH A . 
H 4 HOH 8   608 8   HOH HOH A . 
H 4 HOH 9   609 9   HOH HOH A . 
H 4 HOH 10  610 10  HOH HOH A . 
H 4 HOH 11  611 12  HOH HOH A . 
H 4 HOH 12  612 13  HOH HOH A . 
H 4 HOH 13  613 14  HOH HOH A . 
H 4 HOH 14  614 15  HOH HOH A . 
H 4 HOH 15  615 16  HOH HOH A . 
H 4 HOH 16  616 17  HOH HOH A . 
H 4 HOH 17  617 18  HOH HOH A . 
H 4 HOH 18  618 19  HOH HOH A . 
H 4 HOH 19  619 20  HOH HOH A . 
H 4 HOH 20  620 21  HOH HOH A . 
H 4 HOH 21  621 22  HOH HOH A . 
H 4 HOH 22  622 23  HOH HOH A . 
H 4 HOH 23  623 24  HOH HOH A . 
H 4 HOH 24  624 25  HOH HOH A . 
H 4 HOH 25  625 26  HOH HOH A . 
H 4 HOH 26  626 27  HOH HOH A . 
H 4 HOH 27  627 28  HOH HOH A . 
H 4 HOH 28  628 29  HOH HOH A . 
H 4 HOH 29  629 30  HOH HOH A . 
H 4 HOH 30  630 31  HOH HOH A . 
H 4 HOH 31  631 32  HOH HOH A . 
H 4 HOH 32  632 33  HOH HOH A . 
H 4 HOH 33  633 34  HOH HOH A . 
H 4 HOH 34  634 35  HOH HOH A . 
H 4 HOH 35  635 36  HOH HOH A . 
H 4 HOH 36  636 37  HOH HOH A . 
H 4 HOH 37  637 38  HOH HOH A . 
H 4 HOH 38  638 39  HOH HOH A . 
H 4 HOH 39  639 40  HOH HOH A . 
H 4 HOH 40  640 41  HOH HOH A . 
H 4 HOH 41  641 42  HOH HOH A . 
H 4 HOH 42  642 43  HOH HOH A . 
H 4 HOH 43  643 44  HOH HOH A . 
H 4 HOH 44  644 45  HOH HOH A . 
H 4 HOH 45  645 46  HOH HOH A . 
H 4 HOH 46  646 47  HOH HOH A . 
H 4 HOH 47  647 48  HOH HOH A . 
H 4 HOH 48  648 49  HOH HOH A . 
H 4 HOH 49  649 50  HOH HOH A . 
H 4 HOH 50  650 51  HOH HOH A . 
H 4 HOH 51  651 52  HOH HOH A . 
H 4 HOH 52  652 53  HOH HOH A . 
H 4 HOH 53  653 54  HOH HOH A . 
H 4 HOH 54  654 55  HOH HOH A . 
H 4 HOH 55  655 56  HOH HOH A . 
H 4 HOH 56  656 57  HOH HOH A . 
H 4 HOH 57  657 58  HOH HOH A . 
H 4 HOH 58  658 59  HOH HOH A . 
H 4 HOH 59  659 60  HOH HOH A . 
H 4 HOH 60  660 61  HOH HOH A . 
H 4 HOH 61  661 62  HOH HOH A . 
H 4 HOH 62  662 63  HOH HOH A . 
H 4 HOH 63  663 64  HOH HOH A . 
H 4 HOH 64  664 65  HOH HOH A . 
H 4 HOH 65  665 66  HOH HOH A . 
H 4 HOH 66  666 67  HOH HOH A . 
H 4 HOH 67  667 68  HOH HOH A . 
H 4 HOH 68  668 69  HOH HOH A . 
H 4 HOH 69  669 70  HOH HOH A . 
H 4 HOH 70  670 71  HOH HOH A . 
H 4 HOH 71  671 72  HOH HOH A . 
H 4 HOH 72  672 73  HOH HOH A . 
H 4 HOH 73  673 74  HOH HOH A . 
H 4 HOH 74  674 75  HOH HOH A . 
H 4 HOH 75  675 76  HOH HOH A . 
H 4 HOH 76  676 77  HOH HOH A . 
H 4 HOH 77  677 78  HOH HOH A . 
H 4 HOH 78  678 79  HOH HOH A . 
H 4 HOH 79  679 80  HOH HOH A . 
H 4 HOH 80  680 81  HOH HOH A . 
H 4 HOH 81  681 82  HOH HOH A . 
H 4 HOH 82  682 83  HOH HOH A . 
H 4 HOH 83  683 84  HOH HOH A . 
H 4 HOH 84  684 85  HOH HOH A . 
H 4 HOH 85  685 86  HOH HOH A . 
H 4 HOH 86  686 87  HOH HOH A . 
H 4 HOH 87  687 88  HOH HOH A . 
H 4 HOH 88  688 89  HOH HOH A . 
H 4 HOH 89  689 90  HOH HOH A . 
H 4 HOH 90  690 91  HOH HOH A . 
H 4 HOH 91  691 92  HOH HOH A . 
H 4 HOH 92  692 93  HOH HOH A . 
H 4 HOH 93  693 94  HOH HOH A . 
H 4 HOH 94  694 95  HOH HOH A . 
H 4 HOH 95  695 96  HOH HOH A . 
H 4 HOH 96  696 97  HOH HOH A . 
H 4 HOH 97  697 98  HOH HOH A . 
H 4 HOH 98  698 99  HOH HOH A . 
H 4 HOH 99  699 100 HOH HOH A . 
H 4 HOH 100 700 101 HOH HOH A . 
H 4 HOH 101 701 102 HOH HOH A . 
H 4 HOH 102 702 103 HOH HOH A . 
H 4 HOH 103 703 104 HOH HOH A . 
H 4 HOH 104 704 105 HOH HOH A . 
H 4 HOH 105 705 106 HOH HOH A . 
H 4 HOH 106 706 107 HOH HOH A . 
H 4 HOH 107 707 108 HOH HOH A . 
H 4 HOH 108 708 109 HOH HOH A . 
H 4 HOH 109 709 110 HOH HOH A . 
H 4 HOH 110 710 111 HOH HOH A . 
H 4 HOH 111 711 112 HOH HOH A . 
H 4 HOH 112 712 113 HOH HOH A . 
H 4 HOH 113 713 114 HOH HOH A . 
H 4 HOH 114 714 115 HOH HOH A . 
H 4 HOH 115 715 116 HOH HOH A . 
H 4 HOH 116 716 117 HOH HOH A . 
H 4 HOH 117 717 118 HOH HOH A . 
H 4 HOH 118 718 119 HOH HOH A . 
H 4 HOH 119 719 120 HOH HOH A . 
H 4 HOH 120 720 121 HOH HOH A . 
H 4 HOH 121 721 122 HOH HOH A . 
H 4 HOH 122 722 123 HOH HOH A . 
H 4 HOH 123 723 124 HOH HOH A . 
H 4 HOH 124 724 125 HOH HOH A . 
H 4 HOH 125 725 126 HOH HOH A . 
H 4 HOH 126 726 127 HOH HOH A . 
H 4 HOH 127 727 128 HOH HOH A . 
H 4 HOH 128 728 129 HOH HOH A . 
H 4 HOH 129 729 130 HOH HOH A . 
H 4 HOH 130 730 131 HOH HOH A . 
H 4 HOH 131 731 132 HOH HOH A . 
H 4 HOH 132 732 133 HOH HOH A . 
H 4 HOH 133 733 134 HOH HOH A . 
H 4 HOH 134 734 135 HOH HOH A . 
H 4 HOH 135 735 136 HOH HOH A . 
H 4 HOH 136 736 137 HOH HOH A . 
H 4 HOH 137 737 140 HOH HOH A . 
H 4 HOH 138 738 141 HOH HOH A . 
H 4 HOH 139 739 142 HOH HOH A . 
H 4 HOH 140 740 143 HOH HOH A . 
H 4 HOH 141 741 144 HOH HOH A . 
H 4 HOH 142 742 145 HOH HOH A . 
H 4 HOH 143 743 146 HOH HOH A . 
H 4 HOH 144 744 147 HOH HOH A . 
H 4 HOH 145 745 148 HOH HOH A . 
H 4 HOH 146 746 149 HOH HOH A . 
H 4 HOH 147 747 150 HOH HOH A . 
H 4 HOH 148 748 151 HOH HOH A . 
H 4 HOH 149 749 152 HOH HOH A . 
H 4 HOH 150 750 153 HOH HOH A . 
H 4 HOH 151 751 154 HOH HOH A . 
H 4 HOH 152 752 155 HOH HOH A . 
H 4 HOH 153 753 156 HOH HOH A . 
H 4 HOH 154 754 157 HOH HOH A . 
H 4 HOH 155 755 159 HOH HOH A . 
H 4 HOH 156 756 160 HOH HOH A . 
H 4 HOH 157 757 161 HOH HOH A . 
H 4 HOH 158 758 162 HOH HOH A . 
H 4 HOH 159 759 163 HOH HOH A . 
H 4 HOH 160 760 164 HOH HOH A . 
H 4 HOH 161 761 165 HOH HOH A . 
H 4 HOH 162 762 166 HOH HOH A . 
H 4 HOH 163 763 167 HOH HOH A . 
H 4 HOH 164 764 168 HOH HOH A . 
H 4 HOH 165 765 169 HOH HOH A . 
H 4 HOH 166 766 170 HOH HOH A . 
H 4 HOH 167 767 171 HOH HOH A . 
H 4 HOH 168 768 172 HOH HOH A . 
H 4 HOH 169 769 173 HOH HOH A . 
H 4 HOH 170 770 174 HOH HOH A . 
H 4 HOH 171 771 175 HOH HOH A . 
H 4 HOH 172 772 176 HOH HOH A . 
H 4 HOH 173 773 177 HOH HOH A . 
H 4 HOH 174 774 178 HOH HOH A . 
H 4 HOH 175 775 179 HOH HOH A . 
H 4 HOH 176 776 180 HOH HOH A . 
H 4 HOH 177 777 181 HOH HOH A . 
H 4 HOH 178 778 182 HOH HOH A . 
H 4 HOH 179 779 184 HOH HOH A . 
H 4 HOH 180 780 185 HOH HOH A . 
H 4 HOH 181 781 186 HOH HOH A . 
H 4 HOH 182 782 187 HOH HOH A . 
H 4 HOH 183 783 188 HOH HOH A . 
H 4 HOH 184 784 189 HOH HOH A . 
H 4 HOH 185 785 190 HOH HOH A . 
H 4 HOH 186 786 191 HOH HOH A . 
H 4 HOH 187 787 192 HOH HOH A . 
H 4 HOH 188 788 193 HOH HOH A . 
H 4 HOH 189 789 194 HOH HOH A . 
H 4 HOH 190 790 195 HOH HOH A . 
H 4 HOH 191 791 196 HOH HOH A . 
H 4 HOH 192 792 198 HOH HOH A . 
H 4 HOH 193 793 200 HOH HOH A . 
H 4 HOH 194 794 201 HOH HOH A . 
H 4 HOH 195 795 202 HOH HOH A . 
H 4 HOH 196 796 206 HOH HOH A . 
H 4 HOH 197 797 207 HOH HOH A . 
H 4 HOH 198 798 209 HOH HOH A . 
H 4 HOH 199 799 210 HOH HOH A . 
H 4 HOH 200 800 211 HOH HOH A . 
H 4 HOH 201 801 212 HOH HOH A . 
H 4 HOH 202 802 213 HOH HOH A . 
H 4 HOH 203 803 214 HOH HOH A . 
H 4 HOH 204 804 215 HOH HOH A . 
H 4 HOH 205 805 216 HOH HOH A . 
H 4 HOH 206 806 220 HOH HOH A . 
H 4 HOH 207 807 221 HOH HOH A . 
# 
loop_
_software.name 
_software.classification 
_software.version 
_software.citation_id 
_software.pdbx_ordinal 
HKL-2000 'data collection' . ? 1 
CNS      refinement        . ? 2 
HKL-2000 'data reduction'  . ? 3 
HKL-2000 'data scaling'    . ? 4 
CNS      phasing           . ? 5 
# 
_cell.entry_id           4EM2 
_cell.length_a           84.191 
_cell.length_b           84.191 
_cell.length_c           61.452 
_cell.angle_alpha        90.00 
_cell.angle_beta         90.00 
_cell.angle_gamma        120.00 
_cell.Z_PDB              6 
_cell.pdbx_unique_axis   ? 
_cell.length_a_esd       ? 
_cell.length_b_esd       ? 
_cell.length_c_esd       ? 
_cell.angle_alpha_esd    ? 
_cell.angle_beta_esd     ? 
_cell.angle_gamma_esd    ? 
# 
_symmetry.entry_id                         4EM2 
_symmetry.space_group_name_H-M             'P 32 2 1' 
_symmetry.pdbx_full_space_group_name_H-M   ? 
_symmetry.cell_setting                     ? 
_symmetry.Int_Tables_number                154 
_symmetry.space_group_name_Hall            ? 
# 
_exptl.entry_id          4EM2 
_exptl.method            'X-RAY DIFFRACTION' 
_exptl.crystals_number   1 
# 
_exptl_crystal.id                    1 
_exptl_crystal.density_meas          ? 
_exptl_crystal.density_Matthews      3.04 
_exptl_crystal.density_percent_sol   59.57 
_exptl_crystal.description           ? 
_exptl_crystal.F_000                 ? 
_exptl_crystal.preparation           ? 
# 
_exptl_crystal_grow.crystal_id      1 
_exptl_crystal_grow.method          'VAPOR DIFFUSION, HANGING DROP' 
_exptl_crystal_grow.temp            298 
_exptl_crystal_grow.temp_details    ? 
_exptl_crystal_grow.pH              8.0 
_exptl_crystal_grow.pdbx_details    '38% 5000 MME, 1M LiSO4, 0.1M Tris PH 8.5 , VAPOR DIFFUSION, HANGING DROP, temperature 298K' 
_exptl_crystal_grow.pdbx_pH_range   . 
# 
loop_
_diffrn.id 
_diffrn.ambient_temp 
_diffrn.ambient_temp_details 
_diffrn.crystal_id 
1 100 ? 1 
2 100 ? 1 
# 
loop_
_diffrn_detector.diffrn_id 
_diffrn_detector.detector 
_diffrn_detector.type 
_diffrn_detector.pdbx_collection_date 
_diffrn_detector.details 
1 CCD 'ADSC QUANTUM 210' 2009-12-19 ? 
2 CCD 'ADSC QUANTUM 315' 2008-11-01 ? 
# 
loop_
_diffrn_radiation.diffrn_id 
_diffrn_radiation.wavelength_id 
_diffrn_radiation.pdbx_monochromatic_or_laue_m_l 
_diffrn_radiation.monochromator 
_diffrn_radiation.pdbx_diffrn_protocol 
_diffrn_radiation.pdbx_scattering_type 
1 1 M graphite 'SINGLE WAVELENGTH' x-ray 
2 1 M ?        MAD                 x-ray 
# 
loop_
_diffrn_radiation_wavelength.id 
_diffrn_radiation_wavelength.wavelength 
_diffrn_radiation_wavelength.wt 
1 1       1.0 
2 0.97877 1.0 
3 0.97936 1.0 
4 0.96413 1.0 
# 
loop_
_diffrn_source.diffrn_id 
_diffrn_source.source 
_diffrn_source.type 
_diffrn_source.pdbx_synchrotron_site 
_diffrn_source.pdbx_synchrotron_beamline 
_diffrn_source.pdbx_wavelength 
_diffrn_source.pdbx_wavelength_list 
1 SYNCHROTRON 'SPRING-8 BEAMLINE BL12B2'      SPring-8         BL12B2 ? 1                           
2 SYNCHROTRON 'PHOTON FACTORY BEAMLINE BL-5A' 'Photon Factory' BL-5A  ? '0.97877, 0.97936, 0.96413' 
# 
_reflns.entry_id                     4EM2 
_reflns.observed_criterion_sigma_I   0 
_reflns.observed_criterion_sigma_F   0 
_reflns.d_resolution_low             30 
_reflns.d_resolution_high            2.08 
_reflns.number_obs                   15461 
_reflns.number_all                   15436 
_reflns.percent_possible_obs         99.9 
_reflns.pdbx_Rmerge_I_obs            0.051 
_reflns.pdbx_Rsym_value              ? 
_reflns.pdbx_netI_over_sigmaI        39.1 
_reflns.B_iso_Wilson_estimate        ? 
_reflns.pdbx_redundancy              6.1 
_reflns.R_free_details               ? 
_reflns.limit_h_max                  ? 
_reflns.limit_h_min                  ? 
_reflns.limit_k_max                  ? 
_reflns.limit_k_min                  ? 
_reflns.limit_l_max                  ? 
_reflns.limit_l_min                  ? 
_reflns.observed_criterion_F_max     ? 
_reflns.observed_criterion_F_min     ? 
_reflns.pdbx_chi_squared             ? 
_reflns.pdbx_scaling_rejects         ? 
_reflns.pdbx_ordinal                 1 
_reflns.pdbx_diffrn_id               1 
# 
_reflns_shell.d_res_high                  2.08 
_reflns_shell.d_res_low                   2.15 
_reflns_shell.percent_possible_all        99.9 
_reflns_shell.Rmerge_I_obs                0.536 
_reflns_shell.pdbx_Rsym_value             ? 
_reflns_shell.meanI_over_sigI_obs         4.6 
_reflns_shell.pdbx_redundancy             6.1 
_reflns_shell.percent_possible_obs        ? 
_reflns_shell.number_unique_all           1515 
_reflns_shell.number_measured_all         ? 
_reflns_shell.number_measured_obs         ? 
_reflns_shell.number_unique_obs           ? 
_reflns_shell.pdbx_chi_squared            ? 
_reflns_shell.pdbx_rejects                ? 
_reflns_shell.pdbx_netI_over_sigmaI_obs   ? 
_reflns_shell.number_possible             ? 
_reflns_shell.Rmerge_F_all                ? 
_reflns_shell.Rmerge_F_obs                ? 
_reflns_shell.Rmerge_I_all                ? 
_reflns_shell.meanI_over_sigI_all         ? 
_reflns_shell.pdbx_Rrim_I_all             ? 
_reflns_shell.pdbx_Rpim_I_all             ? 
_reflns_shell.pdbx_ordinal                1 
_reflns_shell.pdbx_diffrn_id              1 
# 
_refine.entry_id                                 4EM2 
_refine.ls_number_reflns_obs                     14801 
_refine.ls_number_reflns_all                     15436 
_refine.pdbx_ls_sigma_I                          ? 
_refine.pdbx_ls_sigma_F                          0 
_refine.pdbx_data_cutoff_high_absF               ? 
_refine.pdbx_data_cutoff_low_absF                ? 
_refine.pdbx_data_cutoff_high_rms_absF           ? 
_refine.ls_d_res_low                             30 
_refine.ls_d_res_high                            2.08 
_refine.ls_percent_reflns_obs                    95.9 
_refine.ls_R_factor_obs                          ? 
_refine.ls_R_factor_all                          ? 
_refine.ls_R_factor_R_work                       0.201 
_refine.ls_R_factor_R_free                       0.272 
_refine.ls_R_factor_R_free_error                 ? 
_refine.ls_R_factor_R_free_error_details         ? 
_refine.ls_percent_reflns_R_free                 4.800 
_refine.ls_number_reflns_R_free                  735 
_refine.ls_number_parameters                     ? 
_refine.ls_number_restraints                     ? 
_refine.correlation_coeff_Fo_to_Fc               ? 
_refine.correlation_coeff_Fo_to_Fc_free          ? 
_refine.solvent_model_param_bsol                 43.5916 
_refine.aniso_B[1][1]                            -2.6160 
_refine.aniso_B[2][2]                            -2.6160 
_refine.aniso_B[3][3]                            5.2320 
_refine.aniso_B[1][2]                            -3.1260 
_refine.aniso_B[1][3]                            0.0000 
_refine.aniso_B[2][3]                            0.0000 
_refine.B_iso_mean                               42.03 
_refine.pdbx_solvent_vdw_probe_radii             ? 
_refine.pdbx_solvent_ion_probe_radii             ? 
_refine.pdbx_solvent_shrinkage_radii             ? 
_refine.pdbx_ls_cross_valid_method               THROUGHOUT 
_refine.details                                  ? 
_refine.pdbx_starting_model                      ? 
_refine.pdbx_method_to_determine_struct          MAD 
_refine.pdbx_isotropic_thermal_model             Isotropic 
_refine.pdbx_stereochemistry_target_values       'Engh & Huber' 
_refine.pdbx_stereochem_target_val_spec_case     ? 
_refine.pdbx_R_Free_selection_details            random 
_refine.B_iso_max                                95.750 
_refine.B_iso_min                                18.450 
_refine.pdbx_overall_phase_error                 ? 
_refine.occupancy_max                            1.000 
_refine.occupancy_min                            1.000 
_refine.pdbx_diffrn_id                           1 
_refine.pdbx_refine_id                           'X-RAY DIFFRACTION' 
_refine.ls_redundancy_reflns_obs                 ? 
_refine.solvent_model_details                    ? 
_refine.solvent_model_param_ksol                 ? 
_refine.overall_SU_B                             ? 
_refine.overall_SU_ML                            ? 
_refine.pdbx_overall_ESU_R                       ? 
_refine.pdbx_overall_ESU_R_Free                  ? 
_refine.overall_SU_R_Cruickshank_DPI             ? 
_refine.overall_SU_R_free                        ? 
_refine.ls_wR_factor_R_free                      ? 
_refine.ls_wR_factor_R_work                      ? 
_refine.overall_FOM_free_R_set                   ? 
_refine.overall_FOM_work_R_set                   ? 
_refine.pdbx_TLS_residual_ADP_flag               ? 
_refine.pdbx_overall_SU_R_free_Cruickshank_DPI   ? 
_refine.pdbx_overall_SU_R_Blow_DPI               ? 
_refine.pdbx_overall_SU_R_free_Blow_DPI          ? 
# 
_refine_analyze.entry_id                        4EM2 
_refine_analyze.Luzzati_coordinate_error_obs    0.25 
_refine_analyze.Luzzati_sigma_a_obs             0.22 
_refine_analyze.Luzzati_d_res_low_obs           ? 
_refine_analyze.Luzzati_coordinate_error_free   ? 
_refine_analyze.Luzzati_sigma_a_free            ? 
_refine_analyze.Luzzati_d_res_low_free          ? 
_refine_analyze.number_disordered_residues      ? 
_refine_analyze.occupancy_sum_hydrogen          ? 
_refine_analyze.occupancy_sum_non_hydrogen      ? 
_refine_analyze.pdbx_Luzzati_d_res_high_obs     ? 
_refine_analyze.pdbx_refine_id                  'X-RAY DIFFRACTION' 
# 
_refine_hist.pdbx_refine_id                   'X-RAY DIFFRACTION' 
_refine_hist.cycle_id                         LAST 
_refine_hist.pdbx_number_atoms_protein        1234 
_refine_hist.pdbx_number_atoms_nucleic_acid   0 
_refine_hist.pdbx_number_atoms_ligand         50 
_refine_hist.number_atoms_solvent             207 
_refine_hist.number_atoms_total               1491 
_refine_hist.d_res_high                       2.08 
_refine_hist.d_res_low                        30 
# 
loop_
_refine_ls_restr.type 
_refine_ls_restr.dev_ideal 
_refine_ls_restr.dev_ideal_target 
_refine_ls_restr.weight 
_refine_ls_restr.number 
_refine_ls_restr.pdbx_restraint_function 
_refine_ls_restr.pdbx_refine_id 
c_bond_d     0.021 ?     ? ? ? 'X-RAY DIFFRACTION' 
c_angle_deg  1.5   ?     ? ? ? 'X-RAY DIFFRACTION' 
c_mcbond_it  1.556 1.500 ? ? ? 'X-RAY DIFFRACTION' 
c_scbond_it  2.589 2.000 ? ? ? 'X-RAY DIFFRACTION' 
c_mcangle_it 2.522 2.000 ? ? ? 'X-RAY DIFFRACTION' 
c_scangle_it 3.949 2.500 ? ? ? 'X-RAY DIFFRACTION' 
# 
_refine_ls_shell.pdbx_refine_id                   'X-RAY DIFFRACTION' 
_refine_ls_shell.pdbx_total_number_of_bins_used   ? 
_refine_ls_shell.d_res_high                       2.08 
_refine_ls_shell.d_res_low                        2.15 
_refine_ls_shell.number_reflns_R_work             ? 
_refine_ls_shell.R_factor_R_work                  ? 
_refine_ls_shell.percent_reflns_obs               90.5 
_refine_ls_shell.R_factor_R_free                  ? 
_refine_ls_shell.R_factor_R_free_error            ? 
_refine_ls_shell.percent_reflns_R_free            ? 
_refine_ls_shell.number_reflns_R_free             63 
_refine_ls_shell.number_reflns_all                ? 
_refine_ls_shell.R_factor_all                     ? 
_refine_ls_shell.number_reflns_obs                1367 
_refine_ls_shell.redundancy_reflns_obs            ? 
# 
loop_
_pdbx_xplor_file.pdbx_refine_id 
_pdbx_xplor_file.serial_no 
_pdbx_xplor_file.param_file 
_pdbx_xplor_file.topol_file 
'X-RAY DIFFRACTION' 1 protein_rep.param ? 
'X-RAY DIFFRACTION' 2 water_rep.param   ? 
'X-RAY DIFFRACTION' 3 ion.param         ? 
'X-RAY DIFFRACTION' 4 ligand.param      ? 
# 
_struct.entry_id                  4EM2 
_struct.title                     'seleno-methionine staphylococcus aureus MarR in complex with salicylate' 
_struct.pdbx_model_details        ? 
_struct.pdbx_CASP_flag            ? 
_struct.pdbx_model_type_details   ? 
# 
_struct_keywords.entry_id        4EM2 
_struct_keywords.pdbx_keywords   TRANSCRIPTION 
_struct_keywords.text            'marR family proteins, MarR, salicylate, TRANSCRIPTION' 
# 
loop_
_struct_asym.id 
_struct_asym.pdbx_blank_PDB_chainid_flag 
_struct_asym.pdbx_modified 
_struct_asym.entity_id 
_struct_asym.details 
A N N 1 ? 
B N N 2 ? 
C N N 2 ? 
D N N 2 ? 
E N N 2 ? 
F N N 3 ? 
G N N 3 ? 
H N N 4 ? 
# 
_struct_ref.id                         1 
_struct_ref.db_name                    UNP 
_struct_ref.db_code                    Y2349_STAAR 
_struct_ref.pdbx_db_accession          Q6GEG9 
_struct_ref.entity_id                  1 
_struct_ref.pdbx_seq_one_letter_code   
;MLSQEFFNSFITIYRPYLKLTEPILEKHNIYYGQWLILRDIAKHQPTTLIEISHRRAIEKPTARKTLKALIENDLITVEN
SLEDKRQKFLTLTPKGHELYEIVCLDVQKLQQAVVAKTNISQDQMQETINVMNQIHEILLKEAHND
;
_struct_ref.pdbx_align_begin           1 
_struct_ref.pdbx_db_isoform            ? 
# 
_struct_ref_seq.align_id                      1 
_struct_ref_seq.ref_id                        1 
_struct_ref_seq.pdbx_PDB_id_code              4EM2 
_struct_ref_seq.pdbx_strand_id                A 
_struct_ref_seq.seq_align_beg                 33 
_struct_ref_seq.pdbx_seq_align_beg_ins_code   ? 
_struct_ref_seq.seq_align_end                 178 
_struct_ref_seq.pdbx_seq_align_end_ins_code   ? 
_struct_ref_seq.pdbx_db_accession             Q6GEG9 
_struct_ref_seq.db_align_beg                  1 
_struct_ref_seq.pdbx_db_align_beg_ins_code    ? 
_struct_ref_seq.db_align_end                  146 
_struct_ref_seq.pdbx_db_align_end_ins_code    ? 
_struct_ref_seq.pdbx_auth_seq_align_beg       39 
_struct_ref_seq.pdbx_auth_seq_align_end       184 
# 
loop_
_struct_ref_seq_dif.align_id 
_struct_ref_seq_dif.pdbx_pdb_id_code 
_struct_ref_seq_dif.mon_id 
_struct_ref_seq_dif.pdbx_pdb_strand_id 
_struct_ref_seq_dif.seq_num 
_struct_ref_seq_dif.pdbx_pdb_ins_code 
_struct_ref_seq_dif.pdbx_seq_db_name 
_struct_ref_seq_dif.pdbx_seq_db_accession_code 
_struct_ref_seq_dif.db_mon_id 
_struct_ref_seq_dif.pdbx_seq_db_seq_num 
_struct_ref_seq_dif.details 
_struct_ref_seq_dif.pdbx_auth_seq_num 
_struct_ref_seq_dif.pdbx_ordinal 
1 4EM2 THR A 1  ? UNP Q6GEG9 ? ? 'expression tag' 7  1  
1 4EM2 ALA A 2  ? UNP Q6GEG9 ? ? 'expression tag' 8  2  
1 4EM2 ALA A 3  ? UNP Q6GEG9 ? ? 'expression tag' 9  3  
1 4EM2 ALA A 4  ? UNP Q6GEG9 ? ? 'expression tag' 10 4  
1 4EM2 LYS A 5  ? UNP Q6GEG9 ? ? 'expression tag' 11 5  
1 4EM2 PHE A 6  ? UNP Q6GEG9 ? ? 'expression tag' 12 6  
1 4EM2 GLU A 7  ? UNP Q6GEG9 ? ? 'expression tag' 13 7  
1 4EM2 ARG A 8  ? UNP Q6GEG9 ? ? 'expression tag' 14 8  
1 4EM2 GLN A 9  ? UNP Q6GEG9 ? ? 'expression tag' 15 9  
1 4EM2 HIS A 10 ? UNP Q6GEG9 ? ? 'expression tag' 16 10 
1 4EM2 MET A 11 ? UNP Q6GEG9 ? ? 'expression tag' 17 11 
1 4EM2 ASP A 12 ? UNP Q6GEG9 ? ? 'expression tag' 18 12 
1 4EM2 SER A 13 ? UNP Q6GEG9 ? ? 'expression tag' 19 13 
1 4EM2 PRO A 14 ? UNP Q6GEG9 ? ? 'expression tag' 20 14 
1 4EM2 ASP A 15 ? UNP Q6GEG9 ? ? 'expression tag' 21 15 
1 4EM2 LEU A 16 ? UNP Q6GEG9 ? ? 'expression tag' 22 16 
1 4EM2 GLY A 17 ? UNP Q6GEG9 ? ? 'expression tag' 23 17 
1 4EM2 THR A 18 ? UNP Q6GEG9 ? ? 'expression tag' 24 18 
1 4EM2 ASP A 19 ? UNP Q6GEG9 ? ? 'expression tag' 25 19 
1 4EM2 ASP A 20 ? UNP Q6GEG9 ? ? 'expression tag' 26 20 
1 4EM2 ASP A 21 ? UNP Q6GEG9 ? ? 'expression tag' 27 21 
1 4EM2 ASP A 22 ? UNP Q6GEG9 ? ? 'expression tag' 28 22 
1 4EM2 LYS A 23 ? UNP Q6GEG9 ? ? 'expression tag' 29 23 
1 4EM2 ALA A 24 ? UNP Q6GEG9 ? ? 'expression tag' 30 24 
1 4EM2 MET A 25 ? UNP Q6GEG9 ? ? 'expression tag' 31 25 
1 4EM2 ALA A 26 ? UNP Q6GEG9 ? ? 'expression tag' 32 26 
1 4EM2 ASP A 27 ? UNP Q6GEG9 ? ? 'expression tag' 33 27 
1 4EM2 ILE A 28 ? UNP Q6GEG9 ? ? 'expression tag' 34 28 
1 4EM2 GLY A 29 ? UNP Q6GEG9 ? ? 'expression tag' 35 29 
1 4EM2 SER A 30 ? UNP Q6GEG9 ? ? 'expression tag' 36 30 
1 4EM2 ASP A 31 ? UNP Q6GEG9 ? ? 'expression tag' 37 31 
1 4EM2 PHE A 32 ? UNP Q6GEG9 ? ? 'expression tag' 38 32 
# 
loop_
_pdbx_struct_assembly.id 
_pdbx_struct_assembly.details 
_pdbx_struct_assembly.method_details 
_pdbx_struct_assembly.oligomeric_details 
_pdbx_struct_assembly.oligomeric_count 
1 author_defined_assembly   ?    monomeric 1 
2 software_defined_assembly PISA dimeric   2 
# 
loop_
_pdbx_struct_assembly_prop.biol_id 
_pdbx_struct_assembly_prop.type 
_pdbx_struct_assembly_prop.value 
_pdbx_struct_assembly_prop.details 
2 'ABSA (A^2)' 9190  ? 
2 MORE         -70   ? 
2 'SSA (A^2)'  15150 ? 
# 
loop_
_pdbx_struct_assembly_gen.assembly_id 
_pdbx_struct_assembly_gen.oper_expression 
_pdbx_struct_assembly_gen.asym_id_list 
1 1   A,B,C,D,E,F,G,H 
2 1,2 A,B,C,D,E,F,G,H 
# 
loop_
_pdbx_struct_oper_list.id 
_pdbx_struct_oper_list.type 
_pdbx_struct_oper_list.name 
_pdbx_struct_oper_list.symmetry_operation 
_pdbx_struct_oper_list.matrix[1][1] 
_pdbx_struct_oper_list.matrix[1][2] 
_pdbx_struct_oper_list.matrix[1][3] 
_pdbx_struct_oper_list.vector[1] 
_pdbx_struct_oper_list.matrix[2][1] 
_pdbx_struct_oper_list.matrix[2][2] 
_pdbx_struct_oper_list.matrix[2][3] 
_pdbx_struct_oper_list.vector[2] 
_pdbx_struct_oper_list.matrix[3][1] 
_pdbx_struct_oper_list.matrix[3][2] 
_pdbx_struct_oper_list.matrix[3][3] 
_pdbx_struct_oper_list.vector[3] 
1 'identity operation'         1_555 x,y,z  1.0000000000 0.0000000000 0.0000000000  0.0000000000 0.0000000000 1.0000000000  0.0000000000  0.0000000000   0.0000000000  0.0000000000  1.0000000000  0.0000000000   
2 'crystal symmetry operation' 4_555 y,x,-z 0.7890965491 0.4898373259 -0.3706562158 0.1606846370 0.4898373259 -0.8658872793 -0.1014820858 -13.4948465090 -0.3706562158 -0.1014820858 -0.9232092699 -17.0583924605 
# 
_struct_biol.id        1 
_struct_biol.details   ? 
# 
loop_
_struct_conf.conf_type_id 
_struct_conf.id 
_struct_conf.pdbx_PDB_helix_id 
_struct_conf.beg_label_comp_id 
_struct_conf.beg_label_asym_id 
_struct_conf.beg_label_seq_id 
_struct_conf.pdbx_beg_PDB_ins_code 
_struct_conf.end_label_comp_id 
_struct_conf.end_label_asym_id 
_struct_conf.end_label_seq_id 
_struct_conf.pdbx_end_PDB_ins_code 
_struct_conf.beg_auth_comp_id 
_struct_conf.beg_auth_asym_id 
_struct_conf.beg_auth_seq_id 
_struct_conf.end_auth_comp_id 
_struct_conf.end_auth_asym_id 
_struct_conf.end_auth_seq_id 
_struct_conf.pdbx_PDB_helix_class 
_struct_conf.details 
_struct_conf.pdbx_PDB_helix_length 
HELX_P HELX_P1 1 THR A 1   ? GLU A 7   ? THR A 7   GLU A 13  1 ? 7  
HELX_P HELX_P2 2 LEU A 34  ? THR A 44  ? LEU A 40  THR A 50  1 ? 11 
HELX_P HELX_P3 3 ILE A 45  ? HIS A 60  ? ILE A 51  HIS A 66  1 ? 16 
HELX_P HELX_P4 4 TYR A 63  ? GLN A 77  ? TYR A 69  GLN A 83  1 ? 15 
HELX_P HELX_P5 5 THR A 80  ? ALA A 89  ? THR A 86  ALA A 95  1 ? 10 
HELX_P HELX_P6 6 GLU A 91  ? ASN A 105 ? GLU A 97  ASN A 111 1 ? 15 
HELX_P HELX_P7 7 ASP A 116 ? LYS A 120 ? ASP A 122 LYS A 126 5 ? 5  
HELX_P HELX_P8 8 THR A 125 ? LYS A 149 ? THR A 131 LYS A 155 1 ? 25 
HELX_P HELX_P9 9 SER A 153 ? ALA A 175 ? SER A 159 ALA A 181 1 ? 23 
# 
_struct_conf_type.id          HELX_P 
_struct_conf_type.criteria    ? 
_struct_conf_type.reference   ? 
# 
_struct_mon_prot_cis.pdbx_id                1 
_struct_mon_prot_cis.label_comp_id          GLN 
_struct_mon_prot_cis.label_seq_id           77 
_struct_mon_prot_cis.label_asym_id          A 
_struct_mon_prot_cis.label_alt_id           . 
_struct_mon_prot_cis.pdbx_PDB_ins_code      ? 
_struct_mon_prot_cis.auth_comp_id           GLN 
_struct_mon_prot_cis.auth_seq_id            83 
_struct_mon_prot_cis.auth_asym_id           A 
_struct_mon_prot_cis.pdbx_label_comp_id_2   PRO 
_struct_mon_prot_cis.pdbx_label_seq_id_2    78 
_struct_mon_prot_cis.pdbx_label_asym_id_2   A 
_struct_mon_prot_cis.pdbx_PDB_ins_code_2    ? 
_struct_mon_prot_cis.pdbx_auth_comp_id_2    PRO 
_struct_mon_prot_cis.pdbx_auth_seq_id_2     84 
_struct_mon_prot_cis.pdbx_auth_asym_id_2    A 
_struct_mon_prot_cis.pdbx_PDB_model_num     1 
_struct_mon_prot_cis.pdbx_omega_angle       -0.04 
# 
_struct_sheet.id               A 
_struct_sheet.type             ? 
_struct_sheet.number_strands   2 
_struct_sheet.details          ? 
# 
_struct_sheet_order.sheet_id     A 
_struct_sheet_order.range_id_1   1 
_struct_sheet_order.range_id_2   2 
_struct_sheet_order.offset       ? 
_struct_sheet_order.sense        anti-parallel 
# 
loop_
_struct_sheet_range.sheet_id 
_struct_sheet_range.id 
_struct_sheet_range.beg_label_comp_id 
_struct_sheet_range.beg_label_asym_id 
_struct_sheet_range.beg_label_seq_id 
_struct_sheet_range.pdbx_beg_PDB_ins_code 
_struct_sheet_range.end_label_comp_id 
_struct_sheet_range.end_label_asym_id 
_struct_sheet_range.end_label_seq_id 
_struct_sheet_range.pdbx_end_PDB_ins_code 
_struct_sheet_range.beg_auth_comp_id 
_struct_sheet_range.beg_auth_asym_id 
_struct_sheet_range.beg_auth_seq_id 
_struct_sheet_range.end_auth_comp_id 
_struct_sheet_range.end_auth_asym_id 
_struct_sheet_range.end_auth_seq_id 
A 1 ILE A 108 ? VAL A 110 ? ILE A 114 VAL A 116 
A 2 LEU A 122 ? LEU A 124 ? LEU A 128 LEU A 130 
# 
_pdbx_struct_sheet_hbond.sheet_id                A 
_pdbx_struct_sheet_hbond.range_id_1              1 
_pdbx_struct_sheet_hbond.range_id_2              2 
_pdbx_struct_sheet_hbond.range_1_label_atom_id   N 
_pdbx_struct_sheet_hbond.range_1_label_comp_id   THR 
_pdbx_struct_sheet_hbond.range_1_label_asym_id   A 
_pdbx_struct_sheet_hbond.range_1_label_seq_id    109 
_pdbx_struct_sheet_hbond.range_1_PDB_ins_code    ? 
_pdbx_struct_sheet_hbond.range_1_auth_atom_id    N 
_pdbx_struct_sheet_hbond.range_1_auth_comp_id    THR 
_pdbx_struct_sheet_hbond.range_1_auth_asym_id    A 
_pdbx_struct_sheet_hbond.range_1_auth_seq_id     115 
_pdbx_struct_sheet_hbond.range_2_label_atom_id   O 
_pdbx_struct_sheet_hbond.range_2_label_comp_id   THR 
_pdbx_struct_sheet_hbond.range_2_label_asym_id   A 
_pdbx_struct_sheet_hbond.range_2_label_seq_id    123 
_pdbx_struct_sheet_hbond.range_2_PDB_ins_code    ? 
_pdbx_struct_sheet_hbond.range_2_auth_atom_id    O 
_pdbx_struct_sheet_hbond.range_2_auth_comp_id    THR 
_pdbx_struct_sheet_hbond.range_2_auth_asym_id    A 
_pdbx_struct_sheet_hbond.range_2_auth_seq_id     129 
# 
loop_
_struct_site.id 
_struct_site.pdbx_evidence_code 
_struct_site.pdbx_auth_asym_id 
_struct_site.pdbx_auth_comp_id 
_struct_site.pdbx_auth_seq_id 
_struct_site.pdbx_auth_ins_code 
_struct_site.pdbx_num_residues 
_struct_site.details 
AC1 Software A SAL 501 ? 8  'BINDING SITE FOR RESIDUE SAL A 501' 
AC2 Software A SAL 502 ? 10 'BINDING SITE FOR RESIDUE SAL A 502' 
AC3 Software A SAL 503 ? 5  'BINDING SITE FOR RESIDUE SAL A 503' 
AC4 Software A SAL 504 ? 5  'BINDING SITE FOR RESIDUE SAL A 504' 
AC5 Software A SO4 505 ? 4  'BINDING SITE FOR RESIDUE SO4 A 505' 
AC6 Software A SO4 506 ? 2  'BINDING SITE FOR RESIDUE SO4 A 506' 
# 
loop_
_struct_site_gen.id 
_struct_site_gen.site_id 
_struct_site_gen.pdbx_num_res 
_struct_site_gen.label_comp_id 
_struct_site_gen.label_asym_id 
_struct_site_gen.label_seq_id 
_struct_site_gen.pdbx_auth_ins_code 
_struct_site_gen.auth_comp_id 
_struct_site_gen.auth_asym_id 
_struct_site_gen.auth_seq_id 
_struct_site_gen.label_atom_id 
_struct_site_gen.label_alt_id 
_struct_site_gen.symmetry 
_struct_site_gen.details 
1  AC1 8  ILE A 43  ? ILE A 49  . ? 4_555 ? 
2  AC1 8  TYR A 46  ? TYR A 52  . ? 1_555 ? 
3  AC1 8  LEU A 50  ? LEU A 56  . ? 1_555 ? 
4  AC1 8  LEU A 68  ? LEU A 74  . ? 1_555 ? 
5  AC1 8  ARG A 71  ? ARG A 77  . ? 1_555 ? 
6  AC1 8  SAL C .   ? SAL A 502 . ? 1_555 ? 
7  AC1 8  HOH H .   ? HOH A 615 . ? 4_555 ? 
8  AC1 8  HOH H .   ? HOH A 757 . ? 1_555 ? 
9  AC2 10 TYR A 49  ? TYR A 55  . ? 1_555 ? 
10 AC2 10 THR A 53  ? THR A 59  . ? 1_555 ? 
11 AC2 10 TYR A 64  ? TYR A 70  . ? 1_555 ? 
12 AC2 10 TRP A 67  ? TRP A 73  . ? 1_555 ? 
13 AC2 10 ARG A 71  ? ARG A 77  . ? 1_555 ? 
14 AC2 10 VAL A 139 ? VAL A 145 . ? 1_555 ? 
15 AC2 10 GLN A 143 ? GLN A 149 . ? 1_555 ? 
16 AC2 10 SAL B .   ? SAL A 501 . ? 1_555 ? 
17 AC2 10 HOH H .   ? HOH A 710 . ? 4_555 ? 
18 AC2 10 HOH H .   ? HOH A 758 . ? 1_555 ? 
19 AC3 5  LYS A 100 ? LYS A 106 . ? 1_555 ? 
20 AC3 5  ILE A 103 ? ILE A 109 . ? 1_555 ? 
21 AC3 5  VAL A 110 ? VAL A 116 . ? 1_555 ? 
22 AC3 5  LYS A 117 ? LYS A 123 . ? 1_555 ? 
23 AC3 5  HOH H .   ? HOH A 641 . ? 1_555 ? 
24 AC4 5  PHE A 6   ? PHE A 12  . ? 1_555 ? 
25 AC4 5  GLY A 65  ? GLY A 71  . ? 1_555 ? 
26 AC4 5  LEU A 68  ? LEU A 74  . ? 1_555 ? 
27 AC4 5  ILE A 69  ? ILE A 75  . ? 1_555 ? 
28 AC4 5  ARG A 88  ? ARG A 94  . ? 1_555 ? 
29 AC5 4  ARG A 96  ? ARG A 102 . ? 1_555 ? 
30 AC5 4  ASP A 116 ? ASP A 122 . ? 1_555 ? 
31 AC5 4  LYS A 117 ? LYS A 123 . ? 1_555 ? 
32 AC5 4  ARG A 118 ? ARG A 124 . ? 1_555 ? 
33 AC6 2  SER A 153 ? SER A 159 . ? 1_555 ? 
34 AC6 2  GLN A 154 ? GLN A 160 . ? 1_555 ? 
# 
_pdbx_validate_close_contact.id               1 
_pdbx_validate_close_contact.PDB_model_num    1 
_pdbx_validate_close_contact.auth_atom_id_1   O 
_pdbx_validate_close_contact.auth_asym_id_1   A 
_pdbx_validate_close_contact.auth_comp_id_1   HOH 
_pdbx_validate_close_contact.auth_seq_id_1    682 
_pdbx_validate_close_contact.PDB_ins_code_1   ? 
_pdbx_validate_close_contact.label_alt_id_1   ? 
_pdbx_validate_close_contact.auth_atom_id_2   O 
_pdbx_validate_close_contact.auth_asym_id_2   A 
_pdbx_validate_close_contact.auth_comp_id_2   HOH 
_pdbx_validate_close_contact.auth_seq_id_2    683 
_pdbx_validate_close_contact.PDB_ins_code_2   ? 
_pdbx_validate_close_contact.label_alt_id_2   ? 
_pdbx_validate_close_contact.dist             2.08 
# 
_pdbx_validate_torsion.id              1 
_pdbx_validate_torsion.PDB_model_num   1 
_pdbx_validate_torsion.auth_comp_id    GLU 
_pdbx_validate_torsion.auth_asym_id    A 
_pdbx_validate_torsion.auth_seq_id     121 
_pdbx_validate_torsion.PDB_ins_code    ? 
_pdbx_validate_torsion.label_alt_id    ? 
_pdbx_validate_torsion.phi             -65.20 
_pdbx_validate_torsion.psi             -179.35 
# 
loop_
_pdbx_struct_special_symmetry.id 
_pdbx_struct_special_symmetry.PDB_model_num 
_pdbx_struct_special_symmetry.auth_asym_id 
_pdbx_struct_special_symmetry.auth_comp_id 
_pdbx_struct_special_symmetry.auth_seq_id 
_pdbx_struct_special_symmetry.PDB_ins_code 
_pdbx_struct_special_symmetry.label_asym_id 
_pdbx_struct_special_symmetry.label_comp_id 
_pdbx_struct_special_symmetry.label_seq_id 
1 1 A HOH 614 ? H HOH . 
2 1 A HOH 719 ? H HOH . 
3 1 A HOH 721 ? H HOH . 
# 
loop_
_pdbx_unobs_or_zero_occ_residues.id 
_pdbx_unobs_or_zero_occ_residues.PDB_model_num 
_pdbx_unobs_or_zero_occ_residues.polymer_flag 
_pdbx_unobs_or_zero_occ_residues.occupancy_flag 
_pdbx_unobs_or_zero_occ_residues.auth_asym_id 
_pdbx_unobs_or_zero_occ_residues.auth_comp_id 
_pdbx_unobs_or_zero_occ_residues.auth_seq_id 
_pdbx_unobs_or_zero_occ_residues.PDB_ins_code 
_pdbx_unobs_or_zero_occ_residues.label_asym_id 
_pdbx_unobs_or_zero_occ_residues.label_comp_id 
_pdbx_unobs_or_zero_occ_residues.label_seq_id 
1  1 Y 1 A ARG 14  ? A ARG 8   
2  1 Y 1 A GLN 15  ? A GLN 9   
3  1 Y 1 A HIS 16  ? A HIS 10  
4  1 Y 1 A MET 17  ? A MET 11  
5  1 Y 1 A ASP 18  ? A ASP 12  
6  1 Y 1 A SER 19  ? A SER 13  
7  1 Y 1 A PRO 20  ? A PRO 14  
8  1 Y 1 A ASP 21  ? A ASP 15  
9  1 Y 1 A LEU 22  ? A LEU 16  
10 1 Y 1 A GLY 23  ? A GLY 17  
11 1 Y 1 A THR 24  ? A THR 18  
12 1 Y 1 A ASP 25  ? A ASP 19  
13 1 Y 1 A ASP 26  ? A ASP 20  
14 1 Y 1 A ASP 27  ? A ASP 21  
15 1 Y 1 A ASP 28  ? A ASP 22  
16 1 Y 1 A LYS 29  ? A LYS 23  
17 1 Y 1 A ALA 30  ? A ALA 24  
18 1 Y 1 A MET 31  ? A MET 25  
19 1 Y 1 A ALA 32  ? A ALA 26  
20 1 Y 1 A ASP 33  ? A ASP 27  
21 1 Y 1 A ILE 34  ? A ILE 28  
22 1 Y 1 A GLY 35  ? A GLY 29  
23 1 Y 1 A SER 36  ? A SER 30  
24 1 Y 1 A ASP 37  ? A ASP 31  
25 1 Y 1 A PHE 38  ? A PHE 32  
26 1 Y 1 A HIS 182 ? A HIS 176 
27 1 Y 1 A ASN 183 ? A ASN 177 
28 1 Y 1 A ASP 184 ? A ASP 178 
# 
loop_
_chem_comp_atom.comp_id 
_chem_comp_atom.atom_id 
_chem_comp_atom.type_symbol 
_chem_comp_atom.pdbx_aromatic_flag 
_chem_comp_atom.pdbx_stereo_config 
_chem_comp_atom.pdbx_ordinal 
ALA N      N N N 1   
ALA CA     C N S 2   
ALA C      C N N 3   
ALA O      O N N 4   
ALA CB     C N N 5   
ALA OXT    O N N 6   
ALA H      H N N 7   
ALA H2     H N N 8   
ALA HA     H N N 9   
ALA HB1    H N N 10  
ALA HB2    H N N 11  
ALA HB3    H N N 12  
ALA HXT    H N N 13  
ARG N      N N N 14  
ARG CA     C N S 15  
ARG C      C N N 16  
ARG O      O N N 17  
ARG CB     C N N 18  
ARG CG     C N N 19  
ARG CD     C N N 20  
ARG NE     N N N 21  
ARG CZ     C N N 22  
ARG NH1    N N N 23  
ARG NH2    N N N 24  
ARG OXT    O N N 25  
ARG H      H N N 26  
ARG H2     H N N 27  
ARG HA     H N N 28  
ARG HB2    H N N 29  
ARG HB3    H N N 30  
ARG HG2    H N N 31  
ARG HG3    H N N 32  
ARG HD2    H N N 33  
ARG HD3    H N N 34  
ARG HE     H N N 35  
ARG HH11   H N N 36  
ARG HH12   H N N 37  
ARG HH21   H N N 38  
ARG HH22   H N N 39  
ARG HXT    H N N 40  
ASN N      N N N 41  
ASN CA     C N S 42  
ASN C      C N N 43  
ASN O      O N N 44  
ASN CB     C N N 45  
ASN CG     C N N 46  
ASN OD1    O N N 47  
ASN ND2    N N N 48  
ASN OXT    O N N 49  
ASN H      H N N 50  
ASN H2     H N N 51  
ASN HA     H N N 52  
ASN HB2    H N N 53  
ASN HB3    H N N 54  
ASN HD21   H N N 55  
ASN HD22   H N N 56  
ASN HXT    H N N 57  
ASP N      N N N 58  
ASP CA     C N S 59  
ASP C      C N N 60  
ASP O      O N N 61  
ASP CB     C N N 62  
ASP CG     C N N 63  
ASP OD1    O N N 64  
ASP OD2    O N N 65  
ASP OXT    O N N 66  
ASP H      H N N 67  
ASP H2     H N N 68  
ASP HA     H N N 69  
ASP HB2    H N N 70  
ASP HB3    H N N 71  
ASP HD2    H N N 72  
ASP HXT    H N N 73  
CYS N      N N N 74  
CYS CA     C N R 75  
CYS C      C N N 76  
CYS O      O N N 77  
CYS CB     C N N 78  
CYS SG     S N N 79  
CYS OXT    O N N 80  
CYS H      H N N 81  
CYS H2     H N N 82  
CYS HA     H N N 83  
CYS HB2    H N N 84  
CYS HB3    H N N 85  
CYS HG     H N N 86  
CYS HXT    H N N 87  
GLN N      N N N 88  
GLN CA     C N S 89  
GLN C      C N N 90  
GLN O      O N N 91  
GLN CB     C N N 92  
GLN CG     C N N 93  
GLN CD     C N N 94  
GLN OE1    O N N 95  
GLN NE2    N N N 96  
GLN OXT    O N N 97  
GLN H      H N N 98  
GLN H2     H N N 99  
GLN HA     H N N 100 
GLN HB2    H N N 101 
GLN HB3    H N N 102 
GLN HG2    H N N 103 
GLN HG3    H N N 104 
GLN HE21   H N N 105 
GLN HE22   H N N 106 
GLN HXT    H N N 107 
GLU N      N N N 108 
GLU CA     C N S 109 
GLU C      C N N 110 
GLU O      O N N 111 
GLU CB     C N N 112 
GLU CG     C N N 113 
GLU CD     C N N 114 
GLU OE1    O N N 115 
GLU OE2    O N N 116 
GLU OXT    O N N 117 
GLU H      H N N 118 
GLU H2     H N N 119 
GLU HA     H N N 120 
GLU HB2    H N N 121 
GLU HB3    H N N 122 
GLU HG2    H N N 123 
GLU HG3    H N N 124 
GLU HE2    H N N 125 
GLU HXT    H N N 126 
GLY N      N N N 127 
GLY CA     C N N 128 
GLY C      C N N 129 
GLY O      O N N 130 
GLY OXT    O N N 131 
GLY H      H N N 132 
GLY H2     H N N 133 
GLY HA2    H N N 134 
GLY HA3    H N N 135 
GLY HXT    H N N 136 
HIS N      N N N 137 
HIS CA     C N S 138 
HIS C      C N N 139 
HIS O      O N N 140 
HIS CB     C N N 141 
HIS CG     C Y N 142 
HIS ND1    N Y N 143 
HIS CD2    C Y N 144 
HIS CE1    C Y N 145 
HIS NE2    N Y N 146 
HIS OXT    O N N 147 
HIS H      H N N 148 
HIS H2     H N N 149 
HIS HA     H N N 150 
HIS HB2    H N N 151 
HIS HB3    H N N 152 
HIS HD1    H N N 153 
HIS HD2    H N N 154 
HIS HE1    H N N 155 
HIS HE2    H N N 156 
HIS HXT    H N N 157 
HOH O      O N N 158 
HOH H1     H N N 159 
HOH H2     H N N 160 
ILE N      N N N 161 
ILE CA     C N S 162 
ILE C      C N N 163 
ILE O      O N N 164 
ILE CB     C N S 165 
ILE CG1    C N N 166 
ILE CG2    C N N 167 
ILE CD1    C N N 168 
ILE OXT    O N N 169 
ILE H      H N N 170 
ILE H2     H N N 171 
ILE HA     H N N 172 
ILE HB     H N N 173 
ILE HG12   H N N 174 
ILE HG13   H N N 175 
ILE HG21   H N N 176 
ILE HG22   H N N 177 
ILE HG23   H N N 178 
ILE HD11   H N N 179 
ILE HD12   H N N 180 
ILE HD13   H N N 181 
ILE HXT    H N N 182 
LEU N      N N N 183 
LEU CA     C N S 184 
LEU C      C N N 185 
LEU O      O N N 186 
LEU CB     C N N 187 
LEU CG     C N N 188 
LEU CD1    C N N 189 
LEU CD2    C N N 190 
LEU OXT    O N N 191 
LEU H      H N N 192 
LEU H2     H N N 193 
LEU HA     H N N 194 
LEU HB2    H N N 195 
LEU HB3    H N N 196 
LEU HG     H N N 197 
LEU HD11   H N N 198 
LEU HD12   H N N 199 
LEU HD13   H N N 200 
LEU HD21   H N N 201 
LEU HD22   H N N 202 
LEU HD23   H N N 203 
LEU HXT    H N N 204 
LYS N      N N N 205 
LYS CA     C N S 206 
LYS C      C N N 207 
LYS O      O N N 208 
LYS CB     C N N 209 
LYS CG     C N N 210 
LYS CD     C N N 211 
LYS CE     C N N 212 
LYS NZ     N N N 213 
LYS OXT    O N N 214 
LYS H      H N N 215 
LYS H2     H N N 216 
LYS HA     H N N 217 
LYS HB2    H N N 218 
LYS HB3    H N N 219 
LYS HG2    H N N 220 
LYS HG3    H N N 221 
LYS HD2    H N N 222 
LYS HD3    H N N 223 
LYS HE2    H N N 224 
LYS HE3    H N N 225 
LYS HZ1    H N N 226 
LYS HZ2    H N N 227 
LYS HZ3    H N N 228 
LYS HXT    H N N 229 
MET N      N N N 230 
MET CA     C N S 231 
MET C      C N N 232 
MET O      O N N 233 
MET CB     C N N 234 
MET CG     C N N 235 
MET SD     S N N 236 
MET CE     C N N 237 
MET OXT    O N N 238 
MET H      H N N 239 
MET H2     H N N 240 
MET HA     H N N 241 
MET HB2    H N N 242 
MET HB3    H N N 243 
MET HG2    H N N 244 
MET HG3    H N N 245 
MET HE1    H N N 246 
MET HE2    H N N 247 
MET HE3    H N N 248 
MET HXT    H N N 249 
PHE N      N N N 250 
PHE CA     C N S 251 
PHE C      C N N 252 
PHE O      O N N 253 
PHE CB     C N N 254 
PHE CG     C Y N 255 
PHE CD1    C Y N 256 
PHE CD2    C Y N 257 
PHE CE1    C Y N 258 
PHE CE2    C Y N 259 
PHE CZ     C Y N 260 
PHE OXT    O N N 261 
PHE H      H N N 262 
PHE H2     H N N 263 
PHE HA     H N N 264 
PHE HB2    H N N 265 
PHE HB3    H N N 266 
PHE HD1    H N N 267 
PHE HD2    H N N 268 
PHE HE1    H N N 269 
PHE HE2    H N N 270 
PHE HZ     H N N 271 
PHE HXT    H N N 272 
PRO N      N N N 273 
PRO CA     C N S 274 
PRO C      C N N 275 
PRO O      O N N 276 
PRO CB     C N N 277 
PRO CG     C N N 278 
PRO CD     C N N 279 
PRO OXT    O N N 280 
PRO H      H N N 281 
PRO HA     H N N 282 
PRO HB2    H N N 283 
PRO HB3    H N N 284 
PRO HG2    H N N 285 
PRO HG3    H N N 286 
PRO HD2    H N N 287 
PRO HD3    H N N 288 
PRO HXT    H N N 289 
SAL "C1'"  C N N 290 
SAL "O1'"  O N N 291 
SAL "O2'"  O N N 292 
SAL C1     C Y N 293 
SAL C2     C Y N 294 
SAL C3     C Y N 295 
SAL C4     C Y N 296 
SAL C5     C Y N 297 
SAL C6     C Y N 298 
SAL O2     O N N 299 
SAL "HO2'" H N N 300 
SAL H3     H N N 301 
SAL H4     H N N 302 
SAL H5     H N N 303 
SAL H6     H N N 304 
SAL HO2    H N N 305 
SER N      N N N 306 
SER CA     C N S 307 
SER C      C N N 308 
SER O      O N N 309 
SER CB     C N N 310 
SER OG     O N N 311 
SER OXT    O N N 312 
SER H      H N N 313 
SER H2     H N N 314 
SER HA     H N N 315 
SER HB2    H N N 316 
SER HB3    H N N 317 
SER HG     H N N 318 
SER HXT    H N N 319 
SO4 S      S N N 320 
SO4 O1     O N N 321 
SO4 O2     O N N 322 
SO4 O3     O N N 323 
SO4 O4     O N N 324 
THR N      N N N 325 
THR CA     C N S 326 
THR C      C N N 327 
THR O      O N N 328 
THR CB     C N R 329 
THR OG1    O N N 330 
THR CG2    C N N 331 
THR OXT    O N N 332 
THR H      H N N 333 
THR H2     H N N 334 
THR HA     H N N 335 
THR HB     H N N 336 
THR HG1    H N N 337 
THR HG21   H N N 338 
THR HG22   H N N 339 
THR HG23   H N N 340 
THR HXT    H N N 341 
TRP N      N N N 342 
TRP CA     C N S 343 
TRP C      C N N 344 
TRP O      O N N 345 
TRP CB     C N N 346 
TRP CG     C Y N 347 
TRP CD1    C Y N 348 
TRP CD2    C Y N 349 
TRP NE1    N Y N 350 
TRP CE2    C Y N 351 
TRP CE3    C Y N 352 
TRP CZ2    C Y N 353 
TRP CZ3    C Y N 354 
TRP CH2    C Y N 355 
TRP OXT    O N N 356 
TRP H      H N N 357 
TRP H2     H N N 358 
TRP HA     H N N 359 
TRP HB2    H N N 360 
TRP HB3    H N N 361 
TRP HD1    H N N 362 
TRP HE1    H N N 363 
TRP HE3    H N N 364 
TRP HZ2    H N N 365 
TRP HZ3    H N N 366 
TRP HH2    H N N 367 
TRP HXT    H N N 368 
TYR N      N N N 369 
TYR CA     C N S 370 
TYR C      C N N 371 
TYR O      O N N 372 
TYR CB     C N N 373 
TYR CG     C Y N 374 
TYR CD1    C Y N 375 
TYR CD2    C Y N 376 
TYR CE1    C Y N 377 
TYR CE2    C Y N 378 
TYR CZ     C Y N 379 
TYR OH     O N N 380 
TYR OXT    O N N 381 
TYR H      H N N 382 
TYR H2     H N N 383 
TYR HA     H N N 384 
TYR HB2    H N N 385 
TYR HB3    H N N 386 
TYR HD1    H N N 387 
TYR HD2    H N N 388 
TYR HE1    H N N 389 
TYR HE2    H N N 390 
TYR HH     H N N 391 
TYR HXT    H N N 392 
VAL N      N N N 393 
VAL CA     C N S 394 
VAL C      C N N 395 
VAL O      O N N 396 
VAL CB     C N N 397 
VAL CG1    C N N 398 
VAL CG2    C N N 399 
VAL OXT    O N N 400 
VAL H      H N N 401 
VAL H2     H N N 402 
VAL HA     H N N 403 
VAL HB     H N N 404 
VAL HG11   H N N 405 
VAL HG12   H N N 406 
VAL HG13   H N N 407 
VAL HG21   H N N 408 
VAL HG22   H N N 409 
VAL HG23   H N N 410 
VAL HXT    H N N 411 
# 
loop_
_chem_comp_bond.comp_id 
_chem_comp_bond.atom_id_1 
_chem_comp_bond.atom_id_2 
_chem_comp_bond.value_order 
_chem_comp_bond.pdbx_aromatic_flag 
_chem_comp_bond.pdbx_stereo_config 
_chem_comp_bond.pdbx_ordinal 
ALA N     CA     sing N N 1   
ALA N     H      sing N N 2   
ALA N     H2     sing N N 3   
ALA CA    C      sing N N 4   
ALA CA    CB     sing N N 5   
ALA CA    HA     sing N N 6   
ALA C     O      doub N N 7   
ALA C     OXT    sing N N 8   
ALA CB    HB1    sing N N 9   
ALA CB    HB2    sing N N 10  
ALA CB    HB3    sing N N 11  
ALA OXT   HXT    sing N N 12  
ARG N     CA     sing N N 13  
ARG N     H      sing N N 14  
ARG N     H2     sing N N 15  
ARG CA    C      sing N N 16  
ARG CA    CB     sing N N 17  
ARG CA    HA     sing N N 18  
ARG C     O      doub N N 19  
ARG C     OXT    sing N N 20  
ARG CB    CG     sing N N 21  
ARG CB    HB2    sing N N 22  
ARG CB    HB3    sing N N 23  
ARG CG    CD     sing N N 24  
ARG CG    HG2    sing N N 25  
ARG CG    HG3    sing N N 26  
ARG CD    NE     sing N N 27  
ARG CD    HD2    sing N N 28  
ARG CD    HD3    sing N N 29  
ARG NE    CZ     sing N N 30  
ARG NE    HE     sing N N 31  
ARG CZ    NH1    sing N N 32  
ARG CZ    NH2    doub N N 33  
ARG NH1   HH11   sing N N 34  
ARG NH1   HH12   sing N N 35  
ARG NH2   HH21   sing N N 36  
ARG NH2   HH22   sing N N 37  
ARG OXT   HXT    sing N N 38  
ASN N     CA     sing N N 39  
ASN N     H      sing N N 40  
ASN N     H2     sing N N 41  
ASN CA    C      sing N N 42  
ASN CA    CB     sing N N 43  
ASN CA    HA     sing N N 44  
ASN C     O      doub N N 45  
ASN C     OXT    sing N N 46  
ASN CB    CG     sing N N 47  
ASN CB    HB2    sing N N 48  
ASN CB    HB3    sing N N 49  
ASN CG    OD1    doub N N 50  
ASN CG    ND2    sing N N 51  
ASN ND2   HD21   sing N N 52  
ASN ND2   HD22   sing N N 53  
ASN OXT   HXT    sing N N 54  
ASP N     CA     sing N N 55  
ASP N     H      sing N N 56  
ASP N     H2     sing N N 57  
ASP CA    C      sing N N 58  
ASP CA    CB     sing N N 59  
ASP CA    HA     sing N N 60  
ASP C     O      doub N N 61  
ASP C     OXT    sing N N 62  
ASP CB    CG     sing N N 63  
ASP CB    HB2    sing N N 64  
ASP CB    HB3    sing N N 65  
ASP CG    OD1    doub N N 66  
ASP CG    OD2    sing N N 67  
ASP OD2   HD2    sing N N 68  
ASP OXT   HXT    sing N N 69  
CYS N     CA     sing N N 70  
CYS N     H      sing N N 71  
CYS N     H2     sing N N 72  
CYS CA    C      sing N N 73  
CYS CA    CB     sing N N 74  
CYS CA    HA     sing N N 75  
CYS C     O      doub N N 76  
CYS C     OXT    sing N N 77  
CYS CB    SG     sing N N 78  
CYS CB    HB2    sing N N 79  
CYS CB    HB3    sing N N 80  
CYS SG    HG     sing N N 81  
CYS OXT   HXT    sing N N 82  
GLN N     CA     sing N N 83  
GLN N     H      sing N N 84  
GLN N     H2     sing N N 85  
GLN CA    C      sing N N 86  
GLN CA    CB     sing N N 87  
GLN CA    HA     sing N N 88  
GLN C     O      doub N N 89  
GLN C     OXT    sing N N 90  
GLN CB    CG     sing N N 91  
GLN CB    HB2    sing N N 92  
GLN CB    HB3    sing N N 93  
GLN CG    CD     sing N N 94  
GLN CG    HG2    sing N N 95  
GLN CG    HG3    sing N N 96  
GLN CD    OE1    doub N N 97  
GLN CD    NE2    sing N N 98  
GLN NE2   HE21   sing N N 99  
GLN NE2   HE22   sing N N 100 
GLN OXT   HXT    sing N N 101 
GLU N     CA     sing N N 102 
GLU N     H      sing N N 103 
GLU N     H2     sing N N 104 
GLU CA    C      sing N N 105 
GLU CA    CB     sing N N 106 
GLU CA    HA     sing N N 107 
GLU C     O      doub N N 108 
GLU C     OXT    sing N N 109 
GLU CB    CG     sing N N 110 
GLU CB    HB2    sing N N 111 
GLU CB    HB3    sing N N 112 
GLU CG    CD     sing N N 113 
GLU CG    HG2    sing N N 114 
GLU CG    HG3    sing N N 115 
GLU CD    OE1    doub N N 116 
GLU CD    OE2    sing N N 117 
GLU OE2   HE2    sing N N 118 
GLU OXT   HXT    sing N N 119 
GLY N     CA     sing N N 120 
GLY N     H      sing N N 121 
GLY N     H2     sing N N 122 
GLY CA    C      sing N N 123 
GLY CA    HA2    sing N N 124 
GLY CA    HA3    sing N N 125 
GLY C     O      doub N N 126 
GLY C     OXT    sing N N 127 
GLY OXT   HXT    sing N N 128 
HIS N     CA     sing N N 129 
HIS N     H      sing N N 130 
HIS N     H2     sing N N 131 
HIS CA    C      sing N N 132 
HIS CA    CB     sing N N 133 
HIS CA    HA     sing N N 134 
HIS C     O      doub N N 135 
HIS C     OXT    sing N N 136 
HIS CB    CG     sing N N 137 
HIS CB    HB2    sing N N 138 
HIS CB    HB3    sing N N 139 
HIS CG    ND1    sing Y N 140 
HIS CG    CD2    doub Y N 141 
HIS ND1   CE1    doub Y N 142 
HIS ND1   HD1    sing N N 143 
HIS CD2   NE2    sing Y N 144 
HIS CD2   HD2    sing N N 145 
HIS CE1   NE2    sing Y N 146 
HIS CE1   HE1    sing N N 147 
HIS NE2   HE2    sing N N 148 
HIS OXT   HXT    sing N N 149 
HOH O     H1     sing N N 150 
HOH O     H2     sing N N 151 
ILE N     CA     sing N N 152 
ILE N     H      sing N N 153 
ILE N     H2     sing N N 154 
ILE CA    C      sing N N 155 
ILE CA    CB     sing N N 156 
ILE CA    HA     sing N N 157 
ILE C     O      doub N N 158 
ILE C     OXT    sing N N 159 
ILE CB    CG1    sing N N 160 
ILE CB    CG2    sing N N 161 
ILE CB    HB     sing N N 162 
ILE CG1   CD1    sing N N 163 
ILE CG1   HG12   sing N N 164 
ILE CG1   HG13   sing N N 165 
ILE CG2   HG21   sing N N 166 
ILE CG2   HG22   sing N N 167 
ILE CG2   HG23   sing N N 168 
ILE CD1   HD11   sing N N 169 
ILE CD1   HD12   sing N N 170 
ILE CD1   HD13   sing N N 171 
ILE OXT   HXT    sing N N 172 
LEU N     CA     sing N N 173 
LEU N     H      sing N N 174 
LEU N     H2     sing N N 175 
LEU CA    C      sing N N 176 
LEU CA    CB     sing N N 177 
LEU CA    HA     sing N N 178 
LEU C     O      doub N N 179 
LEU C     OXT    sing N N 180 
LEU CB    CG     sing N N 181 
LEU CB    HB2    sing N N 182 
LEU CB    HB3    sing N N 183 
LEU CG    CD1    sing N N 184 
LEU CG    CD2    sing N N 185 
LEU CG    HG     sing N N 186 
LEU CD1   HD11   sing N N 187 
LEU CD1   HD12   sing N N 188 
LEU CD1   HD13   sing N N 189 
LEU CD2   HD21   sing N N 190 
LEU CD2   HD22   sing N N 191 
LEU CD2   HD23   sing N N 192 
LEU OXT   HXT    sing N N 193 
LYS N     CA     sing N N 194 
LYS N     H      sing N N 195 
LYS N     H2     sing N N 196 
LYS CA    C      sing N N 197 
LYS CA    CB     sing N N 198 
LYS CA    HA     sing N N 199 
LYS C     O      doub N N 200 
LYS C     OXT    sing N N 201 
LYS CB    CG     sing N N 202 
LYS CB    HB2    sing N N 203 
LYS CB    HB3    sing N N 204 
LYS CG    CD     sing N N 205 
LYS CG    HG2    sing N N 206 
LYS CG    HG3    sing N N 207 
LYS CD    CE     sing N N 208 
LYS CD    HD2    sing N N 209 
LYS CD    HD3    sing N N 210 
LYS CE    NZ     sing N N 211 
LYS CE    HE2    sing N N 212 
LYS CE    HE3    sing N N 213 
LYS NZ    HZ1    sing N N 214 
LYS NZ    HZ2    sing N N 215 
LYS NZ    HZ3    sing N N 216 
LYS OXT   HXT    sing N N 217 
MET N     CA     sing N N 218 
MET N     H      sing N N 219 
MET N     H2     sing N N 220 
MET CA    C      sing N N 221 
MET CA    CB     sing N N 222 
MET CA    HA     sing N N 223 
MET C     O      doub N N 224 
MET C     OXT    sing N N 225 
MET CB    CG     sing N N 226 
MET CB    HB2    sing N N 227 
MET CB    HB3    sing N N 228 
MET CG    SD     sing N N 229 
MET CG    HG2    sing N N 230 
MET CG    HG3    sing N N 231 
MET SD    CE     sing N N 232 
MET CE    HE1    sing N N 233 
MET CE    HE2    sing N N 234 
MET CE    HE3    sing N N 235 
MET OXT   HXT    sing N N 236 
PHE N     CA     sing N N 237 
PHE N     H      sing N N 238 
PHE N     H2     sing N N 239 
PHE CA    C      sing N N 240 
PHE CA    CB     sing N N 241 
PHE CA    HA     sing N N 242 
PHE C     O      doub N N 243 
PHE C     OXT    sing N N 244 
PHE CB    CG     sing N N 245 
PHE CB    HB2    sing N N 246 
PHE CB    HB3    sing N N 247 
PHE CG    CD1    doub Y N 248 
PHE CG    CD2    sing Y N 249 
PHE CD1   CE1    sing Y N 250 
PHE CD1   HD1    sing N N 251 
PHE CD2   CE2    doub Y N 252 
PHE CD2   HD2    sing N N 253 
PHE CE1   CZ     doub Y N 254 
PHE CE1   HE1    sing N N 255 
PHE CE2   CZ     sing Y N 256 
PHE CE2   HE2    sing N N 257 
PHE CZ    HZ     sing N N 258 
PHE OXT   HXT    sing N N 259 
PRO N     CA     sing N N 260 
PRO N     CD     sing N N 261 
PRO N     H      sing N N 262 
PRO CA    C      sing N N 263 
PRO CA    CB     sing N N 264 
PRO CA    HA     sing N N 265 
PRO C     O      doub N N 266 
PRO C     OXT    sing N N 267 
PRO CB    CG     sing N N 268 
PRO CB    HB2    sing N N 269 
PRO CB    HB3    sing N N 270 
PRO CG    CD     sing N N 271 
PRO CG    HG2    sing N N 272 
PRO CG    HG3    sing N N 273 
PRO CD    HD2    sing N N 274 
PRO CD    HD3    sing N N 275 
PRO OXT   HXT    sing N N 276 
SAL "C1'" "O1'"  doub N N 277 
SAL "C1'" "O2'"  sing N N 278 
SAL "C1'" C1     sing N N 279 
SAL "O2'" "HO2'" sing N N 280 
SAL C1    C2     sing Y N 281 
SAL C1    C6     doub Y N 282 
SAL C2    C3     doub Y N 283 
SAL C2    O2     sing N N 284 
SAL C3    C4     sing Y N 285 
SAL C3    H3     sing N N 286 
SAL C4    C5     doub Y N 287 
SAL C4    H4     sing N N 288 
SAL C5    C6     sing Y N 289 
SAL C5    H5     sing N N 290 
SAL C6    H6     sing N N 291 
SAL O2    HO2    sing N N 292 
SER N     CA     sing N N 293 
SER N     H      sing N N 294 
SER N     H2     sing N N 295 
SER CA    C      sing N N 296 
SER CA    CB     sing N N 297 
SER CA    HA     sing N N 298 
SER C     O      doub N N 299 
SER C     OXT    sing N N 300 
SER CB    OG     sing N N 301 
SER CB    HB2    sing N N 302 
SER CB    HB3    sing N N 303 
SER OG    HG     sing N N 304 
SER OXT   HXT    sing N N 305 
SO4 S     O1     doub N N 306 
SO4 S     O2     doub N N 307 
SO4 S     O3     sing N N 308 
SO4 S     O4     sing N N 309 
THR N     CA     sing N N 310 
THR N     H      sing N N 311 
THR N     H2     sing N N 312 
THR CA    C      sing N N 313 
THR CA    CB     sing N N 314 
THR CA    HA     sing N N 315 
THR C     O      doub N N 316 
THR C     OXT    sing N N 317 
THR CB    OG1    sing N N 318 
THR CB    CG2    sing N N 319 
THR CB    HB     sing N N 320 
THR OG1   HG1    sing N N 321 
THR CG2   HG21   sing N N 322 
THR CG2   HG22   sing N N 323 
THR CG2   HG23   sing N N 324 
THR OXT   HXT    sing N N 325 
TRP N     CA     sing N N 326 
TRP N     H      sing N N 327 
TRP N     H2     sing N N 328 
TRP CA    C      sing N N 329 
TRP CA    CB     sing N N 330 
TRP CA    HA     sing N N 331 
TRP C     O      doub N N 332 
TRP C     OXT    sing N N 333 
TRP CB    CG     sing N N 334 
TRP CB    HB2    sing N N 335 
TRP CB    HB3    sing N N 336 
TRP CG    CD1    doub Y N 337 
TRP CG    CD2    sing Y N 338 
TRP CD1   NE1    sing Y N 339 
TRP CD1   HD1    sing N N 340 
TRP CD2   CE2    doub Y N 341 
TRP CD2   CE3    sing Y N 342 
TRP NE1   CE2    sing Y N 343 
TRP NE1   HE1    sing N N 344 
TRP CE2   CZ2    sing Y N 345 
TRP CE3   CZ3    doub Y N 346 
TRP CE3   HE3    sing N N 347 
TRP CZ2   CH2    doub Y N 348 
TRP CZ2   HZ2    sing N N 349 
TRP CZ3   CH2    sing Y N 350 
TRP CZ3   HZ3    sing N N 351 
TRP CH2   HH2    sing N N 352 
TRP OXT   HXT    sing N N 353 
TYR N     CA     sing N N 354 
TYR N     H      sing N N 355 
TYR N     H2     sing N N 356 
TYR CA    C      sing N N 357 
TYR CA    CB     sing N N 358 
TYR CA    HA     sing N N 359 
TYR C     O      doub N N 360 
TYR C     OXT    sing N N 361 
TYR CB    CG     sing N N 362 
TYR CB    HB2    sing N N 363 
TYR CB    HB3    sing N N 364 
TYR CG    CD1    doub Y N 365 
TYR CG    CD2    sing Y N 366 
TYR CD1   CE1    sing Y N 367 
TYR CD1   HD1    sing N N 368 
TYR CD2   CE2    doub Y N 369 
TYR CD2   HD2    sing N N 370 
TYR CE1   CZ     doub Y N 371 
TYR CE1   HE1    sing N N 372 
TYR CE2   CZ     sing Y N 373 
TYR CE2   HE2    sing N N 374 
TYR CZ    OH     sing N N 375 
TYR OH    HH     sing N N 376 
TYR OXT   HXT    sing N N 377 
VAL N     CA     sing N N 378 
VAL N     H      sing N N 379 
VAL N     H2     sing N N 380 
VAL CA    C      sing N N 381 
VAL CA    CB     sing N N 382 
VAL CA    HA     sing N N 383 
VAL C     O      doub N N 384 
VAL C     OXT    sing N N 385 
VAL CB    CG1    sing N N 386 
VAL CB    CG2    sing N N 387 
VAL CB    HB     sing N N 388 
VAL CG1   HG11   sing N N 389 
VAL CG1   HG12   sing N N 390 
VAL CG1   HG13   sing N N 391 
VAL CG2   HG21   sing N N 392 
VAL CG2   HG22   sing N N 393 
VAL CG2   HG23   sing N N 394 
VAL OXT   HXT    sing N N 395 
# 
_atom_sites.entry_id                    4EM2 
_atom_sites.fract_transf_matrix[1][1]   -0.01218386 
_atom_sites.fract_transf_matrix[1][2]   -0.00461397 
_atom_sites.fract_transf_matrix[1][3]   -0.00428766 
_atom_sites.fract_transf_matrix[2][1]   -0.01028448 
_atom_sites.fract_transf_matrix[2][2]   -0.00153767 
_atom_sites.fract_transf_matrix[2][3]   0.00894239 
_atom_sites.fract_transf_matrix[3][1]   -0.00478010 
_atom_sites.fract_transf_matrix[3][2]   0.01528830 
_atom_sites.fract_transf_matrix[3][3]   -0.00286863 
_atom_sites.fract_transf_vector[1]      0.384544 
_atom_sites.fract_transf_vector[2]      0.517965 
_atom_sites.fract_transf_vector[3]      0.079074 
# 
loop_
_atom_type.symbol 
C 
N 
O 
S 
# 
loop_
_atom_site.group_PDB 
_atom_site.id 
_atom_site.type_symbol 
_atom_site.label_atom_id 
_atom_site.label_alt_id 
_atom_site.label_comp_id 
_atom_site.label_asym_id 
_atom_site.label_entity_id 
_atom_site.label_seq_id 
_atom_site.pdbx_PDB_ins_code 
_atom_site.Cartn_x 
_atom_site.Cartn_y 
_atom_site.Cartn_z 
_atom_site.occupancy 
_atom_site.B_iso_or_equiv 
_atom_site.pdbx_formal_charge 
_atom_site.auth_seq_id 
_atom_site.auth_comp_id 
_atom_site.auth_asym_id 
_atom_site.auth_atom_id 
_atom_site.pdbx_PDB_model_num 
ATOM   1    N N     . THR A 1 1   ? -4.405  -16.290 2.297   1.00 62.71 ? 7   THR A N     1 
ATOM   2    C CA    . THR A 1 1   ? -5.766  -15.726 1.995   1.00 62.25 ? 7   THR A CA    1 
ATOM   3    C C     . THR A 1 1   ? -5.657  -14.231 1.664   1.00 60.03 ? 7   THR A C     1 
ATOM   4    O O     . THR A 1 1   ? -6.338  -13.731 0.760   1.00 58.74 ? 7   THR A O     1 
ATOM   5    C CB    . THR A 1 1   ? -6.721  -15.914 3.202   1.00 63.58 ? 7   THR A CB    1 
ATOM   6    O OG1   . THR A 1 1   ? -6.611  -17.267 3.657   1.00 66.17 ? 7   THR A OG1   1 
ATOM   7    C CG2   . THR A 1 1   ? -8.183  -15.630 2.805   1.00 64.09 ? 7   THR A CG2   1 
ATOM   8    N N     . ALA A 1 2   ? -4.797  -13.523 2.402   1.00 58.06 ? 8   ALA A N     1 
ATOM   9    C CA    . ALA A 1 2   ? -4.598  -12.097 2.152   1.00 55.15 ? 8   ALA A CA    1 
ATOM   10   C C     . ALA A 1 2   ? -4.113  -11.930 0.696   1.00 52.98 ? 8   ALA A C     1 
ATOM   11   O O     . ALA A 1 2   ? -4.831  -11.331 -0.141  1.00 51.18 ? 8   ALA A O     1 
ATOM   12   C CB    . ALA A 1 2   ? -3.581  -11.503 3.138   1.00 55.50 ? 8   ALA A CB    1 
ATOM   13   N N     . ALA A 1 3   ? -2.922  -12.472 0.392   1.00 49.84 ? 9   ALA A N     1 
ATOM   14   C CA    . ALA A 1 3   ? -2.352  -12.380 -0.964  1.00 47.33 ? 9   ALA A CA    1 
ATOM   15   C C     . ALA A 1 3   ? -3.389  -12.893 -1.984  1.00 46.84 ? 9   ALA A C     1 
ATOM   16   O O     . ALA A 1 3   ? -3.581  -12.275 -3.045  1.00 44.05 ? 9   ALA A O     1 
ATOM   17   C CB    . ALA A 1 3   ? -1.054  -13.191 -1.062  1.00 43.90 ? 9   ALA A CB    1 
ATOM   18   N N     . ALA A 1 4   ? -4.070  -14.001 -1.636  1.00 46.81 ? 10  ALA A N     1 
ATOM   19   C CA    . ALA A 1 4   ? -5.107  -14.622 -2.503  1.00 46.80 ? 10  ALA A CA    1 
ATOM   20   C C     . ALA A 1 4   ? -6.293  -13.677 -2.708  1.00 47.73 ? 10  ALA A C     1 
ATOM   21   O O     . ALA A 1 4   ? -6.808  -13.539 -3.835  1.00 47.55 ? 10  ALA A O     1 
ATOM   22   C CB    . ALA A 1 4   ? -5.622  -15.958 -1.885  1.00 45.00 ? 10  ALA A CB    1 
ATOM   23   N N     . LYS A 1 5   ? -6.731  -13.048 -1.610  1.00 48.14 ? 11  LYS A N     1 
ATOM   24   C CA    . LYS A 1 5   ? -7.869  -12.124 -1.648  1.00 48.09 ? 11  LYS A CA    1 
ATOM   25   C C     . LYS A 1 5   ? -7.519  -11.049 -2.669  1.00 46.97 ? 11  LYS A C     1 
ATOM   26   O O     . LYS A 1 5   ? -8.269  -10.829 -3.643  1.00 46.04 ? 11  LYS A O     1 
ATOM   27   C CB    . LYS A 1 5   ? -8.150  -11.476 -0.252  1.00 48.52 ? 11  LYS A CB    1 
ATOM   28   C CG    . LYS A 1 5   ? -9.331  -10.404 -0.251  1.00 50.25 ? 11  LYS A CG    1 
ATOM   29   C CD    . LYS A 1 5   ? -9.776  -9.918  1.175   1.00 50.35 ? 11  LYS A CD    1 
ATOM   30   C CE    . LYS A 1 5   ? -11.085 -9.061  1.124   1.00 52.17 ? 11  LYS A CE    1 
ATOM   31   N NZ    . LYS A 1 5   ? -11.579 -8.412  2.420   1.00 50.14 ? 11  LYS A NZ    1 
ATOM   32   N N     . PHE A 1 6   ? -6.361  -10.409 -2.455  1.00 45.65 ? 12  PHE A N     1 
ATOM   33   C CA    . PHE A 1 6   ? -5.887  -9.334  -3.321  1.00 44.38 ? 12  PHE A CA    1 
ATOM   34   C C     . PHE A 1 6   ? -5.817  -9.741  -4.794  1.00 46.61 ? 12  PHE A C     1 
ATOM   35   O O     . PHE A 1 6   ? -5.839  -8.910  -5.678  1.00 46.22 ? 12  PHE A O     1 
ATOM   36   C CB    . PHE A 1 6   ? -4.539  -8.867  -2.830  1.00 42.93 ? 12  PHE A CB    1 
ATOM   37   C CG    . PHE A 1 6   ? -4.334  -7.366  -2.963  1.00 42.33 ? 12  PHE A CG    1 
ATOM   38   C CD1   . PHE A 1 6   ? -5.427  -6.495  -2.885  1.00 40.16 ? 12  PHE A CD1   1 
ATOM   39   C CD2   . PHE A 1 6   ? -3.054  -6.816  -3.125  1.00 39.50 ? 12  PHE A CD2   1 
ATOM   40   C CE1   . PHE A 1 6   ? -5.225  -5.128  -2.965  1.00 37.72 ? 12  PHE A CE1   1 
ATOM   41   C CE2   . PHE A 1 6   ? -2.898  -5.432  -3.195  1.00 36.21 ? 12  PHE A CE2   1 
ATOM   42   C CZ    . PHE A 1 6   ? -3.958  -4.631  -3.114  1.00 31.44 ? 12  PHE A CZ    1 
ATOM   43   N N     . GLU A 1 7   ? -5.757  -11.047 -5.039  1.00 50.78 ? 13  GLU A N     1 
ATOM   44   C CA    . GLU A 1 7   ? -5.703  -11.630 -6.391  1.00 53.69 ? 13  GLU A CA    1 
ATOM   45   C C     . GLU A 1 7   ? -4.276  -11.610 -6.955  1.00 55.49 ? 13  GLU A C     1 
ATOM   46   O O     . GLU A 1 7   ? -3.368  -12.126 -6.251  1.00 56.68 ? 13  GLU A O     1 
ATOM   47   C CB    . GLU A 1 7   ? -6.637  -10.887 -7.351  1.00 52.40 ? 13  GLU A CB    1 
ATOM   48   C CG    . GLU A 1 7   ? -7.946  -10.381 -6.709  1.00 53.16 ? 13  GLU A CG    1 
ATOM   49   C CD    . GLU A 1 7   ? -9.101  -11.093 -7.301  1.00 51.06 ? 13  GLU A CD    1 
ATOM   50   O OE1   . GLU A 1 7   ? -9.255  -12.273 -6.916  1.00 52.90 ? 13  GLU A OE1   1 
ATOM   51   O OE2   . GLU A 1 7   ? -9.812  -10.516 -8.158  1.00 45.76 ? 13  GLU A OE2   1 
ATOM   52   N N     . MET A 1 33  ? 12.916  -10.685 -26.869 1.00 55.38 ? 39  MET A N     1 
ATOM   53   C CA    . MET A 1 33  ? 13.104  -9.213  -26.846 1.00 56.29 ? 39  MET A CA    1 
ATOM   54   C C     . MET A 1 33  ? 13.655  -8.856  -25.466 1.00 54.96 ? 39  MET A C     1 
ATOM   55   O O     . MET A 1 33  ? 13.331  -9.517  -24.471 1.00 54.61 ? 39  MET A O     1 
ATOM   56   C CB    . MET A 1 33  ? 11.761  -8.497  -27.054 1.00 59.60 ? 39  MET A CB    1 
ATOM   57   C CG    . MET A 1 33  ? 11.214  -8.489  -28.498 1.00 64.56 ? 39  MET A CG    1 
ATOM   58   S SD    . MET A 1 33  ? 11.933  -7.207  -29.613 1.00 68.33 ? 39  MET A SD    1 
ATOM   59   C CE    . MET A 1 33  ? 13.175  -8.222  -30.645 1.00 68.02 ? 39  MET A CE    1 
ATOM   60   N N     . LEU A 1 34  ? 14.484  -7.813  -25.411 1.00 51.73 ? 40  LEU A N     1 
ATOM   61   C CA    . LEU A 1 34  ? 15.051  -7.363  -24.155 1.00 47.71 ? 40  LEU A CA    1 
ATOM   62   C C     . LEU A 1 34  ? 13.970  -6.595  -23.374 1.00 46.09 ? 40  LEU A C     1 
ATOM   63   O O     . LEU A 1 34  ? 13.859  -6.735  -22.155 1.00 44.61 ? 40  LEU A O     1 
ATOM   64   C CB    . LEU A 1 34  ? 16.261  -6.450  -24.400 1.00 47.31 ? 40  LEU A CB    1 
ATOM   65   C CG    . LEU A 1 34  ? 17.008  -5.933  -23.157 1.00 46.26 ? 40  LEU A CG    1 
ATOM   66   C CD1   . LEU A 1 34  ? 17.503  -7.084  -22.318 1.00 47.20 ? 40  LEU A CD1   1 
ATOM   67   C CD2   . LEU A 1 34  ? 18.189  -5.095  -23.583 1.00 46.64 ? 40  LEU A CD2   1 
ATOM   68   N N     . SER A 1 35  ? 13.164  -5.798  -24.075 1.00 43.17 ? 41  SER A N     1 
ATOM   69   C CA    . SER A 1 35  ? 12.125  -5.026  -23.406 1.00 40.95 ? 41  SER A CA    1 
ATOM   70   C C     . SER A 1 35  ? 11.078  -5.945  -22.744 1.00 39.20 ? 41  SER A C     1 
ATOM   71   O O     . SER A 1 35  ? 10.563  -5.627  -21.694 1.00 38.97 ? 41  SER A O     1 
ATOM   72   C CB    . SER A 1 35  ? 11.465  -4.038  -24.382 1.00 40.83 ? 41  SER A CB    1 
ATOM   73   O OG    . SER A 1 35  ? 10.932  -4.694  -25.518 1.00 41.55 ? 41  SER A OG    1 
ATOM   74   N N     . GLN A 1 36  ? 10.787  -7.079  -23.355 1.00 37.10 ? 42  GLN A N     1 
ATOM   75   C CA    . GLN A 1 36  ? 9.836   -8.020  -22.790 1.00 38.31 ? 42  GLN A CA    1 
ATOM   76   C C     . GLN A 1 36  ? 10.384  -8.683  -21.513 1.00 37.12 ? 42  GLN A C     1 
ATOM   77   O O     . GLN A 1 36  ? 9.717   -8.736  -20.488 1.00 34.14 ? 42  GLN A O     1 
ATOM   78   C CB    . GLN A 1 36  ? 9.495   -9.106  -23.811 1.00 39.11 ? 42  GLN A CB    1 
ATOM   79   C CG    . GLN A 1 36  ? 8.494   -10.090 -23.310 1.00 43.21 ? 42  GLN A CG    1 
ATOM   80   C CD    . GLN A 1 36  ? 7.241   -10.185 -24.190 1.00 45.30 ? 42  GLN A CD    1 
ATOM   81   O OE1   . GLN A 1 36  ? 6.171   -9.649  -23.844 1.00 44.64 ? 42  GLN A OE1   1 
ATOM   82   N NE2   . GLN A 1 36  ? 7.371   -10.870 -25.332 1.00 44.55 ? 42  GLN A NE2   1 
ATOM   83   N N     . GLU A 1 37  ? 11.619  -9.174  -21.584 1.00 37.34 ? 43  GLU A N     1 
ATOM   84   C CA    . GLU A 1 37  ? 12.239  -9.834  -20.445 1.00 36.32 ? 43  GLU A CA    1 
ATOM   85   C C     . GLU A 1 37  ? 12.401  -8.804  -19.310 1.00 34.04 ? 43  GLU A C     1 
ATOM   86   O O     . GLU A 1 37  ? 12.244  -9.120  -18.125 1.00 34.21 ? 43  GLU A O     1 
ATOM   87   C CB    . GLU A 1 37  ? 13.580  -10.441 -20.856 1.00 39.07 ? 43  GLU A CB    1 
ATOM   88   C CG    . GLU A 1 37  ? 14.338  -11.046 -19.677 1.00 43.08 ? 43  GLU A CG    1 
ATOM   89   C CD    . GLU A 1 37  ? 15.670  -11.656 -20.090 1.00 46.50 ? 43  GLU A CD    1 
ATOM   90   O OE1   . GLU A 1 37  ? 16.350  -11.055 -20.956 1.00 47.65 ? 43  GLU A OE1   1 
ATOM   91   O OE2   . GLU A 1 37  ? 16.039  -12.727 -19.536 1.00 47.11 ? 43  GLU A OE2   1 
ATOM   92   N N     . PHE A 1 38  ? 12.692  -7.575  -19.710 1.00 30.44 ? 44  PHE A N     1 
ATOM   93   C CA    . PHE A 1 38  ? 12.849  -6.438  -18.828 1.00 29.15 ? 44  PHE A CA    1 
ATOM   94   C C     . PHE A 1 38  ? 11.525  -6.200  -18.039 1.00 30.08 ? 44  PHE A C     1 
ATOM   95   O O     . PHE A 1 38  ? 11.517  -6.210  -16.794 1.00 30.51 ? 44  PHE A O     1 
ATOM   96   C CB    . PHE A 1 38  ? 13.200  -5.195  -19.652 1.00 26.16 ? 44  PHE A CB    1 
ATOM   97   C CG    . PHE A 1 38  ? 13.139  -3.896  -18.871 1.00 28.66 ? 44  PHE A CG    1 
ATOM   98   C CD1   . PHE A 1 38  ? 13.981  -3.675  -17.770 1.00 26.15 ? 44  PHE A CD1   1 
ATOM   99   C CD2   . PHE A 1 38  ? 12.248  -2.891  -19.243 1.00 26.82 ? 44  PHE A CD2   1 
ATOM   100  C CE1   . PHE A 1 38  ? 13.937  -2.498  -17.062 1.00 25.57 ? 44  PHE A CE1   1 
ATOM   101  C CE2   . PHE A 1 38  ? 12.197  -1.708  -18.550 1.00 27.76 ? 44  PHE A CE2   1 
ATOM   102  C CZ    . PHE A 1 38  ? 13.065  -1.498  -17.422 1.00 27.07 ? 44  PHE A CZ    1 
ATOM   103  N N     . PHE A 1 39  ? 10.417  -5.996  -18.744 1.00 28.44 ? 45  PHE A N     1 
ATOM   104  C CA    . PHE A 1 39  ? 9.135   -5.773  -18.048 1.00 28.21 ? 45  PHE A CA    1 
ATOM   105  C C     . PHE A 1 39  ? 8.781   -6.999  -17.222 1.00 28.12 ? 45  PHE A C     1 
ATOM   106  O O     . PHE A 1 39  ? 8.325   -6.877  -16.092 1.00 27.43 ? 45  PHE A O     1 
ATOM   107  C CB    . PHE A 1 39  ? 7.983   -5.486  -19.015 1.00 27.09 ? 45  PHE A CB    1 
ATOM   108  C CG    . PHE A 1 39  ? 7.801   -4.016  -19.316 1.00 27.33 ? 45  PHE A CG    1 
ATOM   109  C CD1   . PHE A 1 39  ? 8.498   -3.419  -20.368 1.00 26.42 ? 45  PHE A CD1   1 
ATOM   110  C CD2   . PHE A 1 39  ? 7.000   -3.234  -18.513 1.00 25.35 ? 45  PHE A CD2   1 
ATOM   111  C CE1   . PHE A 1 39  ? 8.388   -2.025  -20.615 1.00 25.87 ? 45  PHE A CE1   1 
ATOM   112  C CE2   . PHE A 1 39  ? 6.878   -1.877  -18.725 1.00 27.78 ? 45  PHE A CE2   1 
ATOM   113  C CZ    . PHE A 1 39  ? 7.597   -1.256  -19.817 1.00 25.97 ? 45  PHE A CZ    1 
ATOM   114  N N     . ASN A 1 40  ? 9.027   -8.175  -17.766 1.00 27.06 ? 46  ASN A N     1 
ATOM   115  C CA    . ASN A 1 40  ? 8.674   -9.379  -17.020 1.00 30.02 ? 46  ASN A CA    1 
ATOM   116  C C     . ASN A 1 40  ? 9.428   -9.489  -15.719 1.00 29.49 ? 46  ASN A C     1 
ATOM   117  O O     . ASN A 1 40  ? 8.892   -9.986  -14.733 1.00 29.19 ? 46  ASN A O     1 
ATOM   118  C CB    . ASN A 1 40  ? 8.964   -10.653 -17.823 1.00 33.53 ? 46  ASN A CB    1 
ATOM   119  C CG    . ASN A 1 40  ? 8.026   -10.840 -18.998 1.00 37.57 ? 46  ASN A CG    1 
ATOM   120  O OD1   . ASN A 1 40  ? 7.070   -10.079 -19.205 1.00 40.56 ? 46  ASN A OD1   1 
ATOM   121  N ND2   . ASN A 1 40  ? 8.302   -11.872 -19.792 1.00 39.97 ? 46  ASN A ND2   1 
ATOM   122  N N     . SER A 1 41  ? 10.688  -9.043  -15.735 1.00 29.17 ? 47  SER A N     1 
ATOM   123  C CA    . SER A 1 41  ? 11.529  -9.158  -14.550 1.00 29.72 ? 47  SER A CA    1 
ATOM   124  C C     . SER A 1 41  ? 10.939  -8.435  -13.353 1.00 29.94 ? 47  SER A C     1 
ATOM   125  O O     . SER A 1 41  ? 11.097  -8.915  -12.209 1.00 31.70 ? 47  SER A O     1 
ATOM   126  C CB    . SER A 1 41  ? 12.969  -8.660  -14.795 1.00 26.27 ? 47  SER A CB    1 
ATOM   127  O OG    . SER A 1 41  ? 13.013  -7.244  -14.904 1.00 25.42 ? 47  SER A OG    1 
ATOM   128  N N     . PHE A 1 42  ? 10.279  -7.305  -13.576 1.00 27.25 ? 48  PHE A N     1 
ATOM   129  C CA    . PHE A 1 42  ? 9.699   -6.611  -12.419 1.00 28.55 ? 48  PHE A CA    1 
ATOM   130  C C     . PHE A 1 42  ? 8.183   -6.826  -12.235 1.00 29.12 ? 48  PHE A C     1 
ATOM   131  O O     . PHE A 1 42  ? 7.690   -6.794  -11.090 1.00 29.55 ? 48  PHE A O     1 
ATOM   132  C CB    . PHE A 1 42  ? 10.068  -5.107  -12.385 1.00 26.18 ? 48  PHE A CB    1 
ATOM   133  C CG    . PHE A 1 42  ? 9.716   -4.326  -13.637 1.00 28.14 ? 48  PHE A CG    1 
ATOM   134  C CD1   . PHE A 1 42  ? 8.428   -3.832  -13.846 1.00 25.07 ? 48  PHE A CD1   1 
ATOM   135  C CD2   . PHE A 1 42  ? 10.719  -4.000  -14.573 1.00 27.39 ? 48  PHE A CD2   1 
ATOM   136  C CE1   . PHE A 1 42  ? 8.129   -3.020  -14.974 1.00 26.55 ? 48  PHE A CE1   1 
ATOM   137  C CE2   . PHE A 1 42  ? 10.428  -3.190  -15.695 1.00 26.64 ? 48  PHE A CE2   1 
ATOM   138  C CZ    . PHE A 1 42  ? 9.115   -2.698  -15.891 1.00 25.33 ? 48  PHE A CZ    1 
ATOM   139  N N     . ILE A 1 43  ? 7.446   -7.122  -13.314 1.00 25.85 ? 49  ILE A N     1 
ATOM   140  C CA    . ILE A 1 43  ? 6.007   -7.343  -13.138 1.00 24.97 ? 49  ILE A CA    1 
ATOM   141  C C     . ILE A 1 43  ? 5.762   -8.694  -12.448 1.00 23.99 ? 49  ILE A C     1 
ATOM   142  O O     . ILE A 1 43  ? 4.869   -8.835  -11.616 1.00 23.66 ? 49  ILE A O     1 
ATOM   143  C CB    . ILE A 1 43  ? 5.254   -7.316  -14.530 1.00 25.07 ? 49  ILE A CB    1 
ATOM   144  C CG1   . ILE A 1 43  ? 5.411   -5.924  -15.137 1.00 24.34 ? 49  ILE A CG1   1 
ATOM   145  C CG2   . ILE A 1 43  ? 3.759   -7.760  -14.374 1.00 22.98 ? 49  ILE A CG2   1 
ATOM   146  C CD1   . ILE A 1 43  ? 4.986   -4.813  -14.192 1.00 22.66 ? 49  ILE A CD1   1 
ATOM   147  N N     . THR A 1 44  ? 6.569   -9.694  -12.766 1.00 23.00 ? 50  THR A N     1 
ATOM   148  C CA    . THR A 1 44  ? 6.351   -11.023 -12.164 1.00 24.13 ? 50  THR A CA    1 
ATOM   149  C C     . THR A 1 44  ? 6.829   -11.136 -10.711 1.00 24.12 ? 50  THR A C     1 
ATOM   150  O O     . THR A 1 44  ? 6.597   -12.142 -10.052 1.00 24.51 ? 50  THR A O     1 
ATOM   151  C CB    . THR A 1 44  ? 7.070   -12.182 -12.956 1.00 26.29 ? 50  THR A CB    1 
ATOM   152  O OG1   . THR A 1 44  ? 8.490   -11.958 -12.935 1.00 23.88 ? 50  THR A OG1   1 
ATOM   153  C CG2   . THR A 1 44  ? 6.591   -12.242 -14.400 1.00 26.73 ? 50  THR A CG2   1 
ATOM   154  N N     . ILE A 1 45  ? 7.528   -10.134 -10.224 1.00 24.36 ? 51  ILE A N     1 
ATOM   155  C CA    . ILE A 1 45  ? 7.949   -10.171 -8.846  1.00 25.08 ? 51  ILE A CA    1 
ATOM   156  C C     . ILE A 1 45  ? 6.817   -9.774  -7.843  1.00 25.41 ? 51  ILE A C     1 
ATOM   157  O O     . ILE A 1 45  ? 6.872   -10.093 -6.613  1.00 25.38 ? 51  ILE A O     1 
ATOM   158  C CB    . ILE A 1 45  ? 9.171   -9.207  -8.710  1.00 29.05 ? 51  ILE A CB    1 
ATOM   159  C CG1   . ILE A 1 45  ? 10.325  -9.899  -7.991  1.00 35.52 ? 51  ILE A CG1   1 
ATOM   160  C CG2   . ILE A 1 45  ? 8.773   -7.982  -7.953  1.00 31.93 ? 51  ILE A CG2   1 
ATOM   161  C CD1   . ILE A 1 45  ? 11.681  -9.154  -8.172  1.00 35.99 ? 51  ILE A CD1   1 
ATOM   162  N N     . TYR A 1 46  ? 5.808   -9.065  -8.339  1.00 22.92 ? 52  TYR A N     1 
ATOM   163  C CA    . TYR A 1 46  ? 4.717   -8.564  -7.466  1.00 22.64 ? 52  TYR A CA    1 
ATOM   164  C C     . TYR A 1 46  ? 4.002   -9.633  -6.637  1.00 24.50 ? 52  TYR A C     1 
ATOM   165  O O     . TYR A 1 46  ? 3.977   -9.536  -5.416  1.00 23.30 ? 52  TYR A O     1 
ATOM   166  C CB    . TYR A 1 46  ? 3.710   -7.777  -8.325  1.00 23.64 ? 52  TYR A CB    1 
ATOM   167  C CG    . TYR A 1 46  ? 2.636   -7.040  -7.572  1.00 21.29 ? 52  TYR A CG    1 
ATOM   168  C CD1   . TYR A 1 46  ? 2.871   -5.732  -7.071  1.00 23.25 ? 52  TYR A CD1   1 
ATOM   169  C CD2   . TYR A 1 46  ? 1.380   -7.596  -7.432  1.00 18.45 ? 52  TYR A CD2   1 
ATOM   170  C CE1   . TYR A 1 46  ? 1.852   -4.986  -6.473  1.00 20.96 ? 52  TYR A CE1   1 
ATOM   171  C CE2   . TYR A 1 46  ? 0.355   -6.898  -6.829  1.00 20.13 ? 52  TYR A CE2   1 
ATOM   172  C CZ    . TYR A 1 46  ? 0.592   -5.586  -6.366  1.00 22.42 ? 52  TYR A CZ    1 
ATOM   173  O OH    . TYR A 1 46  ? -0.432  -4.847  -5.868  1.00 21.64 ? 52  TYR A OH    1 
ATOM   174  N N     . ARG A 1 47  ? 3.425   -10.644 -7.300  1.00 22.86 ? 53  ARG A N     1 
ATOM   175  C CA    . ARG A 1 47  ? 2.703   -11.696 -6.624  1.00 25.20 ? 53  ARG A CA    1 
ATOM   176  C C     . ARG A 1 47  ? 3.544   -12.482 -5.608  1.00 24.68 ? 53  ARG A C     1 
ATOM   177  O O     . ARG A 1 47  ? 3.104   -12.695 -4.479  1.00 25.83 ? 53  ARG A O     1 
ATOM   178  C CB    . ARG A 1 47  ? 2.042   -12.625 -7.661  1.00 26.22 ? 53  ARG A CB    1 
ATOM   179  C CG    . ARG A 1 47  ? 0.855   -11.969 -8.372  1.00 31.40 ? 53  ARG A CG    1 
ATOM   180  C CD    . ARG A 1 47  ? -0.125  -11.242 -7.368  1.00 37.13 ? 53  ARG A CD    1 
ATOM   181  N NE    . ARG A 1 47  ? -1.238  -10.592 -8.095  1.00 41.23 ? 53  ARG A NE    1 
ATOM   182  C CZ    . ARG A 1 47  ? -2.063  -9.657  -7.602  1.00 42.83 ? 53  ARG A CZ    1 
ATOM   183  N NH1   . ARG A 1 47  ? -1.945  -9.239  -6.337  1.00 42.54 ? 53  ARG A NH1   1 
ATOM   184  N NH2   . ARG A 1 47  ? -2.964  -9.090  -8.398  1.00 39.20 ? 53  ARG A NH2   1 
ATOM   185  N N     . PRO A 1 48  ? 4.750   -12.930 -5.998  1.00 25.20 ? 54  PRO A N     1 
ATOM   186  C CA    . PRO A 1 48  ? 5.619   -13.670 -5.086  1.00 25.91 ? 54  PRO A CA    1 
ATOM   187  C C     . PRO A 1 48  ? 5.915   -12.757 -3.864  1.00 26.98 ? 54  PRO A C     1 
ATOM   188  O O     . PRO A 1 48  ? 6.023   -13.215 -2.719  1.00 28.44 ? 54  PRO A O     1 
ATOM   189  C CB    . PRO A 1 48  ? 6.903   -13.889 -5.915  1.00 28.15 ? 54  PRO A CB    1 
ATOM   190  C CG    . PRO A 1 48  ? 6.422   -13.837 -7.362  1.00 28.40 ? 54  PRO A CG    1 
ATOM   191  C CD    . PRO A 1 48  ? 5.349   -12.788 -7.346  1.00 25.68 ? 54  PRO A CD    1 
ATOM   192  N N     . TYR A 1 49  ? 6.085   -11.475 -4.139  1.00 25.65 ? 55  TYR A N     1 
ATOM   193  C CA    . TYR A 1 49  ? 6.365   -10.506 -3.106  1.00 27.52 ? 55  TYR A CA    1 
ATOM   194  C C     . TYR A 1 49  ? 5.208   -10.397 -2.108  1.00 27.05 ? 55  TYR A C     1 
ATOM   195  O O     . TYR A 1 49  ? 5.423   -10.401 -0.914  1.00 28.34 ? 55  TYR A O     1 
ATOM   196  C CB    . TYR A 1 49  ? 6.653   -9.130  -3.701  1.00 26.08 ? 55  TYR A CB    1 
ATOM   197  C CG    . TYR A 1 49  ? 6.884   -8.100  -2.614  1.00 28.69 ? 55  TYR A CG    1 
ATOM   198  C CD1   . TYR A 1 49  ? 8.005   -8.180  -1.777  1.00 28.65 ? 55  TYR A CD1   1 
ATOM   199  C CD2   . TYR A 1 49  ? 5.947   -7.072  -2.380  1.00 27.70 ? 55  TYR A CD2   1 
ATOM   200  C CE1   . TYR A 1 49  ? 8.181   -7.259  -0.722  1.00 26.59 ? 55  TYR A CE1   1 
ATOM   201  C CE2   . TYR A 1 49  ? 6.122   -6.129  -1.328  1.00 29.03 ? 55  TYR A CE2   1 
ATOM   202  C CZ    . TYR A 1 49  ? 7.254   -6.246  -0.506  1.00 30.07 ? 55  TYR A CZ    1 
ATOM   203  O OH    . TYR A 1 49  ? 7.474   -5.320  0.521   1.00 30.45 ? 55  TYR A OH    1 
ATOM   204  N N     . LEU A 1 50  ? 3.991   -10.324 -2.610  1.00 25.55 ? 56  LEU A N     1 
ATOM   205  C CA    . LEU A 1 50  ? 2.861   -10.216 -1.732  1.00 26.24 ? 56  LEU A CA    1 
ATOM   206  C C     . LEU A 1 50  ? 2.607   -11.467 -0.945  1.00 26.78 ? 56  LEU A C     1 
ATOM   207  O O     . LEU A 1 50  ? 2.162   -11.398 0.215   1.00 24.44 ? 56  LEU A O     1 
ATOM   208  C CB    . LEU A 1 50  ? 1.638   -9.775  -2.527  1.00 26.69 ? 56  LEU A CB    1 
ATOM   209  C CG    . LEU A 1 50  ? 2.035   -8.327  -3.057  1.00 30.18 ? 56  LEU A CG    1 
ATOM   210  C CD1   . LEU A 1 50  ? 0.847   -7.556  -3.371  1.00 24.06 ? 56  LEU A CD1   1 
ATOM   211  C CD2   . LEU A 1 50  ? 2.829   -7.453  -1.967  1.00 27.21 ? 56  LEU A CD2   1 
ATOM   212  N N     . LYS A 1 51  ? 2.912   -12.608 -1.539  1.00 26.82 ? 57  LYS A N     1 
ATOM   213  C CA    . LYS A 1 51  ? 2.726   -13.867 -0.816  1.00 31.11 ? 57  LYS A CA    1 
ATOM   214  C C     . LYS A 1 51  ? 3.690   -13.894 0.340   1.00 31.72 ? 57  LYS A C     1 
ATOM   215  O O     . LYS A 1 51  ? 3.363   -14.386 1.394   1.00 32.04 ? 57  LYS A O     1 
ATOM   216  C CB    . LYS A 1 51  ? 3.031   -15.086 -1.693  1.00 33.33 ? 57  LYS A CB    1 
ATOM   217  C CG    . LYS A 1 51  ? 1.803   -15.557 -2.417  1.00 39.58 ? 57  LYS A CG    1 
ATOM   218  C CD    . LYS A 1 51  ? 2.174   -16.187 -3.756  1.00 44.76 ? 57  LYS A CD    1 
ATOM   219  C CE    . LYS A 1 51  ? 0.915   -16.641 -4.528  1.00 43.88 ? 57  LYS A CE    1 
ATOM   220  N NZ    . LYS A 1 51  ? 0.294   -17.805 -3.808  1.00 46.53 ? 57  LYS A NZ    1 
ATOM   221  N N     . LEU A 1 52  ? 4.902   -13.423 0.108   1.00 30.55 ? 58  LEU A N     1 
ATOM   222  C CA    . LEU A 1 52  ? 5.848   -13.437 1.182   1.00 32.06 ? 58  LEU A CA    1 
ATOM   223  C C     . LEU A 1 52  ? 5.495   -12.445 2.293   1.00 32.06 ? 58  LEU A C     1 
ATOM   224  O O     . LEU A 1 52  ? 5.765   -12.699 3.433   1.00 34.27 ? 58  LEU A O     1 
ATOM   225  C CB    . LEU A 1 52  ? 7.264   -13.135 0.686   1.00 32.39 ? 58  LEU A CB    1 
ATOM   226  C CG    . LEU A 1 52  ? 8.291   -13.374 1.803   1.00 34.40 ? 58  LEU A CG    1 
ATOM   227  C CD1   . LEU A 1 52  ? 8.301   -14.888 2.125   1.00 34.77 ? 58  LEU A CD1   1 
ATOM   228  C CD2   . LEU A 1 52  ? 9.674   -12.880 1.455   1.00 29.88 ? 58  LEU A CD2   1 
ATOM   229  N N     . THR A 1 53  ? 4.906   -11.304 1.971   1.00 31.48 ? 59  THR A N     1 
ATOM   230  C CA    . THR A 1 53  ? 4.614   -10.330 3.023   1.00 30.94 ? 59  THR A CA    1 
ATOM   231  C C     . THR A 1 53  ? 3.260   -10.528 3.695   1.00 31.36 ? 59  THR A C     1 
ATOM   232  O O     . THR A 1 53  ? 2.954   -9.917  4.719   1.00 29.44 ? 59  THR A O     1 
ATOM   233  C CB    . THR A 1 53  ? 4.691   -8.905  2.485   1.00 29.84 ? 59  THR A CB    1 
ATOM   234  O OG1   . THR A 1 53  ? 3.851   -8.777  1.323   1.00 30.69 ? 59  THR A OG1   1 
ATOM   235  C CG2   . THR A 1 53  ? 6.103   -8.563  2.118   1.00 30.61 ? 59  THR A CG2   1 
ATOM   236  N N     . GLU A 1 54  ? 2.474   -11.414 3.111   1.00 32.87 ? 60  GLU A N     1 
ATOM   237  C CA    . GLU A 1 54  ? 1.115   -11.732 3.564   1.00 34.85 ? 60  GLU A CA    1 
ATOM   238  C C     . GLU A 1 54  ? 0.956   -11.993 5.065   1.00 32.41 ? 60  GLU A C     1 
ATOM   239  O O     . GLU A 1 54  ? 0.113   -11.417 5.739   1.00 31.82 ? 60  GLU A O     1 
ATOM   240  C CB    . GLU A 1 54  ? 0.645   -12.976 2.803   1.00 38.95 ? 60  GLU A CB    1 
ATOM   241  C CG    . GLU A 1 54  ? -0.627  -13.592 3.334   1.00 44.96 ? 60  GLU A CG    1 
ATOM   242  C CD    . GLU A 1 54  ? -1.029  -14.833 2.546   1.00 46.24 ? 60  GLU A CD    1 
ATOM   243  O OE1   . GLU A 1 54  ? -0.450  -15.906 2.805   1.00 46.29 ? 60  GLU A OE1   1 
ATOM   244  O OE2   . GLU A 1 54  ? -1.917  -14.724 1.676   1.00 47.01 ? 60  GLU A OE2   1 
ATOM   245  N N     . PRO A 1 55  ? 1.780   -12.868 5.598   1.00 31.31 ? 61  PRO A N     1 
ATOM   246  C CA    . PRO A 1 55  ? 1.684   -13.176 7.021   1.00 32.07 ? 61  PRO A CA    1 
ATOM   247  C C     . PRO A 1 55  ? 1.824   -11.933 7.906   1.00 30.70 ? 61  PRO A C     1 
ATOM   248  O O     . PRO A 1 55  ? 1.244   -11.910 8.986   1.00 29.44 ? 61  PRO A O     1 
ATOM   249  C CB    . PRO A 1 55  ? 2.826   -14.188 7.240   1.00 33.35 ? 61  PRO A CB    1 
ATOM   250  C CG    . PRO A 1 55  ? 3.057   -14.750 5.836   1.00 34.00 ? 61  PRO A CG    1 
ATOM   251  C CD    . PRO A 1 55  ? 2.920   -13.555 4.975   1.00 33.42 ? 61  PRO A CD    1 
ATOM   252  N N     . ILE A 1 56  ? 2.580   -10.916 7.463   1.00 28.33 ? 62  ILE A N     1 
ATOM   253  C CA    . ILE A 1 56  ? 2.748   -9.725  8.286   1.00 28.16 ? 62  ILE A CA    1 
ATOM   254  C C     . ILE A 1 56  ? 1.396   -9.076  8.501   1.00 28.96 ? 62  ILE A C     1 
ATOM   255  O O     . ILE A 1 56  ? 1.039   -8.685  9.639   1.00 29.58 ? 62  ILE A O     1 
ATOM   256  C CB    . ILE A 1 56  ? 3.718   -8.681  7.637   1.00 28.64 ? 62  ILE A CB    1 
ATOM   257  C CG1   . ILE A 1 56  ? 5.150   -9.236  7.604   1.00 29.17 ? 62  ILE A CG1   1 
ATOM   258  C CG2   . ILE A 1 56  ? 3.656   -7.378  8.378   1.00 28.77 ? 62  ILE A CG2   1 
ATOM   259  C CD1   . ILE A 1 56  ? 6.062   -8.489  6.647   1.00 28.16 ? 62  ILE A CD1   1 
ATOM   260  N N     . LEU A 1 57  ? 0.629   -8.951  7.423   1.00 27.36 ? 63  LEU A N     1 
ATOM   261  C CA    . LEU A 1 57  ? -0.706  -8.366  7.531   1.00 26.56 ? 63  LEU A CA    1 
ATOM   262  C C     . LEU A 1 57  ? -1.684  -9.318  8.265   1.00 27.13 ? 63  LEU A C     1 
ATOM   263  O O     . LEU A 1 57  ? -2.453  -8.864  9.115   1.00 27.02 ? 63  LEU A O     1 
ATOM   264  C CB    . LEU A 1 57  ? -1.307  -8.034  6.130   1.00 26.10 ? 63  LEU A CB    1 
ATOM   265  C CG    . LEU A 1 57  ? -0.489  -7.081  5.236   1.00 26.12 ? 63  LEU A CG    1 
ATOM   266  C CD1   . LEU A 1 57  ? -1.363  -6.523  4.099   1.00 25.29 ? 63  LEU A CD1   1 
ATOM   267  C CD2   . LEU A 1 57  ? 0.076   -5.957  6.061   1.00 27.61 ? 63  LEU A CD2   1 
ATOM   268  N N     . GLU A 1 58  ? -1.667  -10.608 7.933   1.00 26.80 ? 64  GLU A N     1 
ATOM   269  C CA    . GLU A 1 58  ? -2.574  -11.542 8.565   1.00 29.67 ? 64  GLU A CA    1 
ATOM   270  C C     . GLU A 1 58  ? -2.400  -11.528 10.088  1.00 29.82 ? 64  GLU A C     1 
ATOM   271  O O     . GLU A 1 58  ? -3.361  -11.633 10.839  1.00 30.17 ? 64  GLU A O     1 
ATOM   272  C CB    . GLU A 1 58  ? -2.312  -12.935 8.078   1.00 34.74 ? 64  GLU A CB    1 
ATOM   273  C CG    . GLU A 1 58  ? -2.560  -13.082 6.619   1.00 41.41 ? 64  GLU A CG    1 
ATOM   274  C CD    . GLU A 1 58  ? -2.415  -14.519 6.128   1.00 48.72 ? 64  GLU A CD    1 
ATOM   275  O OE1   . GLU A 1 58  ? -1.406  -15.241 6.480   1.00 49.98 ? 64  GLU A OE1   1 
ATOM   276  O OE2   . GLU A 1 58  ? -3.340  -14.899 5.360   1.00 52.64 ? 64  GLU A OE2   1 
ATOM   277  N N     . LYS A 1 59  ? -1.164  -11.454 10.534  1.00 29.46 ? 65  LYS A N     1 
ATOM   278  C CA    . LYS A 1 59  ? -0.908  -11.386 11.968  1.00 31.16 ? 65  LYS A CA    1 
ATOM   279  C C     . LYS A 1 59  ? -1.626  -10.219 12.609  1.00 30.55 ? 65  LYS A C     1 
ATOM   280  O O     . LYS A 1 59  ? -1.916  -10.269 13.796  1.00 30.21 ? 65  LYS A O     1 
ATOM   281  C CB    . LYS A 1 59  ? 0.583   -11.269 12.252  1.00 29.79 ? 65  LYS A CB    1 
ATOM   282  C CG    . LYS A 1 59  ? 1.269   -12.623 12.153  1.00 31.03 ? 65  LYS A CG    1 
ATOM   283  C CD    . LYS A 1 59  ? 2.762   -12.422 12.361  1.00 37.81 ? 65  LYS A CD    1 
ATOM   284  C CE    . LYS A 1 59  ? 3.518   -13.754 12.271  1.00 42.37 ? 65  LYS A CE    1 
ATOM   285  N NZ    . LYS A 1 59  ? 3.338   -14.426 10.965  1.00 46.03 ? 65  LYS A NZ    1 
ATOM   286  N N     . HIS A 1 60  ? -1.889  -9.166  11.831  1.00 28.91 ? 66  HIS A N     1 
ATOM   287  C CA    . HIS A 1 60  ? -2.624  -8.016  12.347  1.00 31.81 ? 66  HIS A CA    1 
ATOM   288  C C     . HIS A 1 60  ? -4.068  -7.913  11.963  1.00 30.97 ? 66  HIS A C     1 
ATOM   289  O O     . HIS A 1 60  ? -4.649  -6.841  12.085  1.00 31.88 ? 66  HIS A O     1 
ATOM   290  C CB    . HIS A 1 60  ? -1.972  -6.724  11.972  1.00 33.72 ? 66  HIS A CB    1 
ATOM   291  C CG    . HIS A 1 60  ? -0.980  -6.347  12.965  1.00 40.65 ? 66  HIS A CG    1 
ATOM   292  N ND1   . HIS A 1 60  ? 0.301   -6.847  12.917  1.00 43.05 ? 66  HIS A ND1   1 
ATOM   293  C CD2   . HIS A 1 60  ? -1.143  -5.793  14.190  1.00 42.79 ? 66  HIS A CD2   1 
ATOM   294  C CE1   . HIS A 1 60  ? 0.884   -6.631  14.081  1.00 49.04 ? 66  HIS A CE1   1 
ATOM   295  N NE2   . HIS A 1 60  ? 0.027   -5.994  14.873  1.00 48.87 ? 66  HIS A NE2   1 
ATOM   296  N N     . ASN A 1 61  ? -4.599  -9.018  11.463  1.00 29.69 ? 67  ASN A N     1 
ATOM   297  C CA    . ASN A 1 61  ? -5.982  -9.100  11.123  1.00 30.33 ? 67  ASN A CA    1 
ATOM   298  C C     . ASN A 1 61  ? -6.391  -8.022  10.162  1.00 29.97 ? 67  ASN A C     1 
ATOM   299  O O     . ASN A 1 61  ? -7.491  -7.450  10.303  1.00 31.73 ? 67  ASN A O     1 
ATOM   300  C CB    . ASN A 1 61  ? -6.786  -9.016  12.436  1.00 32.45 ? 67  ASN A CB    1 
ATOM   301  C CG    . ASN A 1 61  ? -6.399  -10.157 13.425  1.00 35.05 ? 67  ASN A CG    1 
ATOM   302  O OD1   . ASN A 1 61  ? -6.543  -11.331 13.089  1.00 37.35 ? 67  ASN A OD1   1 
ATOM   303  N ND2   . ASN A 1 61  ? -5.858  -9.803  14.610  1.00 34.55 ? 67  ASN A ND2   1 
ATOM   304  N N     . ILE A 1 62  ? -5.528  -7.732  9.183   1.00 27.40 ? 68  ILE A N     1 
ATOM   305  C CA    . ILE A 1 62  ? -5.842  -6.731  8.175   1.00 25.55 ? 68  ILE A CA    1 
ATOM   306  C C     . ILE A 1 62  ? -5.508  -7.351  6.798   1.00 26.01 ? 68  ILE A C     1 
ATOM   307  O O     . ILE A 1 62  ? -4.616  -8.152  6.703   1.00 25.66 ? 68  ILE A O     1 
ATOM   308  C CB    . ILE A 1 62  ? -5.020  -5.430  8.404   1.00 24.26 ? 68  ILE A CB    1 
ATOM   309  C CG1   . ILE A 1 62  ? -5.539  -4.347  7.498   1.00 26.24 ? 68  ILE A CG1   1 
ATOM   310  C CG2   . ILE A 1 62  ? -3.499  -5.663  8.171   1.00 26.28 ? 68  ILE A CG2   1 
ATOM   311  C CD1   . ILE A 1 62  ? -4.858  -2.980  7.788   1.00 29.52 ? 68  ILE A CD1   1 
ATOM   312  N N     . TYR A 1 63  ? -6.246  -6.976  5.762   1.00 24.99 ? 69  TYR A N     1 
ATOM   313  C CA    . TYR A 1 63  ? -6.029  -7.479  4.386   1.00 26.79 ? 69  TYR A CA    1 
ATOM   314  C C     . TYR A 1 63  ? -5.243  -6.468  3.616   1.00 26.01 ? 69  TYR A C     1 
ATOM   315  O O     . TYR A 1 63  ? -5.115  -5.301  4.055   1.00 22.97 ? 69  TYR A O     1 
ATOM   316  C CB    . TYR A 1 63  ? -7.357  -7.658  3.686   1.00 27.75 ? 69  TYR A CB    1 
ATOM   317  C CG    . TYR A 1 63  ? -8.125  -8.762  4.281   1.00 34.84 ? 69  TYR A CG    1 
ATOM   318  C CD1   . TYR A 1 63  ? -7.837  -10.089 3.932   1.00 36.88 ? 69  TYR A CD1   1 
ATOM   319  C CD2   . TYR A 1 63  ? -9.175  -8.506  5.176   1.00 36.79 ? 69  TYR A CD2   1 
ATOM   320  C CE1   . TYR A 1 63  ? -8.588  -11.145 4.441   1.00 40.13 ? 69  TYR A CE1   1 
ATOM   321  C CE2   . TYR A 1 63  ? -9.925  -9.534  5.697   1.00 40.72 ? 69  TYR A CE2   1 
ATOM   322  C CZ    . TYR A 1 63  ? -9.632  -10.866 5.322   1.00 43.25 ? 69  TYR A CZ    1 
ATOM   323  O OH    . TYR A 1 63  ? -10.396 -11.914 5.823   1.00 47.35 ? 69  TYR A OH    1 
ATOM   324  N N     . TYR A 1 64  ? -4.758  -6.884  2.446   1.00 25.28 ? 70  TYR A N     1 
ATOM   325  C CA    . TYR A 1 64  ? -3.955  -5.967  1.659   1.00 25.48 ? 70  TYR A CA    1 
ATOM   326  C C     . TYR A 1 64  ? -4.661  -4.684  1.236   1.00 24.38 ? 70  TYR A C     1 
ATOM   327  O O     . TYR A 1 64  ? -4.051  -3.654  1.322   1.00 24.11 ? 70  TYR A O     1 
ATOM   328  C CB    . TYR A 1 64  ? -3.381  -6.640  0.419   1.00 26.62 ? 70  TYR A CB    1 
ATOM   329  C CG    . TYR A 1 64  ? -2.032  -7.290  0.644   1.00 28.71 ? 70  TYR A CG    1 
ATOM   330  C CD1   . TYR A 1 64  ? -0.857  -6.536  0.801   1.00 30.75 ? 70  TYR A CD1   1 
ATOM   331  C CD2   . TYR A 1 64  ? -1.945  -8.671  0.722   1.00 32.37 ? 70  TYR A CD2   1 
ATOM   332  C CE1   . TYR A 1 64  ? 0.385   -7.193  1.035   1.00 31.48 ? 70  TYR A CE1   1 
ATOM   333  C CE2   . TYR A 1 64  ? -0.769  -9.322  0.963   1.00 32.10 ? 70  TYR A CE2   1 
ATOM   334  C CZ    . TYR A 1 64  ? 0.386   -8.607  1.115   1.00 33.81 ? 70  TYR A CZ    1 
ATOM   335  O OH    . TYR A 1 64  ? 1.517   -9.366  1.363   1.00 39.25 ? 70  TYR A OH    1 
ATOM   336  N N     . GLY A 1 65  ? -5.890  -4.758  0.700   1.00 25.57 ? 71  GLY A N     1 
ATOM   337  C CA    . GLY A 1 65  ? -6.574  -3.524  0.271   1.00 24.41 ? 71  GLY A CA    1 
ATOM   338  C C     . GLY A 1 65  ? -6.664  -2.524  1.430   1.00 23.38 ? 71  GLY A C     1 
ATOM   339  O O     . GLY A 1 65  ? -6.360  -1.325  1.301   1.00 24.36 ? 71  GLY A O     1 
ATOM   340  N N     . GLN A 1 66  ? -7.085  -3.054  2.575   1.00 22.96 ? 72  GLN A N     1 
ATOM   341  C CA    . GLN A 1 66  ? -7.215  -2.342  3.843   1.00 23.32 ? 72  GLN A CA    1 
ATOM   342  C C     . GLN A 1 66  ? -5.852  -1.727  4.253   1.00 22.80 ? 72  GLN A C     1 
ATOM   343  O O     . GLN A 1 66  ? -5.762  -0.566  4.582   1.00 22.85 ? 72  GLN A O     1 
ATOM   344  C CB    . GLN A 1 66  ? -7.679  -3.341  4.912   1.00 23.77 ? 72  GLN A CB    1 
ATOM   345  C CG    . GLN A 1 66  ? -9.098  -3.842  4.672   1.00 27.14 ? 72  GLN A CG    1 
ATOM   346  C CD    . GLN A 1 66  ? -9.538  -4.842  5.746   1.00 26.79 ? 72  GLN A CD    1 
ATOM   347  O OE1   . GLN A 1 66  ? -8.729  -5.283  6.528   1.00 25.23 ? 72  GLN A OE1   1 
ATOM   348  N NE2   . GLN A 1 66  ? -10.819 -5.217  5.740   1.00 27.75 ? 72  GLN A NE2   1 
ATOM   349  N N     . TRP A 1 67  ? -4.789  -2.499  4.165   1.00 22.56 ? 73  TRP A N     1 
ATOM   350  C CA    . TRP A 1 67  ? -3.515  -1.951  4.516   1.00 23.46 ? 73  TRP A CA    1 
ATOM   351  C C     . TRP A 1 67  ? -3.113  -0.779  3.624   1.00 23.52 ? 73  TRP A C     1 
ATOM   352  O O     . TRP A 1 67  ? -2.622  0.253   4.091   1.00 24.25 ? 73  TRP A O     1 
ATOM   353  C CB    . TRP A 1 67  ? -2.458  -3.058  4.456   1.00 26.79 ? 73  TRP A CB    1 
ATOM   354  C CG    . TRP A 1 67  ? -1.053  -2.454  4.495   1.00 29.22 ? 73  TRP A CG    1 
ATOM   355  C CD1   . TRP A 1 67  ? -0.177  -2.402  3.458   1.00 31.68 ? 73  TRP A CD1   1 
ATOM   356  C CD2   . TRP A 1 67  ? -0.424  -1.787  5.597   1.00 27.75 ? 73  TRP A CD2   1 
ATOM   357  N NE1   . TRP A 1 67  ? 0.963   -1.745  3.839   1.00 31.23 ? 73  TRP A NE1   1 
ATOM   358  C CE2   . TRP A 1 67  ? 0.852   -1.365  5.152   1.00 30.52 ? 73  TRP A CE2   1 
ATOM   359  C CE3   . TRP A 1 67  ? -0.797  -1.518  6.922   1.00 28.25 ? 73  TRP A CE3   1 
ATOM   360  C CZ2   . TRP A 1 67  ? 1.784   -0.676  6.006   1.00 28.08 ? 73  TRP A CZ2   1 
ATOM   361  C CZ3   . TRP A 1 67  ? 0.143   -0.829  7.779   1.00 28.28 ? 73  TRP A CZ3   1 
ATOM   362  C CH2   . TRP A 1 67  ? 1.398   -0.428  7.302   1.00 29.00 ? 73  TRP A CH2   1 
ATOM   363  N N     . LEU A 1 68  ? -3.354  -0.892  2.325   1.00 21.35 ? 74  LEU A N     1 
ATOM   364  C CA    . LEU A 1 68  ? -2.947  0.189   1.440   1.00 20.45 ? 74  LEU A CA    1 
ATOM   365  C C     . LEU A 1 68  ? -3.646  1.490   1.753   1.00 22.74 ? 74  LEU A C     1 
ATOM   366  O O     . LEU A 1 68  ? -3.016  2.601   1.747   1.00 23.09 ? 74  LEU A O     1 
ATOM   367  C CB    . LEU A 1 68  ? -3.187  -0.239  -0.043  1.00 21.66 ? 74  LEU A CB    1 
ATOM   368  C CG    . LEU A 1 68  ? -2.249  -1.390  -0.467  1.00 21.88 ? 74  LEU A CG    1 
ATOM   369  C CD1   . LEU A 1 68  ? -2.626  -1.828  -1.968  1.00 25.72 ? 74  LEU A CD1   1 
ATOM   370  C CD2   . LEU A 1 68  ? -0.789  -0.905  -0.468  1.00 25.60 ? 74  LEU A CD2   1 
ATOM   371  N N     . ILE A 1 69  ? -4.953  1.399   2.018   1.00 22.89 ? 75  ILE A N     1 
ATOM   372  C CA    . ILE A 1 69  ? -5.722  2.621   2.328   1.00 22.88 ? 75  ILE A CA    1 
ATOM   373  C C     . ILE A 1 69  ? -5.245  3.125   3.709   1.00 25.32 ? 75  ILE A C     1 
ATOM   374  O O     . ILE A 1 69  ? -5.057  4.332   3.894   1.00 26.48 ? 75  ILE A O     1 
ATOM   375  C CB    . ILE A 1 69  ? -7.221  2.319   2.399   1.00 23.81 ? 75  ILE A CB    1 
ATOM   376  C CG1   . ILE A 1 69  ? -7.746  1.873   1.000   1.00 24.41 ? 75  ILE A CG1   1 
ATOM   377  C CG2   . ILE A 1 69  ? -7.995  3.540   2.915   1.00 25.20 ? 75  ILE A CG2   1 
ATOM   378  C CD1   . ILE A 1 69  ? -7.430  2.760   -0.079  1.00 26.16 ? 75  ILE A CD1   1 
ATOM   379  N N     . LEU A 1 70  ? -5.031  2.199   4.646   1.00 23.35 ? 76  LEU A N     1 
ATOM   380  C CA    . LEU A 1 70  ? -4.582  2.598   5.991   1.00 24.66 ? 76  LEU A CA    1 
ATOM   381  C C     . LEU A 1 70  ? -3.277  3.385   5.891   1.00 24.50 ? 76  LEU A C     1 
ATOM   382  O O     . LEU A 1 70  ? -3.138  4.471   6.475   1.00 24.67 ? 76  LEU A O     1 
ATOM   383  C CB    . LEU A 1 70  ? -4.361  1.377   6.897   1.00 23.81 ? 76  LEU A CB    1 
ATOM   384  C CG    . LEU A 1 70  ? -3.965  1.719   8.374   1.00 26.28 ? 76  LEU A CG    1 
ATOM   385  C CD1   . LEU A 1 70  ? -5.204  2.358   9.050   1.00 28.39 ? 76  LEU A CD1   1 
ATOM   386  C CD2   . LEU A 1 70  ? -3.532  0.497   9.190   1.00 25.04 ? 76  LEU A CD2   1 
ATOM   387  N N     . ARG A 1 71  ? -2.345  2.849   5.107   1.00 23.72 ? 77  ARG A N     1 
ATOM   388  C CA    . ARG A 1 71  ? -1.047  3.445   4.941   1.00 24.78 ? 77  ARG A CA    1 
ATOM   389  C C     . ARG A 1 71  ? -1.217  4.800   4.295   1.00 25.20 ? 77  ARG A C     1 
ATOM   390  O O     . ARG A 1 71  ? -0.567  5.784   4.686   1.00 25.25 ? 77  ARG A O     1 
ATOM   391  C CB    . ARG A 1 71  ? -0.154  2.534   4.055   1.00 25.70 ? 77  ARG A CB    1 
ATOM   392  C CG    . ARG A 1 71  ? 1.330   3.037   3.867   1.00 28.07 ? 77  ARG A CG    1 
ATOM   393  C CD    . ARG A 1 71  ? 2.167   2.024   3.001   1.00 29.06 ? 77  ARG A CD    1 
ATOM   394  N NE    . ARG A 1 71  ? 1.618   1.921   1.634   1.00 33.14 ? 77  ARG A NE    1 
ATOM   395  C CZ    . ARG A 1 71  ? 2.248   1.321   0.601   1.00 36.36 ? 77  ARG A CZ    1 
ATOM   396  N NH1   . ARG A 1 71  ? 3.445   0.755   0.789   1.00 33.17 ? 77  ARG A NH1   1 
ATOM   397  N NH2   . ARG A 1 71  ? 1.708   1.339   -0.642  1.00 34.52 ? 77  ARG A NH2   1 
ATOM   398  N N     . ASP A 1 72  ? -2.076  4.854   3.278   1.00 25.69 ? 78  ASP A N     1 
ATOM   399  C CA    . ASP A 1 72  ? -2.285  6.102   2.568   1.00 26.26 ? 78  ASP A CA    1 
ATOM   400  C C     . ASP A 1 72  ? -2.775  7.177   3.533   1.00 25.15 ? 78  ASP A C     1 
ATOM   401  O O     . ASP A 1 72  ? -2.309  8.314   3.486   1.00 24.80 ? 78  ASP A O     1 
ATOM   402  C CB    . ASP A 1 72  ? -3.300  5.933   1.429   1.00 25.07 ? 78  ASP A CB    1 
ATOM   403  C CG    . ASP A 1 72  ? -3.646  7.266   0.762   1.00 29.25 ? 78  ASP A CG    1 
ATOM   404  O OD1   . ASP A 1 72  ? -4.562  7.956   1.298   1.00 30.09 ? 78  ASP A OD1   1 
ATOM   405  O OD2   . ASP A 1 72  ? -3.005  7.619   -0.256  1.00 24.45 ? 78  ASP A OD2   1 
ATOM   406  N N     . ILE A 1 73  ? -3.727  6.822   4.378   1.00 23.98 ? 79  ILE A N     1 
ATOM   407  C CA    . ILE A 1 73  ? -4.267  7.795   5.326   1.00 24.30 ? 79  ILE A CA    1 
ATOM   408  C C     . ILE A 1 73  ? -3.118  8.212   6.303   1.00 27.82 ? 79  ILE A C     1 
ATOM   409  O O     . ILE A 1 73  ? -2.946  9.393   6.612   1.00 29.08 ? 79  ILE A O     1 
ATOM   410  C CB    . ILE A 1 73  ? -5.428  7.161   6.127   1.00 22.96 ? 79  ILE A CB    1 
ATOM   411  C CG1   . ILE A 1 73  ? -6.618  6.918   5.182   1.00 24.00 ? 79  ILE A CG1   1 
ATOM   412  C CG2   . ILE A 1 73  ? -5.891  8.066   7.215   1.00 22.62 ? 79  ILE A CG2   1 
ATOM   413  C CD1   . ILE A 1 73  ? -7.792  6.258   5.798   1.00 20.15 ? 79  ILE A CD1   1 
ATOM   414  N N     . ALA A 1 74  ? -2.326  7.237   6.745   1.00 26.03 ? 80  ALA A N     1 
ATOM   415  C CA    . ALA A 1 74  ? -1.268  7.481   7.705   1.00 27.41 ? 80  ALA A CA    1 
ATOM   416  C C     . ALA A 1 74  ? -0.399  8.559   7.158   1.00 27.93 ? 80  ALA A C     1 
ATOM   417  O O     . ALA A 1 74  ? -0.066  9.480   7.854   1.00 27.85 ? 80  ALA A O     1 
ATOM   418  C CB    . ALA A 1 74  ? -0.415  6.193   7.939   1.00 24.50 ? 80  ALA A CB    1 
ATOM   419  N N     . LYS A 1 75  ? -0.053  8.457   5.876   1.00 29.84 ? 81  LYS A N     1 
ATOM   420  C CA    . LYS A 1 75  ? 0.843   9.429   5.273   1.00 31.28 ? 81  LYS A CA    1 
ATOM   421  C C     . LYS A 1 75  ? 0.235   10.748  4.854   1.00 31.64 ? 81  LYS A C     1 
ATOM   422  O O     . LYS A 1 75  ? 0.948   11.687  4.666   1.00 32.29 ? 81  LYS A O     1 
ATOM   423  C CB    . LYS A 1 75  ? 1.557   8.798   4.082   1.00 34.55 ? 81  LYS A CB    1 
ATOM   424  C CG    . LYS A 1 75  ? 2.321   7.488   4.513   1.00 41.17 ? 81  LYS A CG    1 
ATOM   425  C CD    . LYS A 1 75  ? 2.931   6.705   3.319   1.00 45.72 ? 81  LYS A CD    1 
ATOM   426  C CE    . LYS A 1 75  ? 3.924   5.599   3.782   1.00 49.81 ? 81  LYS A CE    1 
ATOM   427  N NZ    . LYS A 1 75  ? 5.222   6.129   4.373   1.00 52.96 ? 81  LYS A NZ    1 
ATOM   428  N N     . HIS A 1 76  ? -1.081  10.841  4.763   1.00 31.25 ? 82  HIS A N     1 
ATOM   429  C CA    . HIS A 1 76  ? -1.672  12.073  4.268   1.00 31.60 ? 82  HIS A CA    1 
ATOM   430  C C     . HIS A 1 76  ? -2.715  12.704  5.171   1.00 30.24 ? 82  HIS A C     1 
ATOM   431  O O     . HIS A 1 76  ? -3.276  13.776  4.829   1.00 30.54 ? 82  HIS A O     1 
ATOM   432  C CB    . HIS A 1 76  ? -2.318  11.816  2.892   1.00 31.52 ? 82  HIS A CB    1 
ATOM   433  C CG    . HIS A 1 76  ? -1.338  11.356  1.858   1.00 32.79 ? 82  HIS A CG    1 
ATOM   434  N ND1   . HIS A 1 76  ? -1.099  10.016  1.597   1.00 31.35 ? 82  HIS A ND1   1 
ATOM   435  C CD2   . HIS A 1 76  ? -0.488  12.054  1.069   1.00 30.76 ? 82  HIS A CD2   1 
ATOM   436  C CE1   . HIS A 1 76  ? -0.141  9.917   0.695   1.00 33.75 ? 82  HIS A CE1   1 
ATOM   437  N NE2   . HIS A 1 76  ? 0.248   11.139  0.359   1.00 33.78 ? 82  HIS A NE2   1 
ATOM   438  N N     . GLN A 1 77  ? -2.990  12.054  6.299   1.00 28.26 ? 83  GLN A N     1 
ATOM   439  C CA    . GLN A 1 77  ? -4.038  12.558  7.177   1.00 27.24 ? 83  GLN A CA    1 
ATOM   440  C C     . GLN A 1 77  ? -3.784  13.993  7.710   1.00 25.34 ? 83  GLN A C     1 
ATOM   441  O O     . GLN A 1 77  ? -2.673  14.387  7.943   1.00 24.25 ? 83  GLN A O     1 
ATOM   442  C CB    . GLN A 1 77  ? -4.265  11.589  8.343   1.00 24.54 ? 83  GLN A CB    1 
ATOM   443  C CG    . GLN A 1 77  ? -3.002  11.248  9.145   1.00 25.52 ? 83  GLN A CG    1 
ATOM   444  C CD    . GLN A 1 77  ? -3.358  10.538  10.433  1.00 25.70 ? 83  GLN A CD    1 
ATOM   445  O OE1   . GLN A 1 77  ? -4.148  9.597   10.434  1.00 31.31 ? 83  GLN A OE1   1 
ATOM   446  N NE2   . GLN A 1 77  ? -2.817  11.016  11.545  1.00 27.82 ? 83  GLN A NE2   1 
ATOM   447  N N     . PRO A 1 78  ? -4.841  14.743  7.957   1.00 26.78 ? 84  PRO A N     1 
ATOM   448  C CA    . PRO A 1 78  ? -6.240  14.353  7.776   1.00 27.79 ? 84  PRO A CA    1 
ATOM   449  C C     . PRO A 1 78  ? -6.540  14.287  6.284   1.00 29.65 ? 84  PRO A C     1 
ATOM   450  O O     . PRO A 1 78  ? -6.118  15.178  5.534   1.00 32.77 ? 84  PRO A O     1 
ATOM   451  C CB    . PRO A 1 78  ? -6.997  15.480  8.487   1.00 27.90 ? 84  PRO A CB    1 
ATOM   452  C CG    . PRO A 1 78  ? -5.986  16.011  9.499   1.00 25.89 ? 84  PRO A CG    1 
ATOM   453  C CD    . PRO A 1 78  ? -4.737  16.033  8.674   1.00 26.86 ? 84  PRO A CD    1 
ATOM   454  N N     . THR A 1 79  ? -7.210  13.236  5.816   1.00 29.25 ? 85  THR A N     1 
ATOM   455  C CA    . THR A 1 79  ? -7.513  13.157  4.387   1.00 29.56 ? 85  THR A CA    1 
ATOM   456  C C     . THR A 1 79  ? -8.965  12.741  4.184   1.00 29.69 ? 85  THR A C     1 
ATOM   457  O O     . THR A 1 79  ? -9.718  12.579  5.173   1.00 28.99 ? 85  THR A O     1 
ATOM   458  C CB    . THR A 1 79  ? -6.530  12.235  3.628   1.00 31.06 ? 85  THR A CB    1 
ATOM   459  O OG1   . THR A 1 79  ? -6.708  12.398  2.207   1.00 30.68 ? 85  THR A OG1   1 
ATOM   460  C CG2   . THR A 1 79  ? -6.758  10.756  4.016   1.00 31.71 ? 85  THR A CG2   1 
ATOM   461  N N     . THR A 1 80  ? -9.394  12.632  2.924   1.00 30.23 ? 86  THR A N     1 
ATOM   462  C CA    . THR A 1 80  ? -10.807 12.305  2.642   1.00 29.72 ? 86  THR A CA    1 
ATOM   463  C C     . THR A 1 80  ? -10.947 11.146  1.640   1.00 29.97 ? 86  THR A C     1 
ATOM   464  O O     . THR A 1 80  ? -10.017 10.857  0.929   1.00 27.14 ? 86  THR A O     1 
ATOM   465  C CB    . THR A 1 80  ? -11.504 13.526  1.981   1.00 30.49 ? 86  THR A CB    1 
ATOM   466  O OG1   . THR A 1 80  ? -10.902 13.734  0.691   1.00 31.30 ? 86  THR A OG1   1 
ATOM   467  C CG2   . THR A 1 80  ? -11.292 14.823  2.851   1.00 28.99 ? 86  THR A CG2   1 
ATOM   468  N N     . LEU A 1 81  ? -12.119 10.516  1.615   1.00 31.27 ? 87  LEU A N     1 
ATOM   469  C CA    . LEU A 1 81  ? -12.373 9.434   0.677   1.00 35.01 ? 87  LEU A CA    1 
ATOM   470  C C     . LEU A 1 81  ? -12.006 9.942   -0.705  1.00 35.40 ? 87  LEU A C     1 
ATOM   471  O O     . LEU A 1 81  ? -11.376 9.225   -1.465  1.00 35.42 ? 87  LEU A O     1 
ATOM   472  C CB    . LEU A 1 81  ? -13.839 8.986   0.725   1.00 36.77 ? 87  LEU A CB    1 
ATOM   473  C CG    . LEU A 1 81  ? -14.391 8.094   -0.405  1.00 39.17 ? 87  LEU A CG    1 
ATOM   474  C CD1   . LEU A 1 81  ? -13.557 6.845   -0.525  1.00 40.92 ? 87  LEU A CD1   1 
ATOM   475  C CD2   . LEU A 1 81  ? -15.848 7.696   -0.108  1.00 39.74 ? 87  LEU A CD2   1 
ATOM   476  N N     . ILE A 1 82  ? -12.368 11.189  -1.021  1.00 36.92 ? 88  ILE A N     1 
ATOM   477  C CA    . ILE A 1 82  ? -12.023 11.797  -2.325  1.00 37.58 ? 88  ILE A CA    1 
ATOM   478  C C     . ILE A 1 82  ? -10.524 11.743  -2.643  1.00 37.22 ? 88  ILE A C     1 
ATOM   479  O O     . ILE A 1 82  ? -10.107 11.239  -3.703  1.00 37.93 ? 88  ILE A O     1 
ATOM   480  C CB    . ILE A 1 82  ? -12.401 13.301  -2.387  1.00 38.82 ? 88  ILE A CB    1 
ATOM   481  C CG1   . ILE A 1 82  ? -13.908 13.484  -2.171  1.00 42.07 ? 88  ILE A CG1   1 
ATOM   482  C CG2   . ILE A 1 82  ? -11.915 13.918  -3.682  1.00 37.73 ? 88  ILE A CG2   1 
ATOM   483  C CD1   . ILE A 1 82  ? -14.757 12.488  -2.842  1.00 44.18 ? 88  ILE A CD1   1 
ATOM   484  N N     . GLU A 1 83  ? -9.705  12.284  -1.737  1.00 37.26 ? 89  GLU A N     1 
ATOM   485  C CA    . GLU A 1 83  ? -8.267  12.298  -1.960  1.00 36.48 ? 89  GLU A CA    1 
ATOM   486  C C     . GLU A 1 83  ? -7.728  10.903  -2.019  1.00 36.38 ? 89  GLU A C     1 
ATOM   487  O O     . GLU A 1 83  ? -6.868  10.624  -2.833  1.00 34.60 ? 89  GLU A O     1 
ATOM   488  C CB    . GLU A 1 83  ? -7.517  13.013  -0.851  1.00 38.53 ? 89  GLU A CB    1 
ATOM   489  C CG    . GLU A 1 83  ? -7.864  14.497  -0.686  1.00 41.36 ? 89  GLU A CG    1 
ATOM   490  C CD    . GLU A 1 83  ? -7.070  15.143  0.444   1.00 43.32 ? 89  GLU A CD    1 
ATOM   491  O OE1   . GLU A 1 83  ? -6.185  14.489  1.054   1.00 44.33 ? 89  GLU A OE1   1 
ATOM   492  O OE2   . GLU A 1 83  ? -7.324  16.324  0.719   1.00 45.59 ? 89  GLU A OE2   1 
ATOM   493  N N     . ILE A 1 84  ? -8.217  10.032  -1.140  1.00 35.79 ? 90  ILE A N     1 
ATOM   494  C CA    . ILE A 1 84  ? -7.704  8.651   -1.102  1.00 36.77 ? 90  ILE A CA    1 
ATOM   495  C C     . ILE A 1 84  ? -7.908  7.963   -2.473  1.00 37.74 ? 90  ILE A C     1 
ATOM   496  O O     . ILE A 1 84  ? -6.964  7.475   -3.079  1.00 37.74 ? 90  ILE A O     1 
ATOM   497  C CB    . ILE A 1 84  ? -8.404  7.809   0.006   1.00 35.85 ? 90  ILE A CB    1 
ATOM   498  C CG1   . ILE A 1 84  ? -8.068  8.349   1.401   1.00 34.12 ? 90  ILE A CG1   1 
ATOM   499  C CG2   . ILE A 1 84  ? -7.916  6.351   -0.077  1.00 36.78 ? 90  ILE A CG2   1 
ATOM   500  C CD1   . ILE A 1 84  ? -8.872  7.703   2.473   1.00 35.16 ? 90  ILE A CD1   1 
ATOM   501  N N     . SER A 1 85  ? -9.148  7.938   -2.936  1.00 38.97 ? 91  SER A N     1 
ATOM   502  C CA    . SER A 1 85  ? -9.512  7.334   -4.224  1.00 41.06 ? 91  SER A CA    1 
ATOM   503  C C     . SER A 1 85  ? -8.636  7.826   -5.352  1.00 41.86 ? 91  SER A C     1 
ATOM   504  O O     . SER A 1 85  ? -8.225  7.046   -6.218  1.00 41.32 ? 91  SER A O     1 
ATOM   505  C CB    . SER A 1 85  ? -10.953 7.667   -4.569  1.00 41.74 ? 91  SER A CB    1 
ATOM   506  O OG    . SER A 1 85  ? -11.794 6.949   -3.699  1.00 45.83 ? 91  SER A OG    1 
ATOM   507  N N     . HIS A 1 86  ? -8.346  9.118   -5.334  1.00 41.80 ? 92  HIS A N     1 
ATOM   508  C CA    . HIS A 1 86  ? -7.516  9.687   -6.349  1.00 43.60 ? 92  HIS A CA    1 
ATOM   509  C C     . HIS A 1 86  ? -6.049  9.225   -6.265  1.00 44.03 ? 92  HIS A C     1 
ATOM   510  O O     . HIS A 1 86  ? -5.461  8.798   -7.254  1.00 45.73 ? 92  HIS A O     1 
ATOM   511  C CB    . HIS A 1 86  ? -7.605  11.197  -6.294  1.00 46.74 ? 92  HIS A CB    1 
ATOM   512  C CG    . HIS A 1 86  ? -6.722  11.859  -7.291  1.00 51.28 ? 92  HIS A CG    1 
ATOM   513  N ND1   . HIS A 1 86  ? -5.352  11.932  -7.133  1.00 53.42 ? 92  HIS A ND1   1 
ATOM   514  C CD2   . HIS A 1 86  ? -6.991  12.380  -8.509  1.00 52.83 ? 92  HIS A CD2   1 
ATOM   515  C CE1   . HIS A 1 86  ? -4.815  12.466  -8.218  1.00 54.72 ? 92  HIS A CE1   1 
ATOM   516  N NE2   . HIS A 1 86  ? -5.791  12.748  -9.068  1.00 54.90 ? 92  HIS A NE2   1 
ATOM   517  N N     . ARG A 1 87  ? -5.426  9.299   -5.109  1.00 41.81 ? 93  ARG A N     1 
ATOM   518  C CA    . ARG A 1 87  ? -4.046  8.849   -5.060  1.00 40.52 ? 93  ARG A CA    1 
ATOM   519  C C     . ARG A 1 87  ? -3.906  7.327   -5.282  1.00 38.04 ? 93  ARG A C     1 
ATOM   520  O O     . ARG A 1 87  ? -2.917  6.874   -5.817  1.00 36.70 ? 93  ARG A O     1 
ATOM   521  C CB    . ARG A 1 87  ? -3.390  9.162   -3.690  1.00 39.63 ? 93  ARG A CB    1 
ATOM   522  C CG    . ARG A 1 87  ? -3.204  10.626  -3.331  1.00 37.58 ? 93  ARG A CG    1 
ATOM   523  C CD    . ARG A 1 87  ? -2.507  10.703  -1.969  1.00 32.58 ? 93  ARG A CD    1 
ATOM   524  N NE    . ARG A 1 87  ? -3.411  10.285  -0.897  1.00 27.68 ? 93  ARG A NE    1 
ATOM   525  C CZ    . ARG A 1 87  ? -4.106  11.120  -0.131  1.00 29.73 ? 93  ARG A CZ    1 
ATOM   526  N NH1   . ARG A 1 87  ? -3.979  12.437  -0.311  1.00 27.02 ? 93  ARG A NH1   1 
ATOM   527  N NH2   . ARG A 1 87  ? -4.991  10.640  0.753   1.00 26.91 ? 93  ARG A NH2   1 
ATOM   528  N N     . ARG A 1 88  ? -4.868  6.549   -4.807  1.00 37.20 ? 94  ARG A N     1 
ATOM   529  C CA    . ARG A 1 88  ? -4.800  5.096   -4.921  1.00 36.91 ? 94  ARG A CA    1 
ATOM   530  C C     . ARG A 1 88  ? -5.239  4.610   -6.298  1.00 36.23 ? 94  ARG A C     1 
ATOM   531  O O     . ARG A 1 88  ? -4.944  3.470   -6.720  1.00 33.16 ? 94  ARG A O     1 
ATOM   532  C CB    . ARG A 1 88  ? -5.685  4.454   -3.856  1.00 38.13 ? 94  ARG A CB    1 
ATOM   533  C CG    . ARG A 1 88  ? -5.202  4.659   -2.410  1.00 41.29 ? 94  ARG A CG    1 
ATOM   534  C CD    . ARG A 1 88  ? -4.158  3.615   -2.029  1.00 44.67 ? 94  ARG A CD    1 
ATOM   535  N NE    . ARG A 1 88  ? -2.820  3.965   -2.454  1.00 44.84 ? 94  ARG A NE    1 
ATOM   536  C CZ    . ARG A 1 88  ? -1.958  3.140   -3.039  1.00 44.70 ? 94  ARG A CZ    1 
ATOM   537  N NH1   . ARG A 1 88  ? -2.279  1.877   -3.306  1.00 41.79 ? 94  ARG A NH1   1 
ATOM   538  N NH2   . ARG A 1 88  ? -0.738  3.601   -3.307  1.00 43.37 ? 94  ARG A NH2   1 
ATOM   539  N N     . ALA A 1 89  ? -5.940  5.482   -7.003  1.00 36.26 ? 95  ALA A N     1 
ATOM   540  C CA    . ALA A 1 89  ? -6.438  5.129   -8.340  1.00 37.06 ? 95  ALA A CA    1 
ATOM   541  C C     . ALA A 1 89  ? -7.399  3.945   -8.233  1.00 37.50 ? 95  ALA A C     1 
ATOM   542  O O     . ALA A 1 89  ? -7.262  2.955   -8.945  1.00 35.23 ? 95  ALA A O     1 
ATOM   543  C CB    . ALA A 1 89  ? -5.242  4.783   -9.302  1.00 37.23 ? 95  ALA A CB    1 
ATOM   544  N N     . ILE A 1 90  ? -8.356  4.017   -7.313  1.00 38.54 ? 96  ILE A N     1 
ATOM   545  C CA    . ILE A 1 90  ? -9.350  2.938   -7.222  1.00 41.54 ? 96  ILE A CA    1 
ATOM   546  C C     . ILE A 1 90  ? -10.676 3.642   -7.385  1.00 44.86 ? 96  ILE A C     1 
ATOM   547  O O     . ILE A 1 90  ? -10.700 4.884   -7.404  1.00 43.30 ? 96  ILE A O     1 
ATOM   548  C CB    . ILE A 1 90  ? -9.324  2.205   -5.863  1.00 41.16 ? 96  ILE A CB    1 
ATOM   549  C CG1   . ILE A 1 90  ? -9.362  3.224   -4.723  1.00 40.08 ? 96  ILE A CG1   1 
ATOM   550  C CG2   . ILE A 1 90  ? -8.042  1.342   -5.767  1.00 39.24 ? 96  ILE A CG2   1 
ATOM   551  C CD1   . ILE A 1 90  ? -9.505  2.595   -3.365  1.00 38.21 ? 96  ILE A CD1   1 
ATOM   552  N N     . GLU A 1 91  ? -11.762 2.879   -7.520  1.00 48.11 ? 97  GLU A N     1 
ATOM   553  C CA    . GLU A 1 91  ? -13.084 3.491   -7.681  1.00 52.04 ? 97  GLU A CA    1 
ATOM   554  C C     . GLU A 1 91  ? -13.757 3.665   -6.339  1.00 53.69 ? 97  GLU A C     1 
ATOM   555  O O     . GLU A 1 91  ? -13.665 2.796   -5.468  1.00 54.01 ? 97  GLU A O     1 
ATOM   556  C CB    . GLU A 1 91  ? -13.978 2.656   -8.620  1.00 54.80 ? 97  GLU A CB    1 
ATOM   557  C CG    . GLU A 1 91  ? -13.864 3.021   -10.126 1.00 55.10 ? 97  GLU A CG    1 
ATOM   558  C CD    . GLU A 1 91  ? -14.487 4.387   -10.449 1.00 56.91 ? 97  GLU A CD    1 
ATOM   559  O OE1   . GLU A 1 91  ? -15.701 4.578   -10.138 1.00 56.19 ? 97  GLU A OE1   1 
ATOM   560  O OE2   . GLU A 1 91  ? -13.769 5.261   -11.013 1.00 55.21 ? 97  GLU A OE2   1 
ATOM   561  N N     . LYS A 1 92  ? -14.431 4.811   -6.202  1.00 56.28 ? 98  LYS A N     1 
ATOM   562  C CA    . LYS A 1 92  ? -15.155 5.206   -4.985  1.00 56.62 ? 98  LYS A CA    1 
ATOM   563  C C     . LYS A 1 92  ? -15.801 4.054   -4.217  1.00 55.17 ? 98  LYS A C     1 
ATOM   564  O O     . LYS A 1 92  ? -15.657 3.983   -3.002  1.00 55.64 ? 98  LYS A O     1 
ATOM   565  C CB    . LYS A 1 92  ? -16.203 6.270   -5.334  1.00 59.28 ? 98  LYS A CB    1 
ATOM   566  C CG    . LYS A 1 92  ? -15.621 7.452   -6.121  1.00 61.85 ? 98  LYS A CG    1 
ATOM   567  C CD    . LYS A 1 92  ? -16.520 8.709   -6.133  1.00 63.62 ? 98  LYS A CD    1 
ATOM   568  C CE    . LYS A 1 92  ? -16.643 9.304   -4.727  1.00 63.88 ? 98  LYS A CE    1 
ATOM   569  N NZ    . LYS A 1 92  ? -15.280 9.411   -4.143  1.00 64.41 ? 98  LYS A NZ    1 
ATOM   570  N N     . PRO A 1 93  ? -16.518 3.148   -4.915  1.00 53.62 ? 99  PRO A N     1 
ATOM   571  C CA    . PRO A 1 93  ? -17.186 1.990   -4.309  1.00 51.50 ? 99  PRO A CA    1 
ATOM   572  C C     . PRO A 1 93  ? -16.186 1.083   -3.598  1.00 49.73 ? 99  PRO A C     1 
ATOM   573  O O     . PRO A 1 93  ? -16.464 0.528   -2.520  1.00 48.50 ? 99  PRO A O     1 
ATOM   574  C CB    . PRO A 1 93  ? -17.829 1.296   -5.511  1.00 51.51 ? 99  PRO A CB    1 
ATOM   575  C CG    . PRO A 1 93  ? -18.181 2.445   -6.411  1.00 51.20 ? 99  PRO A CG    1 
ATOM   576  C CD    . PRO A 1 93  ? -16.895 3.265   -6.340  1.00 54.26 ? 99  PRO A CD    1 
ATOM   577  N N     . THR A 1 94  ? -15.028 0.911   -4.228  1.00 47.38 ? 100 THR A N     1 
ATOM   578  C CA    . THR A 1 94  ? -13.974 0.090   -3.664  1.00 44.73 ? 100 THR A CA    1 
ATOM   579  C C     . THR A 1 94  ? -13.387 0.799   -2.450  1.00 40.78 ? 100 THR A C     1 
ATOM   580  O O     . THR A 1 94  ? -13.212 0.218   -1.416  1.00 39.01 ? 100 THR A O     1 
ATOM   581  C CB    . THR A 1 94  ? -12.870 -0.099  -4.640  1.00 46.81 ? 100 THR A CB    1 
ATOM   582  O OG1   . THR A 1 94  ? -13.438 -0.413  -5.908  1.00 50.99 ? 100 THR A OG1   1 
ATOM   583  C CG2   . THR A 1 94  ? -11.950 -1.253  -4.179  1.00 45.82 ? 100 THR A CG2   1 
ATOM   584  N N     . ALA A 1 95  ? -13.079 2.067   -2.599  1.00 38.78 ? 101 ALA A N     1 
ATOM   585  C CA    . ALA A 1 95  ? -12.544 2.826   -1.486  1.00 37.48 ? 101 ALA A CA    1 
ATOM   586  C C     . ALA A 1 95  ? -13.561 2.905   -0.311  1.00 37.34 ? 101 ALA A C     1 
ATOM   587  O O     . ALA A 1 95  ? -13.208 2.703   0.867   1.00 33.83 ? 101 ALA A O     1 
ATOM   588  C CB    . ALA A 1 95  ? -12.157 4.206   -1.990  1.00 37.32 ? 101 ALA A CB    1 
ATOM   589  N N     . ARG A 1 96  ? -14.832 3.165   -0.633  1.00 37.62 ? 102 ARG A N     1 
ATOM   590  C CA    . ARG A 1 96  ? -15.874 3.279   0.391   1.00 37.13 ? 102 ARG A CA    1 
ATOM   591  C C     . ARG A 1 96  ? -15.954 2.002   1.178   1.00 35.83 ? 102 ARG A C     1 
ATOM   592  O O     . ARG A 1 96  ? -15.936 2.017   2.409   1.00 34.76 ? 102 ARG A O     1 
ATOM   593  C CB    . ARG A 1 96  ? -17.248 3.581   -0.242  1.00 40.45 ? 102 ARG A CB    1 
ATOM   594  C CG    . ARG A 1 96  ? -18.225 4.400   0.640   1.00 45.95 ? 102 ARG A CG    1 
ATOM   595  C CD    . ARG A 1 96  ? -19.457 4.941   -0.157  1.00 49.45 ? 102 ARG A CD    1 
ATOM   596  N NE    . ARG A 1 96  ? -19.095 5.623   -1.430  1.00 53.89 ? 102 ARG A NE    1 
ATOM   597  C CZ    . ARG A 1 96  ? -18.972 6.954   -1.618  1.00 55.85 ? 102 ARG A CZ    1 
ATOM   598  N NH1   . ARG A 1 96  ? -19.196 7.811   -0.603  1.00 54.82 ? 102 ARG A NH1   1 
ATOM   599  N NH2   . ARG A 1 96  ? -18.587 7.422   -2.822  1.00 55.39 ? 102 ARG A NH2   1 
ATOM   600  N N     . LYS A 1 97  ? -16.034 0.886   0.474   1.00 34.58 ? 103 LYS A N     1 
ATOM   601  C CA    . LYS A 1 97  ? -16.115 -0.417  1.138   1.00 36.41 ? 103 LYS A CA    1 
ATOM   602  C C     . LYS A 1 97  ? -14.925 -0.760  2.064   1.00 32.99 ? 103 LYS A C     1 
ATOM   603  O O     . LYS A 1 97  ? -15.087 -1.316  3.132   1.00 32.26 ? 103 LYS A O     1 
ATOM   604  C CB    . LYS A 1 97  ? -16.259 -1.526  0.086   1.00 38.99 ? 103 LYS A CB    1 
ATOM   605  C CG    . LYS A 1 97  ? -16.160 -2.923  0.686   1.00 45.95 ? 103 LYS A CG    1 
ATOM   606  C CD    . LYS A 1 97  ? -16.824 -3.987  -0.184  1.00 49.32 ? 103 LYS A CD    1 
ATOM   607  C CE    . LYS A 1 97  ? -16.705 -5.388  0.426   1.00 53.10 ? 103 LYS A CE    1 
ATOM   608  N NZ    . LYS A 1 97  ? -15.365 -6.089  0.212   1.00 54.50 ? 103 LYS A NZ    1 
ATOM   609  N N     . THR A 1 98  ? -13.724 -0.444  1.620   1.00 32.57 ? 104 THR A N     1 
ATOM   610  C CA    . THR A 1 98  ? -12.503 -0.751  2.415   1.00 31.48 ? 104 THR A CA    1 
ATOM   611  C C     . THR A 1 98  ? -12.466 0.172   3.624   1.00 31.06 ? 104 THR A C     1 
ATOM   612  O O     . THR A 1 98  ? -12.141 -0.254  4.710   1.00 31.17 ? 104 THR A O     1 
ATOM   613  C CB    . THR A 1 98  ? -11.259 -0.509  1.529   1.00 30.88 ? 104 THR A CB    1 
ATOM   614  O OG1   . THR A 1 98  ? -11.355 -1.359  0.391   1.00 27.24 ? 104 THR A OG1   1 
ATOM   615  C CG2   . THR A 1 98  ? -9.927  -0.806  2.273   1.00 30.94 ? 104 THR A CG2   1 
ATOM   616  N N     . LEU A 1 99  ? -12.799 1.453   3.427   1.00 32.73 ? 105 LEU A N     1 
ATOM   617  C CA    . LEU A 1 99  ? -12.787 2.401   4.550   1.00 33.57 ? 105 LEU A CA    1 
ATOM   618  C C     . LEU A 1 99  ? -13.790 1.967   5.568   1.00 33.47 ? 105 LEU A C     1 
ATOM   619  O O     . LEU A 1 99  ? -13.534 2.001   6.785   1.00 33.14 ? 105 LEU A O     1 
ATOM   620  C CB    . LEU A 1 99  ? -13.151 3.802   4.099   1.00 34.68 ? 105 LEU A CB    1 
ATOM   621  C CG    . LEU A 1 99  ? -11.973 4.602   3.551   1.00 36.65 ? 105 LEU A CG    1 
ATOM   622  C CD1   . LEU A 1 99  ? -12.558 5.800   2.792   1.00 38.81 ? 105 LEU A CD1   1 
ATOM   623  C CD2   . LEU A 1 99  ? -10.987 5.073   4.676   1.00 31.93 ? 105 LEU A CD2   1 
ATOM   624  N N     . LYS A 1 100 ? -14.953 1.552   5.078   1.00 33.53 ? 106 LYS A N     1 
ATOM   625  C CA    . LYS A 1 100 ? -15.994 1.109   5.968   1.00 33.27 ? 106 LYS A CA    1 
ATOM   626  C C     . LYS A 1 100 ? -15.467 -0.011  6.854   1.00 32.13 ? 106 LYS A C     1 
ATOM   627  O O     . LYS A 1 100 ? -15.780 -0.076  8.034   1.00 32.75 ? 106 LYS A O     1 
ATOM   628  C CB    . LYS A 1 100 ? -17.213 0.611   5.185   1.00 36.59 ? 106 LYS A CB    1 
ATOM   629  C CG    . LYS A 1 100 ? -18.051 1.699   4.525   1.00 41.49 ? 106 LYS A CG    1 
ATOM   630  C CD    . LYS A 1 100 ? -19.436 1.130   4.087   1.00 45.26 ? 106 LYS A CD    1 
ATOM   631  C CE    . LYS A 1 100 ? -20.170 0.588   5.338   1.00 48.57 ? 106 LYS A CE    1 
ATOM   632  N NZ    . LYS A 1 100 ? -20.721 -0.796  5.224   1.00 49.01 ? 106 LYS A NZ    1 
ATOM   633  N N     . ALA A 1 101 ? -14.670 -0.917  6.297   1.00 31.10 ? 107 ALA A N     1 
ATOM   634  C CA    . ALA A 1 101 ? -14.128 -1.991  7.129   1.00 28.73 ? 107 ALA A CA    1 
ATOM   635  C C     . ALA A 1 101 ? -13.087 -1.410  8.095   1.00 27.59 ? 107 ALA A C     1 
ATOM   636  O O     . ALA A 1 101 ? -13.047 -1.761  9.266   1.00 27.15 ? 107 ALA A O     1 
ATOM   637  C CB    . ALA A 1 101 ? -13.511 -3.067  6.270   1.00 30.26 ? 107 ALA A CB    1 
ATOM   638  N N     . LEU A 1 102 ? -12.223 -0.523  7.619   1.00 28.82 ? 108 LEU A N     1 
ATOM   639  C CA    . LEU A 1 102 ? -11.227 0.110   8.520   1.00 27.07 ? 108 LEU A CA    1 
ATOM   640  C C     . LEU A 1 102 ? -11.933 0.790   9.742   1.00 29.24 ? 108 LEU A C     1 
ATOM   641  O O     . LEU A 1 102 ? -11.489 0.624   10.904  1.00 29.73 ? 108 LEU A O     1 
ATOM   642  C CB    . LEU A 1 102 ? -10.436 1.144   7.758   1.00 22.92 ? 108 LEU A CB    1 
ATOM   643  C CG    . LEU A 1 102 ? -9.443  0.478   6.751   1.00 22.85 ? 108 LEU A CG    1 
ATOM   644  C CD1   . LEU A 1 102 ? -8.792  1.559   5.886   1.00 20.47 ? 108 LEU A CD1   1 
ATOM   645  C CD2   . LEU A 1 102 ? -8.407  -0.351  7.569   1.00 20.19 ? 108 LEU A CD2   1 
ATOM   646  N N     . ILE A 1 103 ? -13.038 1.498   9.474   1.00 29.84 ? 109 ILE A N     1 
ATOM   647  C CA    . ILE A 1 103 ? -13.804 2.196   10.524  1.00 31.81 ? 109 ILE A CA    1 
ATOM   648  C C     . ILE A 1 103 ? -14.370 1.167   11.447  1.00 33.59 ? 109 ILE A C     1 
ATOM   649  O O     . ILE A 1 103 ? -14.201 1.269   12.661  1.00 34.55 ? 109 ILE A O     1 
ATOM   650  C CB    . ILE A 1 103 ? -14.996 3.021   9.950   1.00 33.09 ? 109 ILE A CB    1 
ATOM   651  C CG1   . ILE A 1 103 ? -14.476 4.202   9.139   1.00 33.03 ? 109 ILE A CG1   1 
ATOM   652  C CG2   . ILE A 1 103 ? -15.852 3.632   11.116  1.00 32.39 ? 109 ILE A CG2   1 
ATOM   653  C CD1   . ILE A 1 103 ? -15.545 4.758   8.126   1.00 34.21 ? 109 ILE A CD1   1 
ATOM   654  N N     . GLU A 1 104 ? -14.996 0.141   10.867  1.00 34.83 ? 110 GLU A N     1 
ATOM   655  C CA    . GLU A 1 104 ? -15.602 -0.915  11.662  1.00 36.59 ? 110 GLU A CA    1 
ATOM   656  C C     . GLU A 1 104 ? -14.583 -1.641  12.521  1.00 37.13 ? 110 GLU A C     1 
ATOM   657  O O     . GLU A 1 104 ? -14.894 -2.146  13.619  1.00 36.78 ? 110 GLU A O     1 
ATOM   658  C CB    . GLU A 1 104 ? -16.309 -1.907  10.742  1.00 41.91 ? 110 GLU A CB    1 
ATOM   659  C CG    . GLU A 1 104 ? -16.840 -3.168  11.469  1.00 47.78 ? 110 GLU A CG    1 
ATOM   660  C CD    . GLU A 1 104 ? -17.867 -2.845  12.572  1.00 51.94 ? 110 GLU A CD    1 
ATOM   661  O OE1   . GLU A 1 104 ? -18.814 -2.030  12.331  1.00 54.91 ? 110 GLU A OE1   1 
ATOM   662  O OE2   . GLU A 1 104 ? -17.731 -3.419  13.678  1.00 54.17 ? 110 GLU A OE2   1 
ATOM   663  N N     . ASN A 1 105 ? -13.349 -1.711  12.035  1.00 35.01 ? 111 ASN A N     1 
ATOM   664  C CA    . ASN A 1 105 ? -12.316 -2.352  12.814  1.00 34.22 ? 111 ASN A CA    1 
ATOM   665  C C     . ASN A 1 105 ? -11.650 -1.389  13.803  1.00 32.11 ? 111 ASN A C     1 
ATOM   666  O O     . ASN A 1 105 ? -10.645 -1.759  14.415  1.00 26.28 ? 111 ASN A O     1 
ATOM   667  C CB    . ASN A 1 105 ? -11.231 -2.934  11.894  1.00 40.18 ? 111 ASN A CB    1 
ATOM   668  C CG    . ASN A 1 105 ? -11.751 -4.034  11.029  1.00 45.93 ? 111 ASN A CG    1 
ATOM   669  O OD1   . ASN A 1 105 ? -12.473 -4.904  11.507  1.00 50.64 ? 111 ASN A OD1   1 
ATOM   670  N ND2   . ASN A 1 105 ? -11.399 -4.011  9.747   1.00 50.32 ? 111 ASN A ND2   1 
ATOM   671  N N     . ASP A 1 106 ? -12.162 -0.152  13.930  1.00 32.22 ? 112 ASP A N     1 
ATOM   672  C CA    . ASP A 1 106 ? -11.538 0.777   14.897  1.00 31.15 ? 112 ASP A CA    1 
ATOM   673  C C     . ASP A 1 106 ? -10.084 1.195   14.524  1.00 28.79 ? 112 ASP A C     1 
ATOM   674  O O     . ASP A 1 106 ? -9.241  1.484   15.394  1.00 26.47 ? 112 ASP A O     1 
ATOM   675  C CB    . ASP A 1 106 ? -11.551 0.080   16.259  1.00 34.23 ? 112 ASP A CB    1 
ATOM   676  C CG    . ASP A 1 106 ? -11.250 1.026   17.438  1.00 40.31 ? 112 ASP A CG    1 
ATOM   677  O OD1   . ASP A 1 106 ? -11.456 2.258   17.305  1.00 41.44 ? 112 ASP A OD1   1 
ATOM   678  O OD2   . ASP A 1 106 ? -10.831 0.505   18.514  1.00 42.38 ? 112 ASP A OD2   1 
ATOM   679  N N     . LEU A 1 107 ? -9.785  1.225   13.231  1.00 26.75 ? 113 LEU A N     1 
ATOM   680  C CA    . LEU A 1 107 ? -8.434  1.592   12.779  1.00 26.13 ? 113 LEU A CA    1 
ATOM   681  C C     . LEU A 1 107 ? -8.371  3.039   12.302  1.00 25.59 ? 113 LEU A C     1 
ATOM   682  O O     . LEU A 1 107 ? -7.291  3.628   12.225  1.00 22.31 ? 113 LEU A O     1 
ATOM   683  C CB    . LEU A 1 107 ? -7.990  0.654   11.634  1.00 23.92 ? 113 LEU A CB    1 
ATOM   684  C CG    . LEU A 1 107 ? -7.841  -0.793  12.119  1.00 22.45 ? 113 LEU A CG    1 
ATOM   685  C CD1   . LEU A 1 107 ? -7.567  -1.718  10.917  1.00 23.43 ? 113 LEU A CD1   1 
ATOM   686  C CD2   . LEU A 1 107 ? -6.713  -0.870  13.129  1.00 22.26 ? 113 LEU A CD2   1 
ATOM   687  N N     . ILE A 1 108 ? -9.539  3.593   11.967  1.00 26.79 ? 114 ILE A N     1 
ATOM   688  C CA    . ILE A 1 108 ? -9.599  4.967   11.514  1.00 30.72 ? 114 ILE A CA    1 
ATOM   689  C C     . ILE A 1 108 ? -10.856 5.616   12.040  1.00 33.21 ? 114 ILE A C     1 
ATOM   690  O O     . ILE A 1 108 ? -11.875 4.955   12.247  1.00 31.47 ? 114 ILE A O     1 
ATOM   691  C CB    . ILE A 1 108 ? -9.597  5.158   9.948   1.00 33.41 ? 114 ILE A CB    1 
ATOM   692  C CG1   . ILE A 1 108 ? -10.882 4.622   9.364   1.00 37.66 ? 114 ILE A CG1   1 
ATOM   693  C CG2   . ILE A 1 108 ? -8.337  4.549   9.290   1.00 30.52 ? 114 ILE A CG2   1 
ATOM   694  C CD1   . ILE A 1 108 ? -11.053 4.982   7.817   1.00 41.79 ? 114 ILE A CD1   1 
ATOM   695  N N     . THR A 1 109 ? -10.761 6.925   12.249  1.00 34.70 ? 115 THR A N     1 
ATOM   696  C CA    . THR A 1 109 ? -11.895 7.679   12.757  1.00 39.82 ? 115 THR A CA    1 
ATOM   697  C C     . THR A 1 109 ? -12.317 8.718   11.712  1.00 39.94 ? 115 THR A C     1 
ATOM   698  O O     . THR A 1 109 ? -11.491 9.284   11.024  1.00 37.61 ? 115 THR A O     1 
ATOM   699  C CB    . THR A 1 109 ? -11.541 8.393   14.071  1.00 41.38 ? 115 THR A CB    1 
ATOM   700  O OG1   . THR A 1 109 ? -10.214 8.938   13.973  1.00 45.21 ? 115 THR A OG1   1 
ATOM   701  C CG2   . THR A 1 109 ? -11.581 7.422   15.230  1.00 44.66 ? 115 THR A CG2   1 
ATOM   702  N N     . VAL A 1 110 ? -13.615 8.966   11.663  1.00 40.74 ? 116 VAL A N     1 
ATOM   703  C CA    . VAL A 1 110 ? -14.221 9.879   10.729  1.00 44.03 ? 116 VAL A CA    1 
ATOM   704  C C     . VAL A 1 110 ? -14.668 11.178  11.410  1.00 45.76 ? 116 VAL A C     1 
ATOM   705  O O     . VAL A 1 110 ? -15.397 11.148  12.389  1.00 46.36 ? 116 VAL A O     1 
ATOM   706  C CB    . VAL A 1 110 ? -15.495 9.234   10.117  1.00 43.84 ? 116 VAL A CB    1 
ATOM   707  C CG1   . VAL A 1 110 ? -16.107 10.157  9.089   1.00 46.12 ? 116 VAL A CG1   1 
ATOM   708  C CG2   . VAL A 1 110 ? -15.177 7.880   9.525   1.00 43.33 ? 116 VAL A CG2   1 
ATOM   709  N N     . GLU A 1 111 ? -14.246 12.314  10.890  1.00 49.03 ? 117 GLU A N     1 
ATOM   710  C CA    . GLU A 1 111 ? -14.697 13.582  11.430  1.00 52.87 ? 117 GLU A CA    1 
ATOM   711  C C     . GLU A 1 111 ? -16.231 13.535  11.461  1.00 55.59 ? 117 GLU A C     1 
ATOM   712  O O     . GLU A 1 111 ? -16.862 13.193  10.456  1.00 56.60 ? 117 GLU A O     1 
ATOM   713  C CB    . GLU A 1 111 ? -14.288 14.715  10.503  1.00 53.19 ? 117 GLU A CB    1 
ATOM   714  C CG    . GLU A 1 111 ? -15.117 15.952  10.709  1.00 54.56 ? 117 GLU A CG    1 
ATOM   715  C CD    . GLU A 1 111 ? -15.091 16.899  9.522   1.00 54.66 ? 117 GLU A CD    1 
ATOM   716  O OE1   . GLU A 1 111 ? -15.661 17.999  9.663   1.00 54.78 ? 117 GLU A OE1   1 
ATOM   717  O OE2   . GLU A 1 111 ? -14.514 16.546  8.455   1.00 54.81 ? 117 GLU A OE2   1 
ATOM   718  N N     . ASN A 1 112 ? -16.839 13.842  12.601  1.00 57.73 ? 118 ASN A N     1 
ATOM   719  C CA    . ASN A 1 112 ? -18.300 13.862  12.651  1.00 60.61 ? 118 ASN A CA    1 
ATOM   720  C C     . ASN A 1 112 ? -18.741 15.239  12.108  1.00 59.83 ? 118 ASN A C     1 
ATOM   721  O O     . ASN A 1 112 ? -18.392 16.287  12.653  1.00 60.39 ? 118 ASN A O     1 
ATOM   722  C CB    . ASN A 1 112 ? -18.790 13.644  14.087  1.00 63.91 ? 118 ASN A CB    1 
ATOM   723  C CG    . ASN A 1 112 ? -18.102 14.558  15.079  1.00 65.81 ? 118 ASN A CG    1 
ATOM   724  O OD1   . ASN A 1 112 ? -18.346 14.470  16.295  1.00 66.78 ? 118 ASN A OD1   1 
ATOM   725  N ND2   . ASN A 1 112 ? -17.218 15.440  14.568  1.00 67.01 ? 118 ASN A ND2   1 
ATOM   726  N N     . SER A 1 113 ? -19.478 15.212  11.009  1.00 58.65 ? 119 SER A N     1 
ATOM   727  C CA    . SER A 1 113 ? -19.918 16.416  10.353  1.00 58.30 ? 119 SER A CA    1 
ATOM   728  C C     . SER A 1 113 ? -21.240 16.109  9.664   1.00 58.16 ? 119 SER A C     1 
ATOM   729  O O     . SER A 1 113 ? -21.687 14.952  9.643   1.00 58.52 ? 119 SER A O     1 
ATOM   730  C CB    . SER A 1 113 ? -18.849 16.860  9.347   1.00 57.93 ? 119 SER A CB    1 
ATOM   731  O OG    . SER A 1 113 ? -19.346 16.899  8.022   1.00 57.84 ? 119 SER A OG    1 
ATOM   732  N N     . LEU A 1 114 ? -21.893 17.132  9.126   1.00 56.77 ? 120 LEU A N     1 
ATOM   733  C CA    . LEU A 1 114 ? -23.154 16.881  8.464   1.00 55.87 ? 120 LEU A CA    1 
ATOM   734  C C     . LEU A 1 114 ? -22.958 16.793  6.963   1.00 54.90 ? 120 LEU A C     1 
ATOM   735  O O     . LEU A 1 114 ? -23.905 16.470  6.229   1.00 53.79 ? 120 LEU A O     1 
ATOM   736  C CB    . LEU A 1 114 ? -24.202 17.950  8.825   1.00 56.53 ? 120 LEU A CB    1 
ATOM   737  C CG    . LEU A 1 114 ? -24.664 17.907  10.300  1.00 58.00 ? 120 LEU A CG    1 
ATOM   738  C CD1   . LEU A 1 114 ? -25.506 19.135  10.538  1.00 58.48 ? 120 LEU A CD1   1 
ATOM   739  C CD2   . LEU A 1 114 ? -25.451 16.613  10.655  1.00 57.37 ? 120 LEU A CD2   1 
ATOM   740  N N     . GLU A 1 115 ? -21.730 17.075  6.519   1.00 53.65 ? 121 GLU A N     1 
ATOM   741  C CA    . GLU A 1 115 ? -21.371 16.987  5.105   1.00 53.36 ? 121 GLU A CA    1 
ATOM   742  C C     . GLU A 1 115 ? -21.442 15.549  4.577   1.00 51.87 ? 121 GLU A C     1 
ATOM   743  O O     . GLU A 1 115 ? -21.768 14.611  5.307   1.00 50.03 ? 121 GLU A O     1 
ATOM   744  C CB    . GLU A 1 115 ? -19.953 17.427  4.884   1.00 54.19 ? 121 GLU A CB    1 
ATOM   745  C CG    . GLU A 1 115 ? -19.681 18.840  5.114   1.00 57.40 ? 121 GLU A CG    1 
ATOM   746  C CD    . GLU A 1 115 ? -18.327 19.177  4.560   1.00 59.51 ? 121 GLU A CD    1 
ATOM   747  O OE1   . GLU A 1 115 ? -18.198 19.273  3.308   1.00 61.17 ? 121 GLU A OE1   1 
ATOM   748  O OE2   . GLU A 1 115 ? -17.389 19.310  5.373   1.00 60.16 ? 121 GLU A OE2   1 
ATOM   749  N N     . ASP A 1 116 ? -21.116 15.386  3.301   1.00 51.71 ? 122 ASP A N     1 
ATOM   750  C CA    . ASP A 1 116 ? -21.121 14.042  2.706   1.00 51.29 ? 122 ASP A CA    1 
ATOM   751  C C     . ASP A 1 116 ? -19.952 13.203  3.250   1.00 48.25 ? 122 ASP A C     1 
ATOM   752  O O     . ASP A 1 116 ? -18.850 13.719  3.438   1.00 47.13 ? 122 ASP A O     1 
ATOM   753  C CB    . ASP A 1 116 ? -21.010 14.112  1.174   1.00 53.60 ? 122 ASP A CB    1 
ATOM   754  C CG    . ASP A 1 116 ? -22.291 14.589  0.520   1.00 56.68 ? 122 ASP A CG    1 
ATOM   755  O OD1   . ASP A 1 116 ? -23.389 14.386  1.106   1.00 58.26 ? 122 ASP A OD1   1 
ATOM   756  O OD2   . ASP A 1 116 ? -22.200 15.160  -0.586  1.00 57.17 ? 122 ASP A OD2   1 
ATOM   757  N N     . LYS A 1 117 ? -20.205 11.922  3.495   1.00 46.48 ? 123 LYS A N     1 
ATOM   758  C CA    . LYS A 1 117 ? -19.165 11.025  3.991   1.00 45.34 ? 123 LYS A CA    1 
ATOM   759  C C     . LYS A 1 117 ? -17.868 11.172  3.165   1.00 43.97 ? 123 LYS A C     1 
ATOM   760  O O     . LYS A 1 117 ? -16.772 11.236  3.704   1.00 43.54 ? 123 LYS A O     1 
ATOM   761  C CB    . LYS A 1 117 ? -19.645 9.586   3.923   1.00 45.50 ? 123 LYS A CB    1 
ATOM   762  C CG    . LYS A 1 117 ? -20.653 9.141   4.983   1.00 46.92 ? 123 LYS A CG    1 
ATOM   763  C CD    . LYS A 1 117 ? -20.994 7.642   4.758   1.00 48.42 ? 123 LYS A CD    1 
ATOM   764  C CE    . LYS A 1 117 ? -21.805 7.042   5.900   1.00 50.11 ? 123 LYS A CE    1 
ATOM   765  N NZ    . LYS A 1 117 ? -23.177 7.614   5.961   1.00 51.23 ? 123 LYS A NZ    1 
ATOM   766  N N     . ARG A 1 118 ? -17.992 11.257  1.851   1.00 44.01 ? 124 ARG A N     1 
ATOM   767  C CA    . ARG A 1 118 ? -16.816 11.372  0.996   1.00 44.98 ? 124 ARG A CA    1 
ATOM   768  C C     . ARG A 1 118 ? -15.939 12.624  1.201   1.00 43.07 ? 124 ARG A C     1 
ATOM   769  O O     . ARG A 1 118 ? -14.785 12.673  0.714   1.00 41.18 ? 124 ARG A O     1 
ATOM   770  C CB    . ARG A 1 118 ? -17.243 11.247  -0.476  1.00 47.81 ? 124 ARG A CB    1 
ATOM   771  C CG    . ARG A 1 118 ? -17.650 12.540  -1.159  1.00 54.64 ? 124 ARG A CG    1 
ATOM   772  C CD    . ARG A 1 118 ? -18.362 12.203  -2.450  1.00 58.99 ? 124 ARG A CD    1 
ATOM   773  N NE    . ARG A 1 118 ? -19.463 11.270  -2.181  1.00 63.97 ? 124 ARG A NE    1 
ATOM   774  C CZ    . ARG A 1 118 ? -20.753 11.567  -2.328  1.00 65.91 ? 124 ARG A CZ    1 
ATOM   775  N NH1   . ARG A 1 118 ? -21.122 12.781  -2.747  1.00 67.28 ? 124 ARG A NH1   1 
ATOM   776  N NH2   . ARG A 1 118 ? -21.677 10.655  -2.047  1.00 66.58 ? 124 ARG A NH2   1 
ATOM   777  N N     . GLN A 1 119 ? -16.497 13.613  1.916   1.00 42.85 ? 125 GLN A N     1 
ATOM   778  C CA    . GLN A 1 119 ? -15.841 14.909  2.260   1.00 41.70 ? 125 GLN A CA    1 
ATOM   779  C C     . GLN A 1 119 ? -15.276 14.948  3.724   1.00 39.25 ? 125 GLN A C     1 
ATOM   780  O O     . GLN A 1 119 ? -14.480 15.820  4.076   1.00 36.78 ? 125 GLN A O     1 
ATOM   781  C CB    . GLN A 1 119 ? -16.866 16.070  2.139   1.00 45.38 ? 125 GLN A CB    1 
ATOM   782  C CG    . GLN A 1 119 ? -17.294 16.441  0.710   1.00 49.30 ? 125 GLN A CG    1 
ATOM   783  C CD    . GLN A 1 119 ? -16.150 17.072  -0.047  1.00 52.51 ? 125 GLN A CD    1 
ATOM   784  O OE1   . GLN A 1 119 ? -14.980 16.879  0.313   1.00 55.69 ? 125 GLN A OE1   1 
ATOM   785  N NE2   . GLN A 1 119 ? -16.464 17.826  -1.095  1.00 53.95 ? 125 GLN A NE2   1 
ATOM   786  N N     . LYS A 1 120 ? -15.718 14.011  4.563   1.00 36.13 ? 126 LYS A N     1 
ATOM   787  C CA    . LYS A 1 120 ? -15.313 13.965  5.948   1.00 34.63 ? 126 LYS A CA    1 
ATOM   788  C C     . LYS A 1 120 ? -13.838 13.632  6.131   1.00 34.24 ? 126 LYS A C     1 
ATOM   789  O O     . LYS A 1 120 ? -13.254 12.853  5.364   1.00 33.29 ? 126 LYS A O     1 
ATOM   790  C CB    . LYS A 1 120 ? -16.188 12.969  6.659   1.00 35.83 ? 126 LYS A CB    1 
ATOM   791  C CG    . LYS A 1 120 ? -17.665 13.295  6.509   1.00 37.10 ? 126 LYS A CG    1 
ATOM   792  C CD    . LYS A 1 120 ? -18.491 12.480  7.491   1.00 38.71 ? 126 LYS A CD    1 
ATOM   793  C CE    . LYS A 1 120 ? -20.005 12.666  7.259   1.00 37.21 ? 126 LYS A CE    1 
ATOM   794  N NZ    . LYS A 1 120 ? -20.728 11.932  8.306   1.00 39.70 ? 126 LYS A NZ    1 
ATOM   795  N N     . PHE A 1 121 ? -13.215 14.263  7.111   1.00 33.14 ? 127 PHE A N     1 
ATOM   796  C CA    . PHE A 1 121 ? -11.804 14.013  7.336   1.00 32.21 ? 127 PHE A CA    1 
ATOM   797  C C     . PHE A 1 121 ? -11.574 12.688  8.036   1.00 31.21 ? 127 PHE A C     1 
ATOM   798  O O     . PHE A 1 121 ? -12.355 12.282  8.925   1.00 31.65 ? 127 PHE A O     1 
ATOM   799  C CB    . PHE A 1 121 ? -11.185 15.153  8.094   1.00 32.77 ? 127 PHE A CB    1 
ATOM   800  C CG    . PHE A 1 121 ? -10.990 16.357  7.246   1.00 36.36 ? 127 PHE A CG    1 
ATOM   801  C CD1   . PHE A 1 121 ? -10.024 16.352  6.242   1.00 34.53 ? 127 PHE A CD1   1 
ATOM   802  C CD2   . PHE A 1 121 ? -11.842 17.462  7.375   1.00 35.07 ? 127 PHE A CD2   1 
ATOM   803  C CE1   . PHE A 1 121 ? -9.904  17.441  5.353   1.00 36.68 ? 127 PHE A CE1   1 
ATOM   804  C CE2   . PHE A 1 121 ? -11.736 18.532  6.512   1.00 38.08 ? 127 PHE A CE2   1 
ATOM   805  C CZ    . PHE A 1 121 ? -10.768 18.535  5.489   1.00 35.25 ? 127 PHE A CZ    1 
ATOM   806  N N     . LEU A 1 122 ? -10.516 12.014  7.599   1.00 27.88 ? 128 LEU A N     1 
ATOM   807  C CA    . LEU A 1 122 ? -10.174 10.698  8.126   1.00 28.27 ? 128 LEU A CA    1 
ATOM   808  C C     . LEU A 1 122 ? -8.781  10.678  8.720   1.00 27.70 ? 128 LEU A C     1 
ATOM   809  O O     . LEU A 1 122 ? -7.831  11.182  8.107   1.00 25.90 ? 128 LEU A O     1 
ATOM   810  C CB    . LEU A 1 122 ? -10.211 9.661   6.986   1.00 27.25 ? 128 LEU A CB    1 
ATOM   811  C CG    . LEU A 1 122 ? -11.477 9.727   6.124   1.00 29.49 ? 128 LEU A CG    1 
ATOM   812  C CD1   . LEU A 1 122 ? -11.253 9.014   4.741   1.00 28.69 ? 128 LEU A CD1   1 
ATOM   813  C CD2   . LEU A 1 122 ? -12.595 9.104   6.872   1.00 27.62 ? 128 LEU A CD2   1 
ATOM   814  N N     . THR A 1 123 ? -8.654  10.068  9.894   1.00 26.89 ? 129 THR A N     1 
ATOM   815  C CA    . THR A 1 123 ? -7.351  9.954   10.523  1.00 27.73 ? 129 THR A CA    1 
ATOM   816  C C     . THR A 1 123 ? -7.262  8.607   11.220  1.00 26.97 ? 129 THR A C     1 
ATOM   817  O O     . THR A 1 123 ? -8.289  8.001   11.515  1.00 27.13 ? 129 THR A O     1 
ATOM   818  C CB    . THR A 1 123 ? -7.149  11.029  11.624  1.00 29.05 ? 129 THR A CB    1 
ATOM   819  O OG1   . THR A 1 123 ? -8.275  10.982  12.495  1.00 30.65 ? 129 THR A OG1   1 
ATOM   820  C CG2   . THR A 1 123 ? -6.966  12.413  11.007  1.00 25.67 ? 129 THR A CG2   1 
ATOM   821  N N     . LEU A 1 124 ? -6.040  8.164   11.517  1.00 25.51 ? 130 LEU A N     1 
ATOM   822  C CA    . LEU A 1 124 ? -5.884  6.874   12.194  1.00 25.28 ? 130 LEU A CA    1 
ATOM   823  C C     . LEU A 1 124 ? -6.254  7.001   13.629  1.00 26.08 ? 130 LEU A C     1 
ATOM   824  O O     . LEU A 1 124 ? -6.016  8.041   14.239  1.00 24.26 ? 130 LEU A O     1 
ATOM   825  C CB    . LEU A 1 124 ? -4.431  6.381   12.194  1.00 25.09 ? 130 LEU A CB    1 
ATOM   826  C CG    . LEU A 1 124 ? -3.661  6.068   10.878  1.00 28.76 ? 130 LEU A CG    1 
ATOM   827  C CD1   . LEU A 1 124 ? -2.672  4.944   11.120  1.00 27.99 ? 130 LEU A CD1   1 
ATOM   828  C CD2   . LEU A 1 124 ? -4.575  5.731   9.766   1.00 28.23 ? 130 LEU A CD2   1 
ATOM   829  N N     . THR A 1 125 ? -6.829  5.939   14.176  1.00 27.32 ? 131 THR A N     1 
ATOM   830  C CA    . THR A 1 125 ? -7.102  5.894   15.637  1.00 26.12 ? 131 THR A CA    1 
ATOM   831  C C     . THR A 1 125 ? -5.797  5.404   16.284  1.00 24.87 ? 131 THR A C     1 
ATOM   832  O O     . THR A 1 125 ? -4.873  4.965   15.586  1.00 24.60 ? 131 THR A O     1 
ATOM   833  C CB    . THR A 1 125 ? -8.080  4.816   15.979  1.00 26.09 ? 131 THR A CB    1 
ATOM   834  O OG1   . THR A 1 125 ? -7.492  3.571   15.536  1.00 26.32 ? 131 THR A OG1   1 
ATOM   835  C CG2   . THR A 1 125 ? -9.438  5.079   15.292  1.00 25.97 ? 131 THR A CG2   1 
ATOM   836  N N     . PRO A 1 126 ? -5.702  5.436   17.634  1.00 25.70 ? 132 PRO A N     1 
ATOM   837  C CA    . PRO A 1 126 ? -4.450  4.959   18.278  1.00 24.62 ? 132 PRO A CA    1 
ATOM   838  C C     . PRO A 1 126 ? -4.126  3.482   17.914  1.00 24.46 ? 132 PRO A C     1 
ATOM   839  O O     . PRO A 1 126 ? -2.945  3.077   17.779  1.00 25.73 ? 132 PRO A O     1 
ATOM   840  C CB    . PRO A 1 126 ? -4.730  5.120   19.777  1.00 25.95 ? 132 PRO A CB    1 
ATOM   841  C CG    . PRO A 1 126 ? -5.632  6.428   19.809  1.00 26.07 ? 132 PRO A CG    1 
ATOM   842  C CD    . PRO A 1 126 ? -6.564  6.194   18.577  1.00 26.55 ? 132 PRO A CD    1 
ATOM   843  N N     . LYS A 1 127 ? -5.175  2.674   17.823  1.00 23.04 ? 133 LYS A N     1 
ATOM   844  C CA    . LYS A 1 127 ? -5.026  1.265   17.432  1.00 23.41 ? 133 LYS A CA    1 
ATOM   845  C C     . LYS A 1 127 ? -4.459  1.236   16.011  1.00 22.04 ? 133 LYS A C     1 
ATOM   846  O O     . LYS A 1 127 ? -3.518  0.485   15.702  1.00 26.19 ? 133 LYS A O     1 
ATOM   847  C CB    . LYS A 1 127 ? -6.399  0.613   17.444  1.00 24.38 ? 133 LYS A CB    1 
ATOM   848  C CG    . LYS A 1 127 ? -6.380  -0.896  17.189  1.00 25.80 ? 133 LYS A CG    1 
ATOM   849  C CD    . LYS A 1 127 ? -7.820  -1.460  17.185  1.00 25.66 ? 133 LYS A CD    1 
ATOM   850  C CE    . LYS A 1 127 ? -7.845  -2.875  16.667  1.00 27.49 ? 133 LYS A CE    1 
ATOM   851  N NZ    . LYS A 1 127 ? -9.248  -3.332  16.347  1.00 26.75 ? 133 LYS A NZ    1 
ATOM   852  N N     . GLY A 1 128 ? -5.010  2.077   15.154  1.00 21.40 ? 134 GLY A N     1 
ATOM   853  C CA    . GLY A 1 128 ? -4.534  2.156   13.790  1.00 22.74 ? 134 GLY A CA    1 
ATOM   854  C C     . GLY A 1 128 ? -3.042  2.466   13.722  1.00 25.54 ? 134 GLY A C     1 
ATOM   855  O O     . GLY A 1 128 ? -2.275  1.825   12.933  1.00 25.24 ? 134 GLY A O     1 
ATOM   856  N N     . HIS A 1 129 ? -2.584  3.439   14.539  1.00 24.81 ? 135 HIS A N     1 
ATOM   857  C CA    . HIS A 1 129 ? -1.175  3.789   14.556  1.00 23.81 ? 135 HIS A CA    1 
ATOM   858  C C     . HIS A 1 129 ? -0.294  2.670   15.048  1.00 24.42 ? 135 HIS A C     1 
ATOM   859  O O     . HIS A 1 129 ? 0.819   2.429   14.540  1.00 24.39 ? 135 HIS A O     1 
ATOM   860  C CB    . HIS A 1 129 ? -0.938  5.035   15.434  1.00 27.18 ? 135 HIS A CB    1 
ATOM   861  C CG    . HIS A 1 129 ? -1.237  6.334   14.741  1.00 27.84 ? 135 HIS A CG    1 
ATOM   862  N ND1   . HIS A 1 129 ? -0.502  6.782   13.662  1.00 28.90 ? 135 HIS A ND1   1 
ATOM   863  C CD2   . HIS A 1 129 ? -2.175  7.293   14.988  1.00 27.41 ? 135 HIS A CD2   1 
ATOM   864  C CE1   . HIS A 1 129 ? -0.973  7.963   13.280  1.00 30.10 ? 135 HIS A CE1   1 
ATOM   865  N NE2   . HIS A 1 129 ? -1.988  8.293   14.067  1.00 28.43 ? 135 HIS A NE2   1 
ATOM   866  N N     . GLU A 1 130 ? -0.768  1.967   16.065  1.00 24.31 ? 136 GLU A N     1 
ATOM   867  C CA    . GLU A 1 130 ? 0.017   0.862   16.583  1.00 23.72 ? 136 GLU A CA    1 
ATOM   868  C C     . GLU A 1 130 ? 0.131   -0.215  15.495  1.00 23.77 ? 136 GLU A C     1 
ATOM   869  O O     . GLU A 1 130 ? 1.191   -0.786  15.277  1.00 24.63 ? 136 GLU A O     1 
ATOM   870  C CB    . GLU A 1 130 ? -0.667  0.271   17.804  1.00 24.52 ? 136 GLU A CB    1 
ATOM   871  C CG    . GLU A 1 130 ? 0.081   -0.839  18.451  1.00 30.73 ? 136 GLU A CG    1 
ATOM   872  C CD    . GLU A 1 130 ? 1.334   -0.426  19.224  1.00 35.12 ? 136 GLU A CD    1 
ATOM   873  O OE1   . GLU A 1 130 ? 1.513   0.773   19.512  1.00 37.70 ? 136 GLU A OE1   1 
ATOM   874  O OE2   . GLU A 1 130 ? 2.130   -1.340  19.591  1.00 39.61 ? 136 GLU A OE2   1 
ATOM   875  N N     . LEU A 1 131 ? -0.960  -0.522  14.828  1.00 23.53 ? 137 LEU A N     1 
ATOM   876  C CA    . LEU A 1 131 ? -0.901  -1.569  13.802  1.00 22.25 ? 137 LEU A CA    1 
ATOM   877  C C     . LEU A 1 131 ? 0.090   -1.110  12.697  1.00 23.11 ? 137 LEU A C     1 
ATOM   878  O O     . LEU A 1 131 ? 0.981   -1.843  12.272  1.00 21.73 ? 137 LEU A O     1 
ATOM   879  C CB    . LEU A 1 131 ? -2.290  -1.787  13.233  1.00 22.13 ? 137 LEU A CB    1 
ATOM   880  C CG    . LEU A 1 131 ? -2.502  -2.872  12.141  1.00 24.00 ? 137 LEU A CG    1 
ATOM   881  C CD1   . LEU A 1 131 ? -3.982  -3.131  12.056  1.00 21.75 ? 137 LEU A CD1   1 
ATOM   882  C CD2   . LEU A 1 131 ? -1.940  -2.414  10.787  1.00 22.78 ? 137 LEU A CD2   1 
ATOM   883  N N     . TYR A 1 132 ? -0.041  0.147   12.299  1.00 24.70 ? 138 TYR A N     1 
ATOM   884  C CA    . TYR A 1 132 ? 0.784   0.724   11.233  1.00 25.55 ? 138 TYR A CA    1 
ATOM   885  C C     . TYR A 1 132 ? 2.272   0.650   11.508  1.00 27.79 ? 138 TYR A C     1 
ATOM   886  O O     . TYR A 1 132 ? 3.055   0.228   10.646  1.00 27.00 ? 138 TYR A O     1 
ATOM   887  C CB    . TYR A 1 132 ? 0.365   2.181   11.025  1.00 26.91 ? 138 TYR A CB    1 
ATOM   888  C CG    . TYR A 1 132 ? 1.210   2.926   10.018  1.00 30.25 ? 138 TYR A CG    1 
ATOM   889  C CD1   . TYR A 1 132 ? 1.079   2.682   8.661   1.00 30.35 ? 138 TYR A CD1   1 
ATOM   890  C CD2   . TYR A 1 132 ? 2.154   3.869   10.436  1.00 33.54 ? 138 TYR A CD2   1 
ATOM   891  C CE1   . TYR A 1 132 ? 1.850   3.329   7.744   1.00 33.50 ? 138 TYR A CE1   1 
ATOM   892  C CE2   . TYR A 1 132 ? 2.944   4.541   9.523   1.00 36.61 ? 138 TYR A CE2   1 
ATOM   893  C CZ    . TYR A 1 132 ? 2.783   4.253   8.170   1.00 35.95 ? 138 TYR A CZ    1 
ATOM   894  O OH    . TYR A 1 132 ? 3.572   4.863   7.245   1.00 38.79 ? 138 TYR A OH    1 
ATOM   895  N N     . GLU A 1 133 ? 2.682   1.081   12.707  1.00 28.58 ? 139 GLU A N     1 
ATOM   896  C CA    . GLU A 1 133 ? 4.091   1.043   13.050  1.00 29.42 ? 139 GLU A CA    1 
ATOM   897  C C     . GLU A 1 133 ? 4.602   -0.371  13.075  1.00 28.18 ? 139 GLU A C     1 
ATOM   898  O O     . GLU A 1 133 ? 5.733   -0.636  12.632  1.00 29.43 ? 139 GLU A O     1 
ATOM   899  C CB    . GLU A 1 133 ? 4.351   1.686   14.411  1.00 34.44 ? 139 GLU A CB    1 
ATOM   900  C CG    . GLU A 1 133 ? 4.132   3.199   14.412  1.00 40.29 ? 139 GLU A CG    1 
ATOM   901  C CD    . GLU A 1 133 ? 4.118   3.770   15.840  1.00 43.63 ? 139 GLU A CD    1 
ATOM   902  O OE1   . GLU A 1 133 ? 4.892   3.231   16.713  1.00 44.92 ? 139 GLU A OE1   1 
ATOM   903  O OE2   . GLU A 1 133 ? 3.330   4.732   16.062  1.00 42.65 ? 139 GLU A OE2   1 
ATOM   904  N N     . ILE A 1 134 ? 3.779   -1.304  13.527  1.00 26.19 ? 140 ILE A N     1 
ATOM   905  C CA    . ILE A 1 134 ? 4.250   -2.678  13.573  1.00 27.27 ? 140 ILE A CA    1 
ATOM   906  C C     . ILE A 1 134 ? 4.430   -3.313  12.169  1.00 27.53 ? 140 ILE A C     1 
ATOM   907  O O     . ILE A 1 134 ? 5.431   -3.988  11.887  1.00 26.26 ? 140 ILE A O     1 
ATOM   908  C CB    . ILE A 1 134 ? 3.320   -3.565  14.362  1.00 28.33 ? 140 ILE A CB    1 
ATOM   909  C CG1   . ILE A 1 134 ? 3.462   -3.262  15.842  1.00 27.96 ? 140 ILE A CG1   1 
ATOM   910  C CG2   . ILE A 1 134 ? 3.671   -5.027  14.125  1.00 30.06 ? 140 ILE A CG2   1 
ATOM   911  C CD1   . ILE A 1 134 ? 2.214   -3.725  16.621  1.00 28.96 ? 140 ILE A CD1   1 
ATOM   912  N N     . VAL A 1 135 ? 3.434   -3.138  11.310  1.00 27.10 ? 141 VAL A N     1 
ATOM   913  C CA    . VAL A 1 135 ? 3.541   -3.687  9.956   1.00 25.97 ? 141 VAL A CA    1 
ATOM   914  C C     . VAL A 1 135 ? 4.706   -3.052  9.233   1.00 25.27 ? 141 VAL A C     1 
ATOM   915  O O     . VAL A 1 135 ? 5.516   -3.724  8.642   1.00 25.18 ? 141 VAL A O     1 
ATOM   916  C CB    . VAL A 1 135 ? 2.231   -3.406  9.144   1.00 25.98 ? 141 VAL A CB    1 
ATOM   917  C CG1   . VAL A 1 135 ? 2.482   -3.608  7.602   1.00 26.09 ? 141 VAL A CG1   1 
ATOM   918  C CG2   . VAL A 1 135 ? 1.094   -4.353  9.653   1.00 25.60 ? 141 VAL A CG2   1 
ATOM   919  N N     . CYS A 1 136 ? 4.798   -1.735  9.314   1.00 26.06 ? 142 CYS A N     1 
ATOM   920  C CA    . CYS A 1 136 ? 5.808   -1.021  8.608   1.00 30.37 ? 142 CYS A CA    1 
ATOM   921  C C     . CYS A 1 136 ? 7.230   -1.498  8.951   1.00 32.28 ? 142 CYS A C     1 
ATOM   922  O O     . CYS A 1 136 ? 8.064   -1.747  8.067   1.00 30.63 ? 142 CYS A O     1 
ATOM   923  C CB    . CYS A 1 136 ? 5.558   0.466   8.856   1.00 35.57 ? 142 CYS A CB    1 
ATOM   924  S SG    . CYS A 1 136 ? 6.838   1.514   8.244   1.00 51.12 ? 142 CYS A SG    1 
ATOM   925  N N     . LEU A 1 137 ? 7.502   -1.662  10.239  1.00 31.31 ? 143 LEU A N     1 
ATOM   926  C CA    . LEU A 1 137 ? 8.793   -2.150  10.661  1.00 32.15 ? 143 LEU A CA    1 
ATOM   927  C C     . LEU A 1 137 ? 8.997   -3.612  10.188  1.00 31.27 ? 143 LEU A C     1 
ATOM   928  O O     . LEU A 1 137 ? 10.056  -3.936  9.667   1.00 32.11 ? 143 LEU A O     1 
ATOM   929  C CB    . LEU A 1 137 ? 8.905   -2.065  12.200  1.00 34.24 ? 143 LEU A CB    1 
ATOM   930  C CG    . LEU A 1 137 ? 10.286  -2.422  12.750  1.00 37.84 ? 143 LEU A CG    1 
ATOM   931  C CD1   . LEU A 1 137 ? 11.315  -1.432  12.233  1.00 37.91 ? 143 LEU A CD1   1 
ATOM   932  C CD2   . LEU A 1 137 ? 10.239  -2.415  14.320  1.00 39.16 ? 143 LEU A CD2   1 
ATOM   933  N N     . ASP A 1 138 ? 8.027   -4.500  10.362  1.00 29.63 ? 144 ASP A N     1 
ATOM   934  C CA    . ASP A 1 138 ? 8.214   -5.876  9.860   1.00 31.69 ? 144 ASP A CA    1 
ATOM   935  C C     . ASP A 1 138 ? 8.529   -5.908  8.344   1.00 30.98 ? 144 ASP A C     1 
ATOM   936  O O     . ASP A 1 138 ? 9.369   -6.679  7.863   1.00 32.19 ? 144 ASP A O     1 
ATOM   937  C CB    . ASP A 1 138 ? 6.951   -6.738  10.056  1.00 34.74 ? 144 ASP A CB    1 
ATOM   938  C CG    . ASP A 1 138 ? 6.833   -7.300  11.471  1.00 40.65 ? 144 ASP A CG    1 
ATOM   939  O OD1   . ASP A 1 138 ? 5.770   -7.893  11.781  1.00 43.13 ? 144 ASP A OD1   1 
ATOM   940  O OD2   . ASP A 1 138 ? 7.789   -7.137  12.274  1.00 43.59 ? 144 ASP A OD2   1 
ATOM   941  N N     . VAL A 1 139 ? 7.800   -5.118  7.585   1.00 27.32 ? 145 VAL A N     1 
ATOM   942  C CA    . VAL A 1 139 ? 8.021   -5.073  6.147   1.00 25.81 ? 145 VAL A CA    1 
ATOM   943  C C     . VAL A 1 139 ? 9.443   -4.580  5.872   1.00 26.69 ? 145 VAL A C     1 
ATOM   944  O O     . VAL A 1 139 ? 10.161  -5.157  5.055   1.00 26.56 ? 145 VAL A O     1 
ATOM   945  C CB    . VAL A 1 139 ? 6.994   -4.110  5.489   1.00 25.92 ? 145 VAL A CB    1 
ATOM   946  C CG1   . VAL A 1 139 ? 7.439   -3.747  4.003   1.00 25.50 ? 145 VAL A CG1   1 
ATOM   947  C CG2   . VAL A 1 139 ? 5.582   -4.818  5.495   1.00 23.41 ? 145 VAL A CG2   1 
ATOM   948  N N     . GLN A 1 140 ? 9.864   -3.537  6.577   1.00 26.64 ? 146 GLN A N     1 
ATOM   949  C CA    . GLN A 1 140 ? 11.205  -2.980  6.371   1.00 29.21 ? 146 GLN A CA    1 
ATOM   950  C C     . GLN A 1 140 ? 12.289  -4.000  6.663   1.00 29.48 ? 146 GLN A C     1 
ATOM   951  O O     . GLN A 1 140 ? 13.290  -4.079  5.936   1.00 30.52 ? 146 GLN A O     1 
ATOM   952  C CB    . GLN A 1 140 ? 11.451  -1.789  7.282   1.00 31.31 ? 146 GLN A CB    1 
ATOM   953  C CG    . GLN A 1 140 ? 10.964  -0.480  6.747   1.00 37.66 ? 146 GLN A CG    1 
ATOM   954  C CD    . GLN A 1 140 ? 10.766  0.566   7.864   1.00 40.10 ? 146 GLN A CD    1 
ATOM   955  O OE1   . GLN A 1 140 ? 10.396  1.712   7.608   1.00 44.04 ? 146 GLN A OE1   1 
ATOM   956  N NE2   . GLN A 1 140 ? 10.969  0.150   9.098   1.00 42.16 ? 146 GLN A NE2   1 
ATOM   957  N N     . LYS A 1 141 ? 12.109  -4.751  7.752   1.00 28.94 ? 147 LYS A N     1 
ATOM   958  C CA    . LYS A 1 141 ? 13.090  -5.754  8.120   1.00 30.79 ? 147 LYS A CA    1 
ATOM   959  C C     . LYS A 1 141 ? 13.053  -6.899  7.117   1.00 30.32 ? 147 LYS A C     1 
ATOM   960  O O     . LYS A 1 141 ? 14.117  -7.410  6.772   1.00 30.38 ? 147 LYS A O     1 
ATOM   961  C CB    . LYS A 1 141 ? 12.835  -6.313  9.536   1.00 33.31 ? 147 LYS A CB    1 
ATOM   962  C CG    . LYS A 1 141 ? 13.047  -5.300  10.680  1.00 39.02 ? 147 LYS A CG    1 
ATOM   963  C CD    . LYS A 1 141 ? 13.055  -5.981  12.120  1.00 42.30 ? 147 LYS A CD    1 
ATOM   964  C CE    . LYS A 1 141 ? 11.751  -6.753  12.519  1.00 46.51 ? 147 LYS A CE    1 
ATOM   965  N NZ    . LYS A 1 141 ? 10.568  -5.944  13.165  1.00 50.06 ? 147 LYS A NZ    1 
ATOM   966  N N     . LEU A 1 142 ? 11.857  -7.316  6.662   1.00 26.59 ? 148 LEU A N     1 
ATOM   967  C CA    . LEU A 1 142 ? 11.788  -8.418  5.709   1.00 28.48 ? 148 LEU A CA    1 
ATOM   968  C C     . LEU A 1 142 ? 12.488  -8.003  4.394   1.00 28.69 ? 148 LEU A C     1 
ATOM   969  O O     . LEU A 1 142 ? 13.213  -8.786  3.782   1.00 29.01 ? 148 LEU A O     1 
ATOM   970  C CB    . LEU A 1 142 ? 10.330  -8.821  5.427   1.00 29.37 ? 148 LEU A CB    1 
ATOM   971  C CG    . LEU A 1 142 ? 10.057  -9.990  4.423   1.00 31.54 ? 148 LEU A CG    1 
ATOM   972  C CD1   . LEU A 1 142 ? 10.582  -11.377 4.935   1.00 34.14 ? 148 LEU A CD1   1 
ATOM   973  C CD2   . LEU A 1 142 ? 8.596   -10.087 4.183   1.00 35.62 ? 148 LEU A CD2   1 
ATOM   974  N N     . GLN A 1 143 ? 12.260  -6.771  3.959   1.00 27.89 ? 149 GLN A N     1 
ATOM   975  C CA    . GLN A 1 143 ? 12.900  -6.295  2.735   1.00 30.23 ? 149 GLN A CA    1 
ATOM   976  C C     . GLN A 1 143 ? 14.430  -6.359  2.903   1.00 33.17 ? 149 GLN A C     1 
ATOM   977  O O     . GLN A 1 143 ? 15.157  -6.835  2.003   1.00 32.60 ? 149 GLN A O     1 
ATOM   978  C CB    . GLN A 1 143 ? 12.460  -4.862  2.438   1.00 28.75 ? 149 GLN A CB    1 
ATOM   979  C CG    . GLN A 1 143 ? 10.965  -4.738  2.040   1.00 28.94 ? 149 GLN A CG    1 
ATOM   980  C CD    . GLN A 1 143 ? 10.521  -3.277  1.911   1.00 29.08 ? 149 GLN A CD    1 
ATOM   981  O OE1   . GLN A 1 143 ? 11.195  -2.371  2.387   1.00 27.65 ? 149 GLN A OE1   1 
ATOM   982  N NE2   . GLN A 1 143 ? 9.384   -3.058  1.285   1.00 26.90 ? 149 GLN A NE2   1 
ATOM   983  N N     . GLN A 1 144 ? 14.916  -5.875  4.046   1.00 34.94 ? 150 GLN A N     1 
ATOM   984  C CA    . GLN A 1 144 ? 16.371  -5.891  4.324   1.00 37.64 ? 150 GLN A CA    1 
ATOM   985  C C     . GLN A 1 144 ? 16.898  -7.327  4.277   1.00 36.62 ? 150 GLN A C     1 
ATOM   986  O O     . GLN A 1 144 ? 17.957  -7.598  3.704   1.00 36.92 ? 150 GLN A O     1 
ATOM   987  C CB    . GLN A 1 144 ? 16.651  -5.264  5.684   1.00 39.73 ? 150 GLN A CB    1 
ATOM   988  C CG    . GLN A 1 144 ? 16.509  -3.751  5.619   1.00 48.78 ? 150 GLN A CG    1 
ATOM   989  C CD    . GLN A 1 144 ? 16.908  -3.023  6.917   1.00 53.55 ? 150 GLN A CD    1 
ATOM   990  O OE1   . GLN A 1 144 ? 16.087  -2.838  7.847   1.00 55.59 ? 150 GLN A OE1   1 
ATOM   991  N NE2   . GLN A 1 144 ? 18.186  -2.603  6.981   1.00 56.16 ? 150 GLN A NE2   1 
ATOM   992  N N     . ALA A 1 145 ? 16.118  -8.248  4.816   1.00 35.19 ? 151 ALA A N     1 
ATOM   993  C CA    . ALA A 1 145 ? 16.512  -9.633  4.819   1.00 35.87 ? 151 ALA A CA    1 
ATOM   994  C C     . ALA A 1 145 ? 16.666  -10.151 3.403   1.00 36.84 ? 151 ALA A C     1 
ATOM   995  O O     . ALA A 1 145 ? 17.709  -10.722 3.056   1.00 37.44 ? 151 ALA A O     1 
ATOM   996  C CB    . ALA A 1 145 ? 15.484  -10.472 5.579   1.00 37.11 ? 151 ALA A CB    1 
ATOM   997  N N     . VAL A 1 146 ? 15.620  -9.979  2.587   1.00 35.34 ? 152 VAL A N     1 
ATOM   998  C CA    . VAL A 1 146 ? 15.656  -10.412 1.195   1.00 34.02 ? 152 VAL A CA    1 
ATOM   999  C C     . VAL A 1 146 ? 16.907  -9.884  0.497   1.00 35.00 ? 152 VAL A C     1 
ATOM   1000 O O     . VAL A 1 146 ? 17.621  -10.614 -0.184  1.00 35.93 ? 152 VAL A O     1 
ATOM   1001 C CB    . VAL A 1 146 ? 14.402  -9.893  0.390   1.00 33.19 ? 152 VAL A CB    1 
ATOM   1002 C CG1   . VAL A 1 146 ? 14.523  -10.280 -1.112  1.00 27.67 ? 152 VAL A CG1   1 
ATOM   1003 C CG2   . VAL A 1 146 ? 13.116  -10.468 1.022   1.00 30.08 ? 152 VAL A CG2   1 
ATOM   1004 N N     . VAL A 1 147 ? 17.167  -8.607  0.666   1.00 36.06 ? 153 VAL A N     1 
ATOM   1005 C CA    . VAL A 1 147 ? 18.318  -8.031  0.022   1.00 39.36 ? 153 VAL A CA    1 
ATOM   1006 C C     . VAL A 1 147 ? 19.622  -8.669  0.496   1.00 41.15 ? 153 VAL A C     1 
ATOM   1007 O O     . VAL A 1 147 ? 20.500  -8.992  -0.325  1.00 41.17 ? 153 VAL A O     1 
ATOM   1008 C CB    . VAL A 1 147 ? 18.341  -6.525  0.246   1.00 39.70 ? 153 VAL A CB    1 
ATOM   1009 C CG1   . VAL A 1 147 ? 19.700  -5.961  -0.125  1.00 42.61 ? 153 VAL A CG1   1 
ATOM   1010 C CG2   . VAL A 1 147 ? 17.260  -5.878  -0.640  1.00 42.29 ? 153 VAL A CG2   1 
ATOM   1011 N N     . ALA A 1 148 ? 19.704  -8.901  1.808   1.00 41.24 ? 154 ALA A N     1 
ATOM   1012 C CA    . ALA A 1 148 ? 20.892  -9.483  2.423   1.00 41.91 ? 154 ALA A CA    1 
ATOM   1013 C C     . ALA A 1 148 ? 21.240  -10.843 1.867   1.00 43.01 ? 154 ALA A C     1 
ATOM   1014 O O     . ALA A 1 148 ? 22.395  -11.268 1.960   1.00 44.40 ? 154 ALA A O     1 
ATOM   1015 C CB    . ALA A 1 148 ? 20.718  -9.569  3.929   1.00 40.99 ? 154 ALA A CB    1 
ATOM   1016 N N     . LYS A 1 149 ? 20.255  -11.544 1.313   1.00 43.72 ? 155 LYS A N     1 
ATOM   1017 C CA    . LYS A 1 149 ? 20.515  -12.852 0.723   1.00 43.50 ? 155 LYS A CA    1 
ATOM   1018 C C     . LYS A 1 149 ? 20.957  -12.745 -0.739  1.00 43.24 ? 155 LYS A C     1 
ATOM   1019 O O     . LYS A 1 149 ? 21.214  -13.741 -1.389  1.00 43.26 ? 155 LYS A O     1 
ATOM   1020 C CB    . LYS A 1 149 ? 19.270  -13.722 0.826   1.00 43.77 ? 155 LYS A CB    1 
ATOM   1021 C CG    . LYS A 1 149 ? 19.080  -14.240 2.246   1.00 49.17 ? 155 LYS A CG    1 
ATOM   1022 C CD    . LYS A 1 149 ? 17.965  -15.267 2.378   1.00 50.06 ? 155 LYS A CD    1 
ATOM   1023 C CE    . LYS A 1 149 ? 17.960  -15.837 3.793   1.00 49.88 ? 155 LYS A CE    1 
ATOM   1024 N NZ    . LYS A 1 149 ? 19.322  -16.288 4.212   1.00 49.98 ? 155 LYS A NZ    1 
ATOM   1025 N N     . THR A 1 150 ? 21.047  -11.536 -1.262  1.00 43.51 ? 156 THR A N     1 
ATOM   1026 C CA    . THR A 1 150 ? 21.455  -11.386 -2.653  1.00 44.61 ? 156 THR A CA    1 
ATOM   1027 C C     . THR A 1 150 ? 22.789  -10.638 -2.729  1.00 46.79 ? 156 THR A C     1 
ATOM   1028 O O     . THR A 1 150 ? 23.306  -10.150 -1.711  1.00 47.20 ? 156 THR A O     1 
ATOM   1029 C CB    . THR A 1 150 ? 20.446  -10.541 -3.481  1.00 42.44 ? 156 THR A CB    1 
ATOM   1030 O OG1   . THR A 1 150 ? 20.572  -9.168  -3.086  1.00 41.72 ? 156 THR A OG1   1 
ATOM   1031 C CG2   . THR A 1 150 ? 19.041  -11.028 -3.307  1.00 39.85 ? 156 THR A CG2   1 
ATOM   1032 N N     . ASN A 1 151 ? 23.313  -10.520 -3.950  1.00 48.75 ? 157 ASN A N     1 
ATOM   1033 C CA    . ASN A 1 151 ? 24.575  -9.820  -4.175  1.00 51.18 ? 157 ASN A CA    1 
ATOM   1034 C C     . ASN A 1 151 ? 24.323  -8.381  -4.565  1.00 51.42 ? 157 ASN A C     1 
ATOM   1035 O O     . ASN A 1 151 ? 25.238  -7.691  -5.025  1.00 52.24 ? 157 ASN A O     1 
ATOM   1036 C CB    . ASN A 1 151 ? 25.406  -10.517 -5.270  1.00 52.94 ? 157 ASN A CB    1 
ATOM   1037 C CG    . ASN A 1 151 ? 25.861  -11.926 -4.857  1.00 55.78 ? 157 ASN A CG    1 
ATOM   1038 O OD1   . ASN A 1 151 ? 26.338  -12.128 -3.724  1.00 58.58 ? 157 ASN A OD1   1 
ATOM   1039 N ND2   . ASN A 1 151 ? 25.727  -12.901 -5.765  1.00 55.89 ? 157 ASN A ND2   1 
ATOM   1040 N N     . ILE A 1 152 ? 23.092  -7.917  -4.373  1.00 50.46 ? 158 ILE A N     1 
ATOM   1041 C CA    . ILE A 1 152 ? 22.772  -6.556  -4.741  1.00 49.89 ? 158 ILE A CA    1 
ATOM   1042 C C     . ILE A 1 152 ? 23.451  -5.506  -3.873  1.00 50.18 ? 158 ILE A C     1 
ATOM   1043 O O     . ILE A 1 152 ? 23.445  -5.574  -2.654  1.00 50.19 ? 158 ILE A O     1 
ATOM   1044 C CB    . ILE A 1 152 ? 21.256  -6.326  -4.733  1.00 49.64 ? 158 ILE A CB    1 
ATOM   1045 C CG1   . ILE A 1 152 ? 20.610  -7.217  -5.781  1.00 50.27 ? 158 ILE A CG1   1 
ATOM   1046 C CG2   . ILE A 1 152 ? 20.940  -4.874  -5.021  1.00 47.84 ? 158 ILE A CG2   1 
ATOM   1047 C CD1   . ILE A 1 152 ? 19.158  -7.549  -5.472  1.00 51.09 ? 158 ILE A CD1   1 
ATOM   1048 N N     . SER A 1 153 ? 24.028  -4.521  -4.536  1.00 50.87 ? 159 SER A N     1 
ATOM   1049 C CA    . SER A 1 153 ? 24.725  -3.454  -3.869  1.00 52.53 ? 159 SER A CA    1 
ATOM   1050 C C     . SER A 1 153 ? 23.827  -2.232  -3.724  1.00 53.68 ? 159 SER A C     1 
ATOM   1051 O O     . SER A 1 153 ? 22.779  -2.119  -4.366  1.00 52.84 ? 159 SER A O     1 
ATOM   1052 C CB    . SER A 1 153 ? 25.950  -3.063  -4.675  1.00 53.51 ? 159 SER A CB    1 
ATOM   1053 O OG    . SER A 1 153 ? 25.566  -2.214  -5.747  1.00 55.62 ? 159 SER A OG    1 
ATOM   1054 N N     . GLN A 1 154 ? 24.264  -1.310  -2.878  1.00 53.38 ? 160 GLN A N     1 
ATOM   1055 C CA    . GLN A 1 154 ? 23.526  -0.099  -2.643  1.00 54.31 ? 160 GLN A CA    1 
ATOM   1056 C C     . GLN A 1 154 ? 23.436  0.648   -3.950  1.00 54.31 ? 160 GLN A C     1 
ATOM   1057 O O     . GLN A 1 154 ? 22.427  1.278   -4.253  1.00 52.95 ? 160 GLN A O     1 
ATOM   1058 C CB    . GLN A 1 154 ? 24.254  0.762   -1.618  1.00 56.40 ? 160 GLN A CB    1 
ATOM   1059 C CG    . GLN A 1 154 ? 24.479  0.091   -0.277  1.00 58.75 ? 160 GLN A CG    1 
ATOM   1060 C CD    . GLN A 1 154 ? 23.203  -0.071  0.514   1.00 60.76 ? 160 GLN A CD    1 
ATOM   1061 O OE1   . GLN A 1 154 ? 22.707  0.893   1.113   1.00 62.63 ? 160 GLN A OE1   1 
ATOM   1062 N NE2   . GLN A 1 154 ? 22.652  -1.294  0.518   1.00 60.65 ? 160 GLN A NE2   1 
ATOM   1063 N N     . ASP A 1 155 ? 24.512  0.580   -4.725  1.00 54.32 ? 161 ASP A N     1 
ATOM   1064 C CA    . ASP A 1 155 ? 24.554  1.265   -6.003  1.00 54.05 ? 161 ASP A CA    1 
ATOM   1065 C C     . ASP A 1 155 ? 23.557  0.632   -6.966  1.00 52.17 ? 161 ASP A C     1 
ATOM   1066 O O     . ASP A 1 155 ? 22.790  1.336   -7.635  1.00 49.87 ? 161 ASP A O     1 
ATOM   1067 C CB    . ASP A 1 155 ? 25.975  1.230   -6.587  1.00 57.62 ? 161 ASP A CB    1 
ATOM   1068 C CG    . ASP A 1 155 ? 26.854  2.364   -6.049  1.00 61.41 ? 161 ASP A CG    1 
ATOM   1069 O OD1   . ASP A 1 155 ? 26.422  3.544   -6.117  1.00 63.69 ? 161 ASP A OD1   1 
ATOM   1070 O OD2   . ASP A 1 155 ? 27.973  2.084   -5.558  1.00 62.92 ? 161 ASP A OD2   1 
ATOM   1071 N N     . GLN A 1 156 ? 23.562  -0.694  -7.019  1.00 50.33 ? 162 GLN A N     1 
ATOM   1072 C CA    . GLN A 1 156 ? 22.624  -1.386  -7.879  1.00 49.79 ? 162 GLN A CA    1 
ATOM   1073 C C     . GLN A 1 156 ? 21.189  -1.022  -7.473  1.00 48.82 ? 162 GLN A C     1 
ATOM   1074 O O     . GLN A 1 156 ? 20.322  -0.865  -8.341  1.00 49.51 ? 162 GLN A O     1 
ATOM   1075 C CB    . GLN A 1 156 ? 22.828  -2.878  -7.795  1.00 50.81 ? 162 GLN A CB    1 
ATOM   1076 C CG    . GLN A 1 156 ? 24.049  -3.374  -8.524  1.00 51.80 ? 162 GLN A CG    1 
ATOM   1077 C CD    . GLN A 1 156 ? 24.292  -4.835  -8.196  1.00 52.94 ? 162 GLN A CD    1 
ATOM   1078 O OE1   . GLN A 1 156 ? 24.351  -5.190  -7.034  1.00 53.80 ? 162 GLN A OE1   1 
ATOM   1079 N NE2   . GLN A 1 156 ? 24.423  -5.685  -9.212  1.00 53.61 ? 162 GLN A NE2   1 
ATOM   1080 N N     . MET A 1 157 ? 20.940  -0.852  -6.172  1.00 46.92 ? 163 MET A N     1 
ATOM   1081 C CA    . MET A 1 157 ? 19.609  -0.483  -5.722  1.00 45.76 ? 163 MET A CA    1 
ATOM   1082 C C     . MET A 1 157 ? 19.194  0.923   -6.205  1.00 46.09 ? 163 MET A C     1 
ATOM   1083 O O     . MET A 1 157 ? 18.055  1.101   -6.652  1.00 43.90 ? 163 MET A O     1 
ATOM   1084 C CB    . MET A 1 157 ? 19.492  -0.555  -4.193  1.00 45.14 ? 163 MET A CB    1 
ATOM   1085 C CG    . MET A 1 157 ? 19.481  -1.975  -3.638  1.00 45.42 ? 163 MET A CG    1 
ATOM   1086 S SD    . MET A 1 157 ? 18.742  -2.072  -1.958  1.00 42.59 ? 163 MET A SD    1 
ATOM   1087 C CE    . MET A 1 157 ? 20.230  -1.715  -1.001  1.00 43.08 ? 163 MET A CE    1 
ATOM   1088 N N     . GLN A 1 158 ? 20.100  1.916   -6.147  1.00 44.96 ? 164 GLN A N     1 
ATOM   1089 C CA    . GLN A 1 158 ? 19.717  3.272   -6.583  1.00 45.20 ? 164 GLN A CA    1 
ATOM   1090 C C     . GLN A 1 158 ? 19.583  3.350   -8.089  1.00 44.54 ? 164 GLN A C     1 
ATOM   1091 O O     . GLN A 1 158 ? 18.722  4.043   -8.583  1.00 44.19 ? 164 GLN A O     1 
ATOM   1092 C CB    . GLN A 1 158 ? 20.704  4.351   -6.093  1.00 46.50 ? 164 GLN A CB    1 
ATOM   1093 C CG    . GLN A 1 158 ? 20.296  5.778   -6.466  1.00 47.57 ? 164 GLN A CG    1 
ATOM   1094 C CD    . GLN A 1 158 ? 19.168  6.346   -5.618  1.00 49.04 ? 164 GLN A CD    1 
ATOM   1095 O OE1   . GLN A 1 158 ? 19.275  6.407   -4.392  1.00 49.51 ? 164 GLN A OE1   1 
ATOM   1096 N NE2   . GLN A 1 158 ? 18.084  6.793   -6.272  1.00 49.35 ? 164 GLN A NE2   1 
ATOM   1097 N N     . GLU A 1 159 ? 20.446  2.640   -8.810  1.00 44.98 ? 165 GLU A N     1 
ATOM   1098 C CA    . GLU A 1 159 ? 20.359  2.599   -10.270 1.00 45.93 ? 165 GLU A CA    1 
ATOM   1099 C C     . GLU A 1 159 ? 18.983  2.009   -10.652 1.00 42.42 ? 165 GLU A C     1 
ATOM   1100 O O     . GLU A 1 159 ? 18.333  2.516   -11.538 1.00 42.92 ? 165 GLU A O     1 
ATOM   1101 C CB    . GLU A 1 159 ? 21.449  1.691   -10.885 1.00 49.48 ? 165 GLU A CB    1 
ATOM   1102 C CG    . GLU A 1 159 ? 22.882  2.086   -10.548 1.00 57.57 ? 165 GLU A CG    1 
ATOM   1103 C CD    . GLU A 1 159 ? 23.233  3.478   -11.048 1.00 62.55 ? 165 GLU A CD    1 
ATOM   1104 O OE1   . GLU A 1 159 ? 22.342  4.377   -11.081 1.00 65.79 ? 165 GLU A OE1   1 
ATOM   1105 O OE2   . GLU A 1 159 ? 24.423  3.688   -11.405 1.00 66.60 ? 165 GLU A OE2   1 
ATOM   1106 N N     . THR A 1 160 ? 18.579  0.921   -9.999  1.00 39.74 ? 166 THR A N     1 
ATOM   1107 C CA    . THR A 1 160 ? 17.279  0.284   -10.288 1.00 37.32 ? 166 THR A CA    1 
ATOM   1108 C C     . THR A 1 160 ? 16.182  1.281   -10.039 1.00 36.39 ? 166 THR A C     1 
ATOM   1109 O O     . THR A 1 160 ? 15.297  1.451   -10.881 1.00 36.03 ? 166 THR A O     1 
ATOM   1110 C CB    . THR A 1 160 ? 17.029  -0.911  -9.398  1.00 36.74 ? 166 THR A CB    1 
ATOM   1111 O OG1   . THR A 1 160 ? 18.075  -1.843  -9.597  1.00 34.78 ? 166 THR A OG1   1 
ATOM   1112 C CG2   . THR A 1 160 ? 15.664  -1.592  -9.748  1.00 36.90 ? 166 THR A CG2   1 
ATOM   1113 N N     . ILE A 1 161 ? 16.243  1.941   -8.878  1.00 36.26 ? 167 ILE A N     1 
ATOM   1114 C CA    . ILE A 1 161 ? 15.252  2.951   -8.513  1.00 37.02 ? 167 ILE A CA    1 
ATOM   1115 C C     . ILE A 1 161 ? 15.149  3.961   -9.643  1.00 39.68 ? 167 ILE A C     1 
ATOM   1116 O O     . ILE A 1 161 ? 14.040  4.325   -10.089 1.00 38.39 ? 167 ILE A O     1 
ATOM   1117 C CB    . ILE A 1 161 ? 15.662  3.686   -7.249  1.00 38.37 ? 167 ILE A CB    1 
ATOM   1118 C CG1   . ILE A 1 161 ? 15.524  2.750   -6.042  1.00 38.25 ? 167 ILE A CG1   1 
ATOM   1119 C CG2   . ILE A 1 161 ? 14.867  4.974   -7.084  1.00 37.35 ? 167 ILE A CG2   1 
ATOM   1120 C CD1   . ILE A 1 161 ? 16.047  3.378   -4.737  1.00 39.88 ? 167 ILE A CD1   1 
ATOM   1121 N N     . ASN A 1 162 ? 16.322  4.400   -10.123 1.00 41.20 ? 168 ASN A N     1 
ATOM   1122 C CA    . ASN A 1 162 ? 16.391  5.399   -11.202 1.00 42.37 ? 168 ASN A CA    1 
ATOM   1123 C C     . ASN A 1 162 ? 15.669  4.981   -12.462 1.00 40.66 ? 168 ASN A C     1 
ATOM   1124 O O     . ASN A 1 162 ? 14.942  5.766   -13.054 1.00 42.16 ? 168 ASN A O     1 
ATOM   1125 C CB    . ASN A 1 162 ? 17.851  5.740   -11.513 1.00 43.77 ? 168 ASN A CB    1 
ATOM   1126 C CG    . ASN A 1 162 ? 18.507  6.439   -10.369 1.00 46.12 ? 168 ASN A CG    1 
ATOM   1127 O OD1   . ASN A 1 162 ? 17.840  7.169   -9.617  1.00 47.94 ? 168 ASN A OD1   1 
ATOM   1128 N ND2   . ASN A 1 162 ? 19.820  6.238   -10.211 1.00 48.55 ? 168 ASN A ND2   1 
ATOM   1129 N N     . VAL A 1 163 ? 15.877  3.742   -12.862 1.00 40.24 ? 169 VAL A N     1 
ATOM   1130 C CA    . VAL A 1 163 ? 15.206  3.193   -14.032 1.00 39.88 ? 169 VAL A CA    1 
ATOM   1131 C C     . VAL A 1 163 ? 13.704  3.070   -13.785 1.00 39.89 ? 169 VAL A C     1 
ATOM   1132 O O     . VAL A 1 163 ? 12.907  3.543   -14.583 1.00 41.60 ? 169 VAL A O     1 
ATOM   1133 C CB    . VAL A 1 163 ? 15.772  1.792   -14.382 1.00 39.22 ? 169 VAL A CB    1 
ATOM   1134 C CG1   . VAL A 1 163 ? 15.001  1.184   -15.516 1.00 38.31 ? 169 VAL A CG1   1 
ATOM   1135 C CG2   . VAL A 1 163 ? 17.242  1.927   -14.802 1.00 39.92 ? 169 VAL A CG2   1 
ATOM   1136 N N     . MET A 1 164 ? 13.313  2.440   -12.668 1.00 38.99 ? 170 MET A N     1 
ATOM   1137 C CA    . MET A 1 164 ? 11.911  2.240   -12.387 1.00 36.38 ? 170 MET A CA    1 
ATOM   1138 C C     . MET A 1 164 ? 11.117  3.537   -12.399 1.00 38.05 ? 170 MET A C     1 
ATOM   1139 O O     . MET A 1 164 ? 10.032  3.590   -12.986 1.00 38.05 ? 170 MET A O     1 
ATOM   1140 C CB    . MET A 1 164 ? 11.723  1.490   -11.042 1.00 35.09 ? 170 MET A CB    1 
ATOM   1141 C CG    . MET A 1 164 ? 12.277  0.066   -11.024 1.00 29.85 ? 170 MET A CG    1 
ATOM   1142 S SD    . MET A 1 164 ? 11.762  -1.113  -12.355 1.00 32.56 ? 170 MET A SD    1 
ATOM   1143 C CE    . MET A 1 164 ? 10.184  -0.804  -12.285 1.00 30.80 ? 170 MET A CE    1 
ATOM   1144 N N     . ASN A 1 165 ? 11.635  4.589   -11.759 1.00 37.87 ? 171 ASN A N     1 
ATOM   1145 C CA    . ASN A 1 165 ? 10.925  5.867   -11.735 1.00 37.93 ? 171 ASN A CA    1 
ATOM   1146 C C     . ASN A 1 165 ? 10.735  6.435   -13.145 1.00 37.21 ? 171 ASN A C     1 
ATOM   1147 O O     . ASN A 1 165 ? 9.735   7.082   -13.422 1.00 35.18 ? 171 ASN A O     1 
ATOM   1148 C CB    . ASN A 1 165 ? 11.661  6.886   -10.855 1.00 40.17 ? 171 ASN A CB    1 
ATOM   1149 C CG    . ASN A 1 165 ? 11.662  6.482   -9.407  1.00 43.34 ? 171 ASN A CG    1 
ATOM   1150 O OD1   . ASN A 1 165 ? 10.807  5.695   -8.984  1.00 43.31 ? 171 ASN A OD1   1 
ATOM   1151 N ND2   . ASN A 1 165 ? 12.606  7.016   -8.627  1.00 43.14 ? 171 ASN A ND2   1 
ATOM   1152 N N     . GLN A 1 166 ? 11.687  6.174   -14.043 1.00 37.62 ? 172 GLN A N     1 
ATOM   1153 C CA    . GLN A 1 166 ? 11.521  6.650   -15.408 1.00 39.29 ? 172 GLN A CA    1 
ATOM   1154 C C     . GLN A 1 166 ? 10.281  5.953   -15.982 1.00 38.36 ? 172 GLN A C     1 
ATOM   1155 O O     . GLN A 1 166 ? 9.388   6.625   -16.511 1.00 38.90 ? 172 GLN A O     1 
ATOM   1156 C CB    . GLN A 1 166 ? 12.750  6.334   -16.238 1.00 39.33 ? 172 GLN A CB    1 
ATOM   1157 C CG    . GLN A 1 166 ? 13.941  7.226   -15.854 1.00 42.64 ? 172 GLN A CG    1 
ATOM   1158 C CD    . GLN A 1 166 ? 15.022  7.166   -16.888 1.00 43.15 ? 172 GLN A CD    1 
ATOM   1159 O OE1   . GLN A 1 166 ? 14.893  7.749   -17.972 1.00 45.98 ? 172 GLN A OE1   1 
ATOM   1160 N NE2   . GLN A 1 166 ? 16.079  6.426   -16.592 1.00 42.37 ? 172 GLN A NE2   1 
ATOM   1161 N N     . ILE A 1 167 ? 10.197  4.626   -15.813 1.00 37.64 ? 173 ILE A N     1 
ATOM   1162 C CA    . ILE A 1 167 ? 9.036   3.864   -16.333 1.00 38.22 ? 173 ILE A CA    1 
ATOM   1163 C C     . ILE A 1 167 ? 7.758   4.387   -15.702 1.00 39.55 ? 173 ILE A C     1 
ATOM   1164 O O     . ILE A 1 167 ? 6.768   4.692   -16.385 1.00 39.97 ? 173 ILE A O     1 
ATOM   1165 C CB    . ILE A 1 167 ? 9.162   2.356   -16.045 1.00 36.70 ? 173 ILE A CB    1 
ATOM   1166 C CG1   . ILE A 1 167 ? 10.437  1.810   -16.696 1.00 35.60 ? 173 ILE A CG1   1 
ATOM   1167 C CG2   . ILE A 1 167 ? 7.924   1.587   -16.575 1.00 34.51 ? 173 ILE A CG2   1 
ATOM   1168 C CD1   . ILE A 1 167 ? 10.425  1.674   -18.212 1.00 36.52 ? 173 ILE A CD1   1 
ATOM   1169 N N     . HIS A 1 168 ? 7.803   4.553   -14.390 1.00 41.45 ? 174 HIS A N     1 
ATOM   1170 C CA    . HIS A 1 168 ? 6.664   5.021   -13.645 1.00 42.98 ? 174 HIS A CA    1 
ATOM   1171 C C     . HIS A 1 168 ? 6.187   6.396   -14.115 1.00 45.05 ? 174 HIS A C     1 
ATOM   1172 O O     . HIS A 1 168 ? 4.979   6.644   -14.161 1.00 45.15 ? 174 HIS A O     1 
ATOM   1173 C CB    . HIS A 1 168 ? 7.061   5.016   -12.161 1.00 44.91 ? 174 HIS A CB    1 
ATOM   1174 C CG    . HIS A 1 168 ? 5.946   4.712   -11.217 1.00 43.68 ? 174 HIS A CG    1 
ATOM   1175 N ND1   . HIS A 1 168 ? 6.130   3.929   -10.098 1.00 43.39 ? 174 HIS A ND1   1 
ATOM   1176 C CD2   . HIS A 1 168 ? 4.687   5.206   -11.127 1.00 45.01 ? 174 HIS A CD2   1 
ATOM   1177 C CE1   . HIS A 1 168 ? 5.039   3.968   -9.352  1.00 42.73 ? 174 HIS A CE1   1 
ATOM   1178 N NE2   . HIS A 1 168 ? 4.149   4.739   -9.949  1.00 43.10 ? 174 HIS A NE2   1 
ATOM   1179 N N     . GLU A 1 169 ? 7.106   7.297   -14.470 1.00 46.75 ? 175 GLU A N     1 
ATOM   1180 C CA    . GLU A 1 169 ? 6.702   8.643   -14.949 1.00 48.89 ? 175 GLU A CA    1 
ATOM   1181 C C     . GLU A 1 169 ? 5.771   8.503   -16.149 1.00 47.56 ? 175 GLU A C     1 
ATOM   1182 O O     . GLU A 1 169 ? 4.688   9.055   -16.182 1.00 47.43 ? 175 GLU A O     1 
ATOM   1183 C CB    . GLU A 1 169 ? 7.892   9.475   -15.435 1.00 51.91 ? 175 GLU A CB    1 
ATOM   1184 C CG    . GLU A 1 169 ? 9.157   9.427   -14.590 1.00 58.56 ? 175 GLU A CG    1 
ATOM   1185 C CD    . GLU A 1 169 ? 10.256  10.376  -15.115 1.00 61.85 ? 175 GLU A CD    1 
ATOM   1186 O OE1   . GLU A 1 169 ? 9.933   11.575  -15.389 1.00 62.91 ? 175 GLU A OE1   1 
ATOM   1187 O OE2   . GLU A 1 169 ? 11.432  9.916   -15.242 1.00 63.67 ? 175 GLU A OE2   1 
ATOM   1188 N N     . ILE A 1 170 ? 6.234   7.761   -17.140 1.00 47.14 ? 176 ILE A N     1 
ATOM   1189 C CA    . ILE A 1 170 ? 5.472   7.511   -18.353 1.00 48.01 ? 176 ILE A CA    1 
ATOM   1190 C C     . ILE A 1 170 ? 4.102   6.867   -18.112 1.00 50.30 ? 176 ILE A C     1 
ATOM   1191 O O     . ILE A 1 170 ? 3.102   7.317   -18.660 1.00 50.19 ? 176 ILE A O     1 
ATOM   1192 C CB    . ILE A 1 170 ? 6.271   6.603   -19.311 1.00 47.12 ? 176 ILE A CB    1 
ATOM   1193 C CG1   . ILE A 1 170 ? 7.651   7.224   -19.587 1.00 46.69 ? 176 ILE A CG1   1 
ATOM   1194 C CG2   . ILE A 1 170 ? 5.512   6.415   -20.608 1.00 46.24 ? 176 ILE A CG2   1 
ATOM   1195 C CD1   . ILE A 1 170 ? 7.571   8.646   -20.125 1.00 47.24 ? 176 ILE A CD1   1 
ATOM   1196 N N     . LEU A 1 171 ? 4.040   5.825   -17.283 1.00 52.12 ? 177 LEU A N     1 
ATOM   1197 C CA    . LEU A 1 171 ? 2.759   5.158   -17.066 1.00 54.67 ? 177 LEU A CA    1 
ATOM   1198 C C     . LEU A 1 171 ? 1.741   6.095   -16.433 1.00 57.07 ? 177 LEU A C     1 
ATOM   1199 O O     . LEU A 1 171 ? 0.543   5.970   -16.679 1.00 58.39 ? 177 LEU A O     1 
ATOM   1200 C CB    . LEU A 1 171 ? 2.933   3.896   -16.192 1.00 51.95 ? 177 LEU A CB    1 
ATOM   1201 C CG    . LEU A 1 171 ? 4.008   2.876   -16.571 1.00 50.13 ? 177 LEU A CG    1 
ATOM   1202 C CD1   . LEU A 1 171 ? 4.064   1.723   -15.549 1.00 47.36 ? 177 LEU A CD1   1 
ATOM   1203 C CD2   . LEU A 1 171 ? 3.721   2.345   -17.947 1.00 49.50 ? 177 LEU A CD2   1 
ATOM   1204 N N     . LEU A 1 172 ? 2.217   7.037   -15.634 1.00 60.31 ? 178 LEU A N     1 
ATOM   1205 C CA    . LEU A 1 172 ? 1.333   7.970   -14.942 1.00 64.37 ? 178 LEU A CA    1 
ATOM   1206 C C     . LEU A 1 172 ? 0.938   9.200   -15.741 1.00 67.26 ? 178 LEU A C     1 
ATOM   1207 O O     . LEU A 1 172 ? -0.195  9.672   -15.650 1.00 67.01 ? 178 LEU A O     1 
ATOM   1208 C CB    . LEU A 1 172 ? 1.979   8.443   -13.650 1.00 64.68 ? 178 LEU A CB    1 
ATOM   1209 C CG    . LEU A 1 172 ? 2.042   7.415   -12.532 1.00 66.51 ? 178 LEU A CG    1 
ATOM   1210 C CD1   . LEU A 1 172 ? 2.596   8.086   -11.282 1.00 66.19 ? 178 LEU A CD1   1 
ATOM   1211 C CD2   . LEU A 1 172 ? 0.636   6.845   -12.269 1.00 67.28 ? 178 LEU A CD2   1 
ATOM   1212 N N     . LYS A 1 173 ? 1.892   9.752   -16.487 1.00 70.12 ? 179 LYS A N     1 
ATOM   1213 C CA    . LYS A 1 173 ? 1.596   10.919  -17.290 1.00 72.88 ? 179 LYS A CA    1 
ATOM   1214 C C     . LYS A 1 173 ? 0.552   10.486  -18.306 1.00 73.97 ? 179 LYS A C     1 
ATOM   1215 O O     . LYS A 1 173 ? -0.370  11.237  -18.622 1.00 74.65 ? 179 LYS A O     1 
ATOM   1216 C CB    . LYS A 1 173 ? 2.874   11.459  -17.956 1.00 74.31 ? 179 LYS A CB    1 
ATOM   1217 C CG    . LYS A 1 173 ? 3.734   12.279  -16.979 1.00 75.98 ? 179 LYS A CG    1 
ATOM   1218 C CD    . LYS A 1 173 ? 5.066   12.756  -17.566 1.00 77.35 ? 179 LYS A CD    1 
ATOM   1219 C CE    . LYS A 1 173 ? 5.877   13.490  -16.484 1.00 78.16 ? 179 LYS A CE    1 
ATOM   1220 N NZ    . LYS A 1 173 ? 7.275   13.835  -16.886 1.00 78.92 ? 179 LYS A NZ    1 
ATOM   1221 N N     . GLU A 1 174 ? 0.677   9.253   -18.779 1.00 74.75 ? 180 GLU A N     1 
ATOM   1222 C CA    . GLU A 1 174 ? -0.279  8.728   -19.731 1.00 75.99 ? 180 GLU A CA    1 
ATOM   1223 C C     . GLU A 1 174 ? -1.698  8.703   -19.147 1.00 77.10 ? 180 GLU A C     1 
ATOM   1224 O O     . GLU A 1 174 ? -2.672  8.999   -19.847 1.00 78.01 ? 180 GLU A O     1 
ATOM   1225 C CB    . GLU A 1 174 ? 0.126   7.325   -20.145 1.00 75.14 ? 180 GLU A CB    1 
ATOM   1226 C CG    . GLU A 1 174 ? -0.857  6.657   -21.065 1.00 75.89 ? 180 GLU A CG    1 
ATOM   1227 C CD    . GLU A 1 174 ? -2.179  6.310   -20.388 1.00 76.64 ? 180 GLU A CD    1 
ATOM   1228 O OE1   . GLU A 1 174 ? -2.198  6.144   -19.150 1.00 77.10 ? 180 GLU A OE1   1 
ATOM   1229 O OE2   . GLU A 1 174 ? -3.202  6.184   -21.099 1.00 77.12 ? 180 GLU A OE2   1 
ATOM   1230 N N     . ALA A 1 175 ? -1.823  8.354   -17.869 1.00 77.72 ? 181 ALA A N     1 
ATOM   1231 C CA    . ALA A 1 175 ? -3.139  8.280   -17.231 1.00 77.83 ? 181 ALA A CA    1 
ATOM   1232 C C     . ALA A 1 175 ? -3.589  9.584   -16.569 1.00 78.17 ? 181 ALA A C     1 
ATOM   1233 O O     . ALA A 1 175 ? -4.470  9.487   -15.688 1.00 77.86 ? 181 ALA A O     1 
ATOM   1234 C CB    . ALA A 1 175 ? -3.150  7.155   -16.203 1.00 77.74 ? 181 ALA A CB    1 
HETATM 1235 C "C1'" . SAL B 2 .   ? 0.976   -1.567  -4.373  1.00 37.82 ? 501 SAL A "C1'" 1 
HETATM 1236 O "O1'" . SAL B 2 .   ? 1.323   -0.381  -4.429  1.00 38.52 ? 501 SAL A "O1'" 1 
HETATM 1237 O "O2'" . SAL B 2 .   ? 0.224   -2.128  -5.360  1.00 34.65 ? 501 SAL A "O2'" 1 
HETATM 1238 C C1    . SAL B 2 .   ? 1.298   -2.369  -3.197  1.00 32.61 ? 501 SAL A C1    1 
HETATM 1239 C C2    . SAL B 2 .   ? 2.243   -1.925  -2.230  1.00 33.37 ? 501 SAL A C2    1 
HETATM 1240 C C3    . SAL B 2 .   ? 2.525   -2.698  -1.094  1.00 33.01 ? 501 SAL A C3    1 
HETATM 1241 C C4    . SAL B 2 .   ? 1.859   -3.921  -0.920  1.00 32.35 ? 501 SAL A C4    1 
HETATM 1242 C C5    . SAL B 2 .   ? 0.927   -4.368  -1.883  1.00 32.03 ? 501 SAL A C5    1 
HETATM 1243 C C6    . SAL B 2 .   ? 0.648   -3.600  -3.015  1.00 32.44 ? 501 SAL A C6    1 
HETATM 1244 O O2    . SAL B 2 .   ? 2.854   -0.789  -2.389  1.00 36.60 ? 501 SAL A O2    1 
HETATM 1245 C "C1'" . SAL C 2 .   ? 5.312   -2.891  1.119   1.00 40.19 ? 502 SAL A "C1'" 1 
HETATM 1246 O "O1'" . SAL C 2 .   ? 5.379   -1.710  1.332   1.00 37.88 ? 502 SAL A "O1'" 1 
HETATM 1247 O "O2'" . SAL C 2 .   ? 6.095   -3.454  0.212   1.00 42.30 ? 502 SAL A "O2'" 1 
HETATM 1248 C C1    . SAL C 2 .   ? 4.393   -3.711  1.895   1.00 41.05 ? 502 SAL A C1    1 
HETATM 1249 C C2    . SAL C 2 .   ? 3.588   -3.089  2.896   1.00 42.58 ? 502 SAL A C2    1 
HETATM 1250 C C3    . SAL C 2 .   ? 2.703   -3.894  3.663   1.00 43.30 ? 502 SAL A C3    1 
HETATM 1251 C C4    . SAL C 2 .   ? 2.612   -5.296  3.437   1.00 42.84 ? 502 SAL A C4    1 
HETATM 1252 C C5    . SAL C 2 .   ? 3.414   -5.905  2.429   1.00 43.60 ? 502 SAL A C5    1 
HETATM 1253 C C6    . SAL C 2 .   ? 4.305   -5.115  1.660   1.00 41.52 ? 502 SAL A C6    1 
HETATM 1254 O O2    . SAL C 2 .   ? 3.683   -1.708  3.100   1.00 41.28 ? 502 SAL A O2    1 
HETATM 1255 C "C1'" . SAL D 2 .   ? -18.691 5.851   7.106   1.00 61.24 ? 503 SAL A "C1'" 1 
HETATM 1256 O "O1'" . SAL D 2 .   ? -19.245 4.791   6.852   1.00 62.03 ? 503 SAL A "O1'" 1 
HETATM 1257 O "O2'" . SAL D 2 .   ? -18.867 6.415   8.332   1.00 63.63 ? 503 SAL A "O2'" 1 
HETATM 1258 C C1    . SAL D 2 .   ? -17.805 6.504   6.090   1.00 60.03 ? 503 SAL A C1    1 
HETATM 1259 C C2    . SAL D 2 .   ? -17.715 5.993   4.760   1.00 60.21 ? 503 SAL A C2    1 
HETATM 1260 C C3    . SAL D 2 .   ? -16.855 6.629   3.817   1.00 59.51 ? 503 SAL A C3    1 
HETATM 1261 C C4    . SAL D 2 .   ? -16.097 7.756   4.193   1.00 57.86 ? 503 SAL A C4    1 
HETATM 1262 C C5    . SAL D 2 .   ? -16.189 8.258   5.496   1.00 57.06 ? 503 SAL A C5    1 
HETATM 1263 C C6    . SAL D 2 .   ? -17.029 7.648   6.439   1.00 57.76 ? 503 SAL A C6    1 
HETATM 1264 O O2    . SAL D 2 .   ? -18.447 4.901   4.402   1.00 62.25 ? 503 SAL A O2    1 
HETATM 1265 C "C1'" . SAL E 2 .   ? -5.176  0.095   -3.263  1.00 49.67 ? 504 SAL A "C1'" 1 
HETATM 1266 O "O1'" . SAL E 2 .   ? -4.199  -0.194  -3.962  1.00 49.75 ? 504 SAL A "O1'" 1 
HETATM 1267 O "O2'" . SAL E 2 .   ? -5.180  1.278   -2.609  1.00 49.30 ? 504 SAL A "O2'" 1 
HETATM 1268 C C1    . SAL E 2 .   ? -6.367  -0.819  -3.161  1.00 47.13 ? 504 SAL A C1    1 
HETATM 1269 C C2    . SAL E 2 .   ? -6.585  -1.853  -4.146  1.00 47.59 ? 504 SAL A C2    1 
HETATM 1270 C C3    . SAL E 2 .   ? -7.741  -2.693  -4.015  1.00 48.42 ? 504 SAL A C3    1 
HETATM 1271 C C4    . SAL E 2 .   ? -8.657  -2.515  -2.930  1.00 48.69 ? 504 SAL A C4    1 
HETATM 1272 C C5    . SAL E 2 .   ? -8.436  -1.493  -1.956  1.00 46.46 ? 504 SAL A C5    1 
HETATM 1273 C C6    . SAL E 2 .   ? -7.306  -0.658  -2.067  1.00 46.02 ? 504 SAL A C6    1 
HETATM 1274 O O2    . SAL E 2 .   ? -5.690  -2.034  -5.224  1.00 47.59 ? 504 SAL A O2    1 
HETATM 1275 S S     . SO4 F 3 .   ? -22.337 9.937   1.125   1.00 84.11 ? 505 SO4 A S     1 
HETATM 1276 O O1    . SO4 F 3 .   ? -23.424 10.094  0.055   1.00 83.65 ? 505 SO4 A O1    1 
HETATM 1277 O O2    . SO4 F 3 .   ? -21.006 10.372  0.512   1.00 82.37 ? 505 SO4 A O2    1 
HETATM 1278 O O3    . SO4 F 3 .   ? -22.391 8.503   1.520   1.00 82.93 ? 505 SO4 A O3    1 
HETATM 1279 O O4    . SO4 F 3 .   ? -22.635 10.865  2.312   1.00 83.06 ? 505 SO4 A O4    1 
HETATM 1280 S S     . SO4 G 3 .   ? 26.929  -2.839  -0.565  1.00 94.89 ? 506 SO4 A S     1 
HETATM 1281 O O1    . SO4 G 3 .   ? 26.147  -2.936  0.760   1.00 94.16 ? 506 SO4 A O1    1 
HETATM 1282 O O2    . SO4 G 3 .   ? 28.421  -2.901  -0.309  1.00 95.07 ? 506 SO4 A O2    1 
HETATM 1283 O O3    . SO4 G 3 .   ? 26.617  -1.551  -1.279  1.00 94.42 ? 506 SO4 A O3    1 
HETATM 1284 O O4    . SO4 G 3 .   ? 26.610  -4.084  -1.399  1.00 94.54 ? 506 SO4 A O4    1 
HETATM 1285 O O     . HOH H 4 .   ? -9.477  -7.410  -1.990  1.00 44.99 ? 601 HOH A O     1 
HETATM 1286 O O     . HOH H 4 .   ? -14.697 -11.504 2.424   1.00 63.04 ? 602 HOH A O     1 
HETATM 1287 O O     . HOH H 4 .   ? -12.352 -4.430  3.003   1.00 28.77 ? 603 HOH A O     1 
HETATM 1288 O O     . HOH H 4 .   ? -11.225 -3.938  0.777   1.00 54.70 ? 604 HOH A O     1 
HETATM 1289 O O     . HOH H 4 .   ? -15.021 -5.357  3.691   1.00 42.83 ? 605 HOH A O     1 
HETATM 1290 O O     . HOH H 4 .   ? -16.886 -3.041  4.315   1.00 43.56 ? 606 HOH A O     1 
HETATM 1291 O O     . HOH H 4 .   ? -9.221  -5.440  1.636   1.00 32.26 ? 607 HOH A O     1 
HETATM 1292 O O     . HOH H 4 .   ? -7.552  -7.044  -0.491  1.00 22.63 ? 608 HOH A O     1 
HETATM 1293 O O     . HOH H 4 .   ? -16.797 6.314   -12.877 1.00 67.91 ? 609 HOH A O     1 
HETATM 1294 O O     . HOH H 4 .   ? -4.732  1.004   -8.065  1.00 47.06 ? 610 HOH A O     1 
HETATM 1295 O O     . HOH H 4 .   ? 11.110  -4.588  -33.154 1.00 60.23 ? 611 HOH A O     1 
HETATM 1296 O O     . HOH H 4 .   ? 12.484  -11.544 -17.090 1.00 32.80 ? 612 HOH A O     1 
HETATM 1297 O O     . HOH H 4 .   ? 9.829   -14.121 -13.890 1.00 51.17 ? 613 HOH A O     1 
HETATM 1298 O O     . HOH H 4 .   ? 5.464   -5.303  -9.670  0.50 54.33 ? 614 HOH A O     1 
HETATM 1299 O O     . HOH H 4 .   ? 3.391   -10.786 -10.247 1.00 22.38 ? 615 HOH A O     1 
HETATM 1300 O O     . HOH H 4 .   ? 5.371   -14.486 -10.591 1.00 38.89 ? 616 HOH A O     1 
HETATM 1301 O O     . HOH H 4 .   ? 3.457   -16.135 -6.444  1.00 40.24 ? 617 HOH A O     1 
HETATM 1302 O O     . HOH H 4 .   ? 6.859   -15.759 -2.311  1.00 41.64 ? 618 HOH A O     1 
HETATM 1303 O O     . HOH H 4 .   ? 5.630   -16.972 0.349   1.00 36.83 ? 619 HOH A O     1 
HETATM 1304 O O     . HOH H 4 .   ? 6.413   -16.355 4.461   1.00 57.42 ? 620 HOH A O     1 
HETATM 1305 O O     . HOH H 4 .   ? 5.281   1.136   4.875   1.00 64.00 ? 621 HOH A O     1 
HETATM 1306 O O     . HOH H 4 .   ? -6.026  -15.748 9.204   1.00 66.70 ? 622 HOH A O     1 
HETATM 1307 O O     . HOH H 4 .   ? 0.618   -15.437 9.931   1.00 54.04 ? 623 HOH A O     1 
HETATM 1308 O O     . HOH H 4 .   ? 5.926   -13.793 13.329  1.00 56.69 ? 624 HOH A O     1 
HETATM 1309 O O     . HOH H 4 .   ? 3.127   -8.410  11.671  1.00 35.66 ? 625 HOH A O     1 
HETATM 1310 O O     . HOH H 4 .   ? 10.135  -9.014  9.374   1.00 41.89 ? 626 HOH A O     1 
HETATM 1311 O O     . HOH H 4 .   ? -8.347  -6.002  15.433  1.00 43.10 ? 627 HOH A O     1 
HETATM 1312 O O     . HOH H 4 .   ? -6.516  -5.002  13.623  1.00 34.21 ? 628 HOH A O     1 
HETATM 1313 O O     . HOH H 4 .   ? -10.857 -2.059  18.754  1.00 44.30 ? 629 HOH A O     1 
HETATM 1314 O O     . HOH H 4 .   ? -8.067  3.106   19.094  1.00 30.64 ? 630 HOH A O     1 
HETATM 1315 O O     . HOH H 4 .   ? -0.629  2.950   0.364   1.00 30.50 ? 631 HOH A O     1 
HETATM 1316 O O     . HOH H 4 .   ? -1.166  6.365   -1.339  1.00 42.52 ? 632 HOH A O     1 
HETATM 1317 O O     . HOH H 4 .   ? 0.726   5.586   0.502   1.00 26.28 ? 633 HOH A O     1 
HETATM 1318 O O     . HOH H 4 .   ? -2.986  14.301  -2.842  1.00 51.64 ? 634 HOH A O     1 
HETATM 1319 O O     . HOH H 4 .   ? 0.368   9.375   10.424  1.00 28.66 ? 635 HOH A O     1 
HETATM 1320 O O     . HOH H 4 .   ? -3.949  15.496  2.923   1.00 35.18 ? 636 HOH A O     1 
HETATM 1321 O O     . HOH H 4 .   ? -7.503  16.598  3.433   1.00 36.07 ? 637 HOH A O     1 
HETATM 1322 O O     . HOH H 4 .   ? -13.847 11.063  3.598   1.00 31.92 ? 638 HOH A O     1 
HETATM 1323 O O     . HOH H 4 .   ? -19.438 7.389   -6.781  1.00 74.43 ? 639 HOH A O     1 
HETATM 1324 O O     . HOH H 4 .   ? -19.620 0.084   0.964   1.00 43.86 ? 640 HOH A O     1 
HETATM 1325 O O     . HOH H 4 .   ? -19.867 8.978   9.060   1.00 40.31 ? 641 HOH A O     1 
HETATM 1326 O O     . HOH H 4 .   ? -10.490 12.337  11.497  1.00 36.08 ? 642 HOH A O     1 
HETATM 1327 O O     . HOH H 4 .   ? -21.375 14.403  14.393  1.00 48.82 ? 643 HOH A O     1 
HETATM 1328 O O     . HOH H 4 .   ? -20.957 19.636  9.540   1.00 52.89 ? 644 HOH A O     1 
HETATM 1329 O O     . HOH H 4 .   ? -0.982  4.207   19.015  1.00 34.85 ? 645 HOH A O     1 
HETATM 1330 O O     . HOH H 4 .   ? 7.477   -3.635  16.221  1.00 36.47 ? 646 HOH A O     1 
HETATM 1331 O O     . HOH H 4 .   ? 7.327   1.595   12.542  1.00 35.80 ? 647 HOH A O     1 
HETATM 1332 O O     . HOH H 4 .   ? 13.499  -2.031  3.918   1.00 36.37 ? 648 HOH A O     1 
HETATM 1333 O O     . HOH H 4 .   ? 18.807  -8.356  7.151   1.00 46.52 ? 649 HOH A O     1 
HETATM 1334 O O     . HOH H 4 .   ? 23.469  -7.393  -0.891  1.00 59.22 ? 650 HOH A O     1 
HETATM 1335 O O     . HOH H 4 .   ? 28.888  -6.033  3.291   1.00 66.67 ? 651 HOH A O     1 
HETATM 1336 O O     . HOH H 4 .   ? -11.196 -13.875 -0.804  1.00 60.12 ? 652 HOH A O     1 
HETATM 1337 O O     . HOH H 4 .   ? -5.487  -9.405  1.419   1.00 39.09 ? 653 HOH A O     1 
HETATM 1338 O O     . HOH H 4 .   ? -11.949 -16.632 5.449   1.00 64.61 ? 654 HOH A O     1 
HETATM 1339 O O     . HOH H 4 .   ? -12.221 -7.276  7.571   1.00 40.60 ? 655 HOH A O     1 
HETATM 1340 O O     . HOH H 4 .   ? -6.404  -15.719 -6.086  1.00 59.31 ? 656 HOH A O     1 
HETATM 1341 O O     . HOH H 4 .   ? -14.557 -8.863  -3.065  1.00 58.73 ? 657 HOH A O     1 
HETATM 1342 O O     . HOH H 4 .   ? 0.224   -18.107 0.216   1.00 48.23 ? 658 HOH A O     1 
HETATM 1343 O O     . HOH H 4 .   ? -4.754  -13.526 13.144  1.00 59.27 ? 659 HOH A O     1 
HETATM 1344 O O     . HOH H 4 .   ? 5.518   -17.792 -4.192  1.00 59.15 ? 660 HOH A O     1 
HETATM 1345 O O     . HOH H 4 .   ? -1.530  5.963   -9.308  1.00 73.28 ? 661 HOH A O     1 
HETATM 1346 O O     . HOH H 4 .   ? -10.318 5.293   -14.668 1.00 59.57 ? 662 HOH A O     1 
HETATM 1347 O O     . HOH H 4 .   ? -19.585 -2.750  2.494   1.00 42.86 ? 663 HOH A O     1 
HETATM 1348 O O     . HOH H 4 .   ? 16.265  -7.931  -28.077 1.00 55.90 ? 664 HOH A O     1 
HETATM 1349 O O     . HOH H 4 .   ? 13.911  -13.466 -28.353 1.00 52.02 ? 665 HOH A O     1 
HETATM 1350 O O     . HOH H 4 .   ? 2.659   8.214   10.998  1.00 42.86 ? 666 HOH A O     1 
HETATM 1351 O O     . HOH H 4 .   ? 2.022   5.874   13.321  1.00 44.20 ? 667 HOH A O     1 
HETATM 1352 O O     . HOH H 4 .   ? 6.453   2.946   1.576   1.00 58.20 ? 668 HOH A O     1 
HETATM 1353 O O     . HOH H 4 .   ? 7.635   3.988   5.766   1.00 67.54 ? 669 HOH A O     1 
HETATM 1354 O O     . HOH H 4 .   ? 9.553   9.430   2.878   1.00 65.63 ? 670 HOH A O     1 
HETATM 1355 O O     . HOH H 4 .   ? -9.299  0.654   20.083  1.00 45.12 ? 671 HOH A O     1 
HETATM 1356 O O     . HOH H 4 .   ? 15.085  -13.041 -17.286 1.00 46.38 ? 672 HOH A O     1 
HETATM 1357 O O     . HOH H 4 .   ? 11.048  -13.663 -19.266 1.00 47.93 ? 673 HOH A O     1 
HETATM 1358 O O     . HOH H 4 .   ? 14.282  -17.215 -22.087 1.00 68.59 ? 674 HOH A O     1 
HETATM 1359 O O     . HOH H 4 .   ? 8.592   3.359   -9.532  1.00 42.17 ? 675 HOH A O     1 
HETATM 1360 O O     . HOH H 4 .   ? 14.855  11.424  -16.186 1.00 55.32 ? 676 HOH A O     1 
HETATM 1361 O O     . HOH H 4 .   ? 14.481  8.332   -12.523 1.00 43.16 ? 677 HOH A O     1 
HETATM 1362 O O     . HOH H 4 .   ? 10.249  9.214   -17.674 1.00 48.27 ? 678 HOH A O     1 
HETATM 1363 O O     . HOH H 4 .   ? 2.169   14.355  -19.810 1.00 65.54 ? 679 HOH A O     1 
HETATM 1364 O O     . HOH H 4 .   ? 11.843  10.205  -12.601 1.00 55.93 ? 680 HOH A O     1 
HETATM 1365 O O     . HOH H 4 .   ? -8.010  17.427  -15.877 1.00 62.06 ? 681 HOH A O     1 
HETATM 1366 O O     . HOH H 4 .   ? -6.452  6.705   -19.853 1.00 61.67 ? 682 HOH A O     1 
HETATM 1367 O O     . HOH H 4 .   ? -8.436  7.308   -19.980 1.00 69.06 ? 683 HOH A O     1 
HETATM 1368 O O     . HOH H 4 .   ? -24.907 17.916  2.043   1.00 51.15 ? 684 HOH A O     1 
HETATM 1369 O O     . HOH H 4 .   ? -23.824 10.316  7.831   1.00 55.56 ? 685 HOH A O     1 
HETATM 1370 O O     . HOH H 4 .   ? -26.909 8.771   8.625   1.00 67.04 ? 686 HOH A O     1 
HETATM 1371 O O     . HOH H 4 .   ? -21.977 5.479   9.854   1.00 62.93 ? 687 HOH A O     1 
HETATM 1372 O O     . HOH H 4 .   ? -19.530 4.885   11.181  1.00 76.07 ? 688 HOH A O     1 
HETATM 1373 O O     . HOH H 4 .   ? -19.201 10.999  15.957  1.00 60.25 ? 689 HOH A O     1 
HETATM 1374 O O     . HOH H 4 .   ? -12.670 15.610  -6.836  1.00 51.44 ? 690 HOH A O     1 
HETATM 1375 O O     . HOH H 4 .   ? -25.238 9.833   -7.118  1.00 76.27 ? 691 HOH A O     1 
HETATM 1376 O O     . HOH H 4 .   ? -26.795 6.212   4.628   1.00 69.19 ? 692 HOH A O     1 
HETATM 1377 O O     . HOH H 4 .   ? -11.182 16.327  -0.444  1.00 41.25 ? 693 HOH A O     1 
HETATM 1378 O O     . HOH H 4 .   ? -16.070 21.274  11.357  1.00 63.47 ? 694 HOH A O     1 
HETATM 1379 O O     . HOH H 4 .   ? -14.739 20.303  5.226   1.00 48.04 ? 695 HOH A O     1 
HETATM 1380 O O     . HOH H 4 .   ? -14.822 20.219  8.383   1.00 45.85 ? 696 HOH A O     1 
HETATM 1381 O O     . HOH H 4 .   ? 3.988   1.206   20.338  1.00 52.57 ? 697 HOH A O     1 
HETATM 1382 O O     . HOH H 4 .   ? 1.279   3.141   18.718  1.00 41.86 ? 698 HOH A O     1 
HETATM 1383 O O     . HOH H 4 .   ? 14.224  -0.364  8.865   1.00 67.33 ? 699 HOH A O     1 
HETATM 1384 O O     . HOH H 4 .   ? 13.748  0.606   14.335  1.00 61.38 ? 700 HOH A O     1 
HETATM 1385 O O     . HOH H 4 .   ? 7.178   -4.679  14.079  1.00 40.17 ? 701 HOH A O     1 
HETATM 1386 O O     . HOH H 4 .   ? 12.294  -11.036 8.421   1.00 56.80 ? 702 HOH A O     1 
HETATM 1387 O O     . HOH H 4 .   ? -7.893  10.991  15.286  1.00 38.50 ? 703 HOH A O     1 
HETATM 1388 O O     . HOH H 4 .   ? -9.119  9.040   17.483  1.00 52.73 ? 704 HOH A O     1 
HETATM 1389 O O     . HOH H 4 .   ? -12.325 10.753  17.836  1.00 49.05 ? 705 HOH A O     1 
HETATM 1390 O O     . HOH H 4 .   ? -10.569 4.278   19.033  1.00 49.48 ? 706 HOH A O     1 
HETATM 1391 O O     . HOH H 4 .   ? -7.205  9.807   19.808  1.00 51.38 ? 707 HOH A O     1 
HETATM 1392 O O     . HOH H 4 .   ? -4.114  10.250  14.225  1.00 56.36 ? 708 HOH A O     1 
HETATM 1393 O O     . HOH H 4 .   ? 14.067  -4.446  19.234  1.00 61.72 ? 709 HOH A O     1 
HETATM 1394 O O     . HOH H 4 .   ? 5.581   -8.462  -18.099 1.00 40.84 ? 710 HOH A O     1 
HETATM 1395 O O     . HOH H 4 .   ? 12.442  -12.668 -14.716 1.00 43.33 ? 711 HOH A O     1 
HETATM 1396 O O     . HOH H 4 .   ? 3.951   -16.682 2.661   1.00 41.91 ? 712 HOH A O     1 
HETATM 1397 O O     . HOH H 4 .   ? -9.081  -4.629  11.947  1.00 71.64 ? 713 HOH A O     1 
HETATM 1398 O O     . HOH H 4 .   ? -7.867  15.024  -4.810  1.00 55.59 ? 714 HOH A O     1 
HETATM 1399 O O     . HOH H 4 .   ? 28.047  -15.577 -4.340  1.00 68.43 ? 715 HOH A O     1 
HETATM 1400 O O     . HOH H 4 .   ? 27.719  -3.112  -8.059  1.00 55.54 ? 716 HOH A O     1 
HETATM 1401 O O     . HOH H 4 .   ? 24.437  7.624   -0.400  1.00 70.11 ? 717 HOH A O     1 
HETATM 1402 O O     . HOH H 4 .   ? 25.813  2.665   -8.834  1.00 62.06 ? 718 HOH A O     1 
HETATM 1403 O O     . HOH H 4 .   ? 19.975  -1.284  -12.639 0.50 54.87 ? 719 HOH A O     1 
HETATM 1404 O O     . HOH H 4 .   ? 27.115  -7.900  -9.698  1.00 66.38 ? 720 HOH A O     1 
HETATM 1405 O O     . HOH H 4 .   ? 24.359  -0.111  -13.536 0.50 62.66 ? 721 HOH A O     1 
HETATM 1406 O O     . HOH H 4 .   ? -18.288 10.374  12.992  1.00 57.54 ? 722 HOH A O     1 
HETATM 1407 O O     . HOH H 4 .   ? -15.300 7.061   13.339  1.00 51.32 ? 723 HOH A O     1 
HETATM 1408 O O     . HOH H 4 .   ? -20.007 16.264  -1.155  1.00 54.68 ? 724 HOH A O     1 
HETATM 1409 O O     . HOH H 4 .   ? -16.642 -4.506  7.241   1.00 70.57 ? 725 HOH A O     1 
HETATM 1410 O O     . HOH H 4 .   ? -22.638 -0.464  12.520  1.00 69.65 ? 726 HOH A O     1 
HETATM 1411 O O     . HOH H 4 .   ? -27.784 1.966   11.208  1.00 56.11 ? 727 HOH A O     1 
HETATM 1412 O O     . HOH H 4 .   ? -19.548 -2.728  -3.007  1.00 65.23 ? 728 HOH A O     1 
HETATM 1413 O O     . HOH H 4 .   ? -15.111 -3.928  -3.905  1.00 64.36 ? 729 HOH A O     1 
HETATM 1414 O O     . HOH H 4 .   ? -23.518 -4.669  2.826   1.00 60.33 ? 730 HOH A O     1 
HETATM 1415 O O     . HOH H 4 .   ? -21.216 9.147   -9.162  1.00 82.13 ? 731 HOH A O     1 
HETATM 1416 O O     . HOH H 4 .   ? 12.395  -4.461  -28.458 1.00 79.77 ? 732 HOH A O     1 
HETATM 1417 O O     . HOH H 4 .   ? 19.320  -10.407 -28.580 1.00 69.71 ? 733 HOH A O     1 
HETATM 1418 O O     . HOH H 4 .   ? 18.834  -12.391 -18.639 1.00 46.04 ? 734 HOH A O     1 
HETATM 1419 O O     . HOH H 4 .   ? 12.053  -15.394 -28.863 1.00 66.12 ? 735 HOH A O     1 
HETATM 1420 O O     . HOH H 4 .   ? 17.264  -8.255  -34.211 1.00 68.89 ? 736 HOH A O     1 
HETATM 1421 O O     . HOH H 4 .   ? 23.554  3.830   -3.670  1.00 59.52 ? 737 HOH A O     1 
HETATM 1422 O O     . HOH H 4 .   ? 21.456  5.942   -2.564  1.00 53.01 ? 738 HOH A O     1 
HETATM 1423 O O     . HOH H 4 .   ? 25.692  6.912   -3.377  1.00 63.39 ? 739 HOH A O     1 
HETATM 1424 O O     . HOH H 4 .   ? 27.503  7.919   -9.416  1.00 67.78 ? 740 HOH A O     1 
HETATM 1425 O O     . HOH H 4 .   ? 21.784  -16.740 -0.418  1.00 65.75 ? 741 HOH A O     1 
HETATM 1426 O O     . HOH H 4 .   ? 25.282  -12.534 -0.108  1.00 71.50 ? 742 HOH A O     1 
HETATM 1427 O O     . HOH H 4 .   ? 26.703  -8.939  -0.900  1.00 68.56 ? 743 HOH A O     1 
HETATM 1428 O O     . HOH H 4 .   ? 21.480  9.857   -11.012 1.00 60.55 ? 744 HOH A O     1 
HETATM 1429 O O     . HOH H 4 .   ? 23.324  -3.858  -0.437  1.00 60.21 ? 745 HOH A O     1 
HETATM 1430 O O     . HOH H 4 .   ? 31.825  -6.917  5.260   1.00 66.06 ? 746 HOH A O     1 
HETATM 1431 O O     . HOH H 4 .   ? 30.135  -14.711 -2.222  1.00 61.27 ? 747 HOH A O     1 
HETATM 1432 O O     . HOH H 4 .   ? 21.433  8.339   -8.536  1.00 60.60 ? 748 HOH A O     1 
HETATM 1433 O O     . HOH H 4 .   ? 15.603  8.304   -9.190  1.00 55.08 ? 749 HOH A O     1 
HETATM 1434 O O     . HOH H 4 .   ? 35.148  -12.368 -6.704  1.00 72.26 ? 750 HOH A O     1 
HETATM 1435 O O     . HOH H 4 .   ? 29.050  -14.676 -7.495  1.00 81.61 ? 751 HOH A O     1 
HETATM 1436 O O     . HOH H 4 .   ? 25.803  -10.326 -9.099  1.00 49.58 ? 752 HOH A O     1 
HETATM 1437 O O     . HOH H 4 .   ? 22.125  -13.254 -5.278  1.00 58.21 ? 753 HOH A O     1 
HETATM 1438 O O     . HOH H 4 .   ? 25.856  -17.414 -6.524  1.00 59.85 ? 754 HOH A O     1 
HETATM 1439 O O     . HOH H 4 .   ? 11.437  15.147  -13.898 1.00 53.64 ? 755 HOH A O     1 
HETATM 1440 O O     . HOH H 4 .   ? -0.045  17.451  -11.635 1.00 71.90 ? 756 HOH A O     1 
HETATM 1441 O O     . HOH H 4 .   ? 5.184   0.408   -1.597  1.00 44.32 ? 757 HOH A O     1 
HETATM 1442 O O     . HOH H 4 .   ? 7.790   -0.575  1.374   1.00 35.88 ? 758 HOH A O     1 
HETATM 1443 O O     . HOH H 4 .   ? -1.330  4.693   -6.829  1.00 50.95 ? 759 HOH A O     1 
HETATM 1444 O O     . HOH H 4 .   ? -5.258  13.947  -4.254  1.00 68.19 ? 760 HOH A O     1 
HETATM 1445 O O     . HOH H 4 .   ? 0.742   10.134  -3.426  1.00 75.09 ? 761 HOH A O     1 
HETATM 1446 O O     . HOH H 4 .   ? -6.577  17.798  -2.479  1.00 58.31 ? 762 HOH A O     1 
HETATM 1447 O O     . HOH H 4 .   ? -3.981  16.569  -7.590  1.00 63.87 ? 763 HOH A O     1 
HETATM 1448 O O     . HOH H 4 .   ? -2.423  18.645  -8.087  1.00 64.41 ? 764 HOH A O     1 
HETATM 1449 O O     . HOH H 4 .   ? -0.988  15.246  1.734   1.00 52.02 ? 765 HOH A O     1 
HETATM 1450 O O     . HOH H 4 .   ? -6.462  8.529   -10.047 1.00 57.83 ? 766 HOH A O     1 
HETATM 1451 O O     . HOH H 4 .   ? -10.072 6.631   -9.024  1.00 60.51 ? 767 HOH A O     1 
HETATM 1452 O O     . HOH H 4 .   ? 6.416   5.891   8.554   1.00 73.63 ? 768 HOH A O     1 
HETATM 1453 O O     . HOH H 4 .   ? -5.148  15.655  -16.396 1.00 67.72 ? 769 HOH A O     1 
HETATM 1454 O O     . HOH H 4 .   ? -5.354  6.244   -13.248 1.00 65.87 ? 770 HOH A O     1 
HETATM 1455 O O     . HOH H 4 .   ? -5.954  5.144   -16.445 1.00 66.00 ? 771 HOH A O     1 
HETATM 1456 O O     . HOH H 4 .   ? -5.905  -11.021 7.266   1.00 44.18 ? 772 HOH A O     1 
HETATM 1457 O O     . HOH H 4 .   ? -6.386  -17.973 7.150   1.00 65.34 ? 773 HOH A O     1 
HETATM 1458 O O     . HOH H 4 .   ? 9.380   -16.373 -29.700 1.00 64.29 ? 774 HOH A O     1 
HETATM 1459 O O     . HOH H 4 .   ? -1.357  -10.739 -4.052  1.00 63.20 ? 775 HOH A O     1 
HETATM 1460 O O     . HOH H 4 .   ? 2.526   -18.198 5.431   1.00 62.82 ? 776 HOH A O     1 
HETATM 1461 O O     . HOH H 4 .   ? 9.958   5.804   10.341  1.00 61.16 ? 777 HOH A O     1 
HETATM 1462 O O     . HOH H 4 .   ? -21.995 19.818  11.987  1.00 51.22 ? 778 HOH A O     1 
HETATM 1463 O O     . HOH H 4 .   ? 23.898  -14.533 2.009   1.00 60.74 ? 779 HOH A O     1 
HETATM 1464 O O     . HOH H 4 .   ? 22.973  -4.045  6.363   1.00 62.90 ? 780 HOH A O     1 
HETATM 1465 O O     . HOH H 4 .   ? -27.979 8.527   5.210   1.00 66.33 ? 781 HOH A O     1 
HETATM 1466 O O     . HOH H 4 .   ? -20.755 2.139   -2.815  1.00 64.78 ? 782 HOH A O     1 
HETATM 1467 O O     . HOH H 4 .   ? -11.784 -13.116 -3.704  1.00 57.14 ? 783 HOH A O     1 
HETATM 1468 O O     . HOH H 4 .   ? -19.241 -7.175  3.542   1.00 59.33 ? 784 HOH A O     1 
HETATM 1469 O O     . HOH H 4 .   ? -11.354 0.538   -8.024  1.00 60.08 ? 785 HOH A O     1 
HETATM 1470 O O     . HOH H 4 .   ? 3.792   3.687   -1.806  1.00 58.52 ? 786 HOH A O     1 
HETATM 1471 O O     . HOH H 4 .   ? 0.179   -12.687 -4.237  1.00 51.09 ? 787 HOH A O     1 
HETATM 1472 O O     . HOH H 4 .   ? -16.189 9.746   -9.348  1.00 63.16 ? 788 HOH A O     1 
HETATM 1473 O O     . HOH H 4 .   ? -14.760 9.862   -11.536 1.00 62.67 ? 789 HOH A O     1 
HETATM 1474 O O     . HOH H 4 .   ? 9.993   -11.693 -35.023 1.00 70.52 ? 790 HOH A O     1 
HETATM 1475 O O     . HOH H 4 .   ? 13.397  -9.516  -35.290 1.00 54.65 ? 791 HOH A O     1 
HETATM 1476 O O     . HOH H 4 .   ? 18.303  -19.351 -16.112 1.00 60.61 ? 792 HOH A O     1 
HETATM 1477 O O     . HOH H 4 .   ? 3.769   18.497  -11.930 1.00 63.34 ? 793 HOH A O     1 
HETATM 1478 O O     . HOH H 4 .   ? -3.828  19.143  -11.580 1.00 58.72 ? 794 HOH A O     1 
HETATM 1479 O O     . HOH H 4 .   ? -6.033  12.877  -16.168 1.00 72.49 ? 795 HOH A O     1 
HETATM 1480 O O     . HOH H 4 .   ? -10.304 17.057  -11.358 1.00 62.40 ? 796 HOH A O     1 
HETATM 1481 O O     . HOH H 4 .   ? -12.593 19.930  -8.176  1.00 62.78 ? 797 HOH A O     1 
HETATM 1482 O O     . HOH H 4 .   ? -10.167 3.260   23.196  1.00 67.96 ? 798 HOH A O     1 
HETATM 1483 O O     . HOH H 4 .   ? -18.305 -6.105  17.592  1.00 65.07 ? 799 HOH A O     1 
HETATM 1484 O O     . HOH H 4 .   ? -15.252 17.982  5.526   1.00 57.80 ? 800 HOH A O     1 
HETATM 1485 O O     . HOH H 4 .   ? 6.181   4.042   19.543  1.00 59.85 ? 801 HOH A O     1 
HETATM 1486 O O     . HOH H 4 .   ? -2.621  -19.075 8.425   1.00 59.12 ? 802 HOH A O     1 
HETATM 1487 O O     . HOH H 4 .   ? 1.460   12.050  -2.326  1.00 59.89 ? 803 HOH A O     1 
HETATM 1488 O O     . HOH H 4 .   ? -24.402 18.712  -6.693  1.00 69.97 ? 804 HOH A O     1 
HETATM 1489 O O     . HOH H 4 .   ? 29.026  6.638   -16.266 1.00 68.28 ? 805 HOH A O     1 
HETATM 1490 O O     . HOH H 4 .   ? -17.905 -6.742  9.785   1.00 66.93 ? 806 HOH A O     1 
HETATM 1491 O O     . HOH H 4 .   ? 24.129  5.213   -8.231  1.00 60.62 ? 807 HOH A O     1 
# 
